data_7DTQ
#
_entry.id   7DTQ
#
_cell.length_a   131.901
_cell.length_b   51.679
_cell.length_c   131.883
_cell.angle_alpha   90.00
_cell.angle_beta   90.00
_cell.angle_gamma   90.00
#
_symmetry.space_group_name_H-M   'P 1 21 1'
#
_entity_poly.entity_id   1
_entity_poly.type   'polypeptide(L)'
_entity_poly.pdbx_seq_one_letter_code
;MSSLSNASHLMEDVQGIRKAQRADGTATVMAIGTAHPPHIFPQDTYADFYFRATNSEHKVELKKKFDRICKKTMIGKRYF
NYDEEFLKKYPNITSFDEPSLNDRQDICVPGVPALGAEAAVKAIAEWGRPKSEITHLVFCTSCGVDMPSADFQCAKLLGL
RTNVNKYCVYMQGCYAGGTVMRYAKDLAENNRGARVLVVCAELTIIGLRGPNESHLDNAIGNSLFGDGAAALIVGSDPII
GVEKPMFEIVCAKQTVIPNSEDVIHLHMREAGLMFYMSKDSPETISNNVEACLVDVFKSVGMTPPEDWNSLFWIPHPGGR
AILDQVEAKLKLRPEKFRATRTVLWDCGNMVSACVLYILDEMRRKSADEGLETYGEGLEWGVLLGFGPGMTVETILLHSL
PLM
;
_entity_poly.pdbx_strand_id   A,B,C,D
#
# COMPACT_ATOMS: atom_id res chain seq x y z
N ASP A 13 -26.15 -11.97 40.26
CA ASP A 13 -27.43 -11.49 39.81
C ASP A 13 -27.26 -10.71 38.50
N VAL A 14 -27.67 -11.34 37.41
CA VAL A 14 -27.49 -10.76 36.08
C VAL A 14 -28.34 -9.49 35.92
N GLN A 15 -29.57 -9.51 36.46
CA GLN A 15 -30.43 -8.33 36.34
C GLN A 15 -29.95 -7.19 37.22
N GLY A 16 -29.39 -7.49 38.39
CA GLY A 16 -28.79 -6.44 39.19
C GLY A 16 -27.62 -5.77 38.50
N ILE A 17 -26.78 -6.58 37.83
CA ILE A 17 -25.68 -6.03 37.02
C ILE A 17 -26.22 -5.08 35.96
N ARG A 18 -27.29 -5.51 35.27
CA ARG A 18 -27.88 -4.70 34.21
C ARG A 18 -28.41 -3.38 34.77
N LYS A 19 -29.02 -3.41 35.96
CA LYS A 19 -29.66 -2.23 36.54
C LYS A 19 -28.58 -1.22 36.88
N ALA A 20 -27.45 -1.71 37.41
CA ALA A 20 -26.33 -0.85 37.81
C ALA A 20 -25.53 -0.35 36.61
N GLN A 21 -25.56 -1.11 35.51
CA GLN A 21 -24.75 -0.79 34.34
C GLN A 21 -25.29 0.38 33.54
N ARG A 22 -26.61 0.51 33.47
CA ARG A 22 -27.23 1.43 32.53
C ARG A 22 -27.41 2.81 33.14
N ALA A 23 -27.55 3.82 32.27
CA ALA A 23 -27.77 5.19 32.69
C ALA A 23 -29.24 5.44 33.02
N ASP A 24 -29.51 6.62 33.60
CA ASP A 24 -30.86 6.99 34.01
C ASP A 24 -31.59 7.82 32.95
N GLY A 25 -30.97 8.89 32.45
CA GLY A 25 -31.65 9.90 31.68
C GLY A 25 -31.33 9.85 30.19
N THR A 26 -31.83 10.85 29.48
CA THR A 26 -31.75 10.88 28.02
C THR A 26 -30.39 11.37 27.56
N ALA A 27 -29.89 10.79 26.46
CA ALA A 27 -28.59 11.18 25.93
C ALA A 27 -28.62 12.65 25.55
N THR A 28 -27.58 13.38 25.95
CA THR A 28 -27.59 14.84 25.81
C THR A 28 -26.29 15.32 25.19
N VAL A 29 -26.40 16.18 24.17
CA VAL A 29 -25.23 16.84 23.59
C VAL A 29 -24.79 17.92 24.58
N MET A 30 -23.53 17.87 25.00
CA MET A 30 -23.04 18.84 25.98
C MET A 30 -21.79 19.60 25.56
N ALA A 31 -21.31 19.39 24.32
CA ALA A 31 -20.18 20.15 23.76
C ALA A 31 -20.15 19.95 22.27
N ILE A 32 -19.70 20.97 21.53
CA ILE A 32 -19.56 20.88 20.07
C ILE A 32 -18.29 21.60 19.65
N GLY A 33 -17.44 20.92 18.89
CA GLY A 33 -16.24 21.53 18.34
C GLY A 33 -16.13 21.29 16.85
N THR A 34 -15.50 22.24 16.15
CA THR A 34 -15.36 22.11 14.70
C THR A 34 -13.97 22.53 14.23
N ALA A 35 -13.61 22.06 13.03
CA ALA A 35 -12.30 22.36 12.46
C ALA A 35 -12.36 22.24 10.95
N HIS A 36 -11.69 23.16 10.26
CA HIS A 36 -11.55 23.18 8.80
C HIS A 36 -10.10 23.01 8.39
N PRO A 37 -9.83 22.45 7.21
CA PRO A 37 -8.48 22.54 6.62
C PRO A 37 -8.19 23.97 6.19
N PRO A 38 -6.94 24.30 5.83
CA PRO A 38 -6.56 25.73 5.79
C PRO A 38 -6.88 26.49 4.51
N HIS A 39 -7.15 25.83 3.40
CA HIS A 39 -7.23 26.49 2.09
C HIS A 39 -8.68 26.85 1.76
N ILE A 40 -8.94 28.15 1.54
CA ILE A 40 -10.29 28.66 1.30
C ILE A 40 -10.48 28.89 -0.19
N PHE A 41 -11.54 28.32 -0.76
CA PHE A 41 -11.89 28.48 -2.16
C PHE A 41 -13.22 29.22 -2.28
N PRO A 42 -13.20 30.50 -2.64
CA PRO A 42 -14.45 31.21 -2.91
C PRO A 42 -15.22 30.56 -4.04
N GLN A 43 -16.54 30.47 -3.88
CA GLN A 43 -17.37 29.84 -4.90
C GLN A 43 -17.42 30.68 -6.17
N ASP A 44 -17.29 32.01 -6.08
CA ASP A 44 -17.48 32.82 -7.29
C ASP A 44 -16.33 32.71 -8.27
N THR A 45 -15.19 32.14 -7.86
CA THR A 45 -14.11 31.83 -8.79
C THR A 45 -13.84 30.34 -8.90
N TYR A 46 -14.71 29.49 -8.35
CA TYR A 46 -14.39 28.07 -8.30
C TYR A 46 -14.35 27.46 -9.70
N ALA A 47 -15.27 27.83 -10.59
CA ALA A 47 -15.24 27.28 -11.94
C ALA A 47 -13.92 27.61 -12.65
N ASP A 48 -13.40 28.82 -12.44
CA ASP A 48 -12.11 29.18 -13.03
C ASP A 48 -11.00 28.26 -12.52
N PHE A 49 -10.91 28.11 -11.20
CA PHE A 49 -9.91 27.21 -10.63
C PHE A 49 -10.09 25.79 -11.16
N TYR A 50 -11.33 25.28 -11.11
CA TYR A 50 -11.56 23.87 -11.36
C TYR A 50 -11.21 23.48 -12.80
N PHE A 51 -11.66 24.29 -13.78
CA PHE A 51 -11.35 23.99 -15.17
C PHE A 51 -9.88 24.25 -15.50
N ARG A 52 -9.22 25.11 -14.73
CA ARG A 52 -7.78 25.26 -14.90
C ARG A 52 -7.04 24.06 -14.33
N ALA A 53 -7.40 23.65 -13.10
CA ALA A 53 -6.71 22.55 -12.44
C ALA A 53 -6.95 21.22 -13.13
N THR A 54 -8.05 21.08 -13.87
CA THR A 54 -8.33 19.86 -14.61
C THR A 54 -7.97 19.97 -16.09
N ASN A 55 -7.27 21.05 -16.48
CA ASN A 55 -6.77 21.24 -17.85
C ASN A 55 -7.89 21.14 -18.89
N SER A 56 -9.04 21.75 -18.59
CA SER A 56 -10.25 21.57 -19.38
C SER A 56 -10.79 22.88 -19.92
N GLU A 57 -9.95 23.91 -19.99
CA GLU A 57 -10.44 25.20 -20.42
C GLU A 57 -10.95 25.19 -21.85
N HIS A 58 -10.61 24.17 -22.66
CA HIS A 58 -11.20 24.05 -23.99
C HIS A 58 -12.67 23.67 -23.94
N LYS A 59 -13.14 23.03 -22.85
CA LYS A 59 -14.55 22.68 -22.71
C LYS A 59 -15.29 23.94 -22.26
N VAL A 60 -15.43 24.87 -23.20
CA VAL A 60 -15.95 26.20 -22.85
C VAL A 60 -17.42 26.18 -22.52
N GLU A 61 -18.21 25.43 -23.27
CA GLU A 61 -19.63 25.40 -22.97
C GLU A 61 -19.88 24.66 -21.65
N LEU A 62 -19.10 23.61 -21.38
CA LEU A 62 -19.13 22.91 -20.10
C LEU A 62 -18.79 23.86 -18.95
N LYS A 63 -17.74 24.66 -19.13
CA LYS A 63 -17.32 25.59 -18.09
C LYS A 63 -18.44 26.61 -17.75
N LYS A 64 -19.12 27.23 -18.75
CA LYS A 64 -20.25 28.10 -18.34
C LYS A 64 -21.30 27.35 -17.57
N LYS A 65 -21.63 26.16 -18.03
CA LYS A 65 -22.64 25.36 -17.34
C LYS A 65 -22.25 25.20 -15.88
N PHE A 66 -20.98 24.87 -15.64
CA PHE A 66 -20.51 24.65 -14.29
C PHE A 66 -20.49 25.95 -13.49
N ASP A 67 -20.11 27.07 -14.13
CA ASP A 67 -20.16 28.35 -13.43
C ASP A 67 -21.58 28.71 -13.04
N ARG A 68 -22.54 28.49 -13.93
CA ARG A 68 -23.92 28.79 -13.57
C ARG A 68 -24.39 27.89 -12.44
N ILE A 69 -23.98 26.62 -12.45
CA ILE A 69 -24.38 25.71 -11.38
C ILE A 69 -23.82 26.17 -10.05
N CYS A 70 -22.55 26.58 -10.05
CA CYS A 70 -21.93 27.07 -8.82
C CYS A 70 -22.63 28.32 -8.29
N LYS A 71 -23.05 29.23 -9.19
CA LYS A 71 -23.79 30.42 -8.75
C LYS A 71 -25.13 30.07 -8.11
N LYS A 72 -25.71 28.93 -8.45
CA LYS A 72 -27.01 28.55 -7.91
C LYS A 72 -26.93 27.78 -6.59
N THR A 73 -25.72 27.42 -6.16
CA THR A 73 -25.57 26.53 -5.00
C THR A 73 -25.92 27.21 -3.68
N MET A 74 -25.86 28.54 -3.63
CA MET A 74 -25.92 29.29 -2.36
C MET A 74 -24.81 28.87 -1.41
N ILE A 75 -23.67 28.48 -1.99
CA ILE A 75 -22.42 28.27 -1.27
C ILE A 75 -21.52 29.46 -1.54
N GLY A 76 -21.01 30.08 -0.49
CA GLY A 76 -20.10 31.20 -0.64
C GLY A 76 -18.64 30.80 -0.82
N LYS A 77 -18.20 29.82 -0.03
CA LYS A 77 -16.82 29.35 -0.06
C LYS A 77 -16.79 27.96 0.53
N ARG A 78 -15.69 27.26 0.29
CA ARG A 78 -15.43 25.94 0.87
C ARG A 78 -13.98 25.88 1.31
N TYR A 79 -13.69 24.99 2.27
CA TYR A 79 -12.34 24.75 2.75
C TYR A 79 -11.82 23.41 2.24
N PHE A 80 -10.55 23.35 1.86
CA PHE A 80 -9.93 22.12 1.40
C PHE A 80 -8.54 21.95 2.00
N ASN A 81 -8.09 20.69 2.08
CA ASN A 81 -6.74 20.38 2.55
C ASN A 81 -5.71 20.42 1.42
N TYR A 82 -6.07 20.96 0.27
CA TYR A 82 -5.13 21.08 -0.85
C TYR A 82 -5.33 22.44 -1.48
N ASP A 83 -4.30 22.90 -2.18
CA ASP A 83 -4.43 24.08 -3.00
C ASP A 83 -4.09 23.72 -4.44
N GLU A 84 -4.05 24.73 -5.31
CA GLU A 84 -3.85 24.47 -6.73
C GLU A 84 -2.48 23.84 -6.97
N GLU A 85 -1.44 24.35 -6.29
CA GLU A 85 -0.09 23.78 -6.41
C GLU A 85 -0.05 22.31 -6.00
N PHE A 86 -0.71 21.98 -4.90
CA PHE A 86 -0.75 20.60 -4.43
C PHE A 86 -1.26 19.66 -5.51
N LEU A 87 -2.35 20.04 -6.19
CA LEU A 87 -2.95 19.14 -7.15
C LEU A 87 -2.05 18.90 -8.36
N LYS A 88 -1.15 19.82 -8.66
CA LYS A 88 -0.26 19.62 -9.81
C LYS A 88 0.61 18.39 -9.63
N LYS A 89 0.84 17.94 -8.39
CA LYS A 89 1.57 16.71 -8.15
C LYS A 89 0.77 15.46 -8.48
N TYR A 90 -0.54 15.58 -8.71
CA TYR A 90 -1.41 14.43 -8.92
C TYR A 90 -2.26 14.63 -10.16
N PRO A 91 -1.66 14.53 -11.35
CA PRO A 91 -2.48 14.62 -12.57
C PRO A 91 -3.50 13.50 -12.67
N ASN A 92 -3.27 12.39 -11.99
CA ASN A 92 -4.24 11.29 -11.98
C ASN A 92 -5.51 11.69 -11.23
N ILE A 93 -5.38 12.44 -10.13
CA ILE A 93 -6.56 12.85 -9.37
C ILE A 93 -7.39 13.85 -10.15
N THR A 94 -6.74 14.77 -10.87
CA THR A 94 -7.48 15.77 -11.63
C THR A 94 -7.97 15.27 -12.98
N SER A 95 -7.63 14.04 -13.38
CA SER A 95 -8.25 13.43 -14.54
C SER A 95 -9.66 12.98 -14.18
N PHE A 96 -10.36 12.38 -15.15
CA PHE A 96 -11.68 11.87 -14.78
C PHE A 96 -11.56 10.52 -14.06
N ASP A 97 -10.78 9.58 -14.63
CA ASP A 97 -10.75 8.24 -14.04
C ASP A 97 -9.44 7.49 -14.29
N GLU A 98 -8.31 8.18 -14.33
CA GLU A 98 -7.04 7.48 -14.27
C GLU A 98 -6.89 6.84 -12.90
N PRO A 99 -6.08 5.78 -12.80
CA PRO A 99 -5.91 5.11 -11.50
C PRO A 99 -5.37 6.08 -10.46
N SER A 100 -6.05 6.15 -9.31
CA SER A 100 -5.76 7.18 -8.33
C SER A 100 -6.14 6.83 -6.91
N LEU A 101 -6.76 5.68 -6.64
CA LEU A 101 -7.20 5.40 -5.27
C LEU A 101 -6.03 5.38 -4.30
N ASN A 102 -4.89 4.80 -4.73
CA ASN A 102 -3.75 4.68 -3.82
C ASN A 102 -3.29 6.04 -3.34
N ASP A 103 -3.18 7.02 -4.26
CA ASP A 103 -2.78 8.38 -3.86
C ASP A 103 -3.81 9.04 -2.97
N ARG A 104 -5.10 8.88 -3.29
CA ARG A 104 -6.15 9.45 -2.44
C ARG A 104 -6.13 8.81 -1.05
N GLN A 105 -5.93 7.50 -0.99
CA GLN A 105 -5.85 6.83 0.31
C GLN A 105 -4.65 7.33 1.12
N ASP A 106 -3.50 7.49 0.46
CA ASP A 106 -2.32 8.00 1.15
C ASP A 106 -2.58 9.35 1.81
N ILE A 107 -3.49 10.15 1.24
CA ILE A 107 -3.84 11.44 1.82
C ILE A 107 -4.92 11.29 2.88
N CYS A 108 -6.01 10.57 2.56
CA CYS A 108 -7.22 10.55 3.38
C CYS A 108 -7.10 9.65 4.61
N VAL A 109 -6.38 8.53 4.49
CA VAL A 109 -6.25 7.61 5.62
C VAL A 109 -5.61 8.28 6.84
N PRO A 110 -4.50 9.00 6.72
CA PRO A 110 -3.99 9.74 7.88
C PRO A 110 -4.68 11.08 8.07
N GLY A 111 -5.10 11.70 6.96
CA GLY A 111 -5.57 13.08 7.02
C GLY A 111 -6.93 13.24 7.69
N VAL A 112 -7.83 12.28 7.48
CA VAL A 112 -9.18 12.38 8.03
C VAL A 112 -9.16 12.25 9.55
N PRO A 113 -8.50 11.25 10.14
CA PRO A 113 -8.45 11.24 11.61
C PRO A 113 -7.75 12.45 12.18
N ALA A 114 -6.75 13.01 11.48
CA ALA A 114 -6.06 14.19 11.97
C ALA A 114 -7.00 15.40 12.04
N LEU A 115 -7.77 15.63 10.98
CA LEU A 115 -8.74 16.72 11.00
C LEU A 115 -9.81 16.48 12.06
N GLY A 116 -10.31 15.24 12.13
CA GLY A 116 -11.29 14.91 13.16
C GLY A 116 -10.76 15.18 14.55
N ALA A 117 -9.52 14.80 14.80
CA ALA A 117 -8.90 15.04 16.11
C ALA A 117 -8.84 16.52 16.44
N GLU A 118 -8.61 17.38 15.43
CA GLU A 118 -8.60 18.82 15.69
C GLU A 118 -9.95 19.29 16.22
N ALA A 119 -11.05 18.80 15.61
CA ALA A 119 -12.39 19.13 16.11
C ALA A 119 -12.62 18.53 17.49
N ALA A 120 -12.16 17.29 17.71
CA ALA A 120 -12.36 16.63 19.00
C ALA A 120 -11.67 17.39 20.13
N VAL A 121 -10.45 17.89 19.89
CA VAL A 121 -9.75 18.62 20.95
C VAL A 121 -10.58 19.84 21.36
N LYS A 122 -11.22 20.51 20.40
CA LYS A 122 -12.04 21.67 20.73
C LYS A 122 -13.29 21.27 21.51
N ALA A 123 -13.94 20.16 21.13
CA ALA A 123 -15.10 19.71 21.89
C ALA A 123 -14.68 19.37 23.32
N ILE A 124 -13.54 18.71 23.49
CA ILE A 124 -13.10 18.32 24.83
C ILE A 124 -12.79 19.55 25.65
N ALA A 125 -12.21 20.58 25.02
CA ALA A 125 -11.91 21.82 25.74
C ALA A 125 -13.18 22.50 26.23
N GLU A 126 -14.21 22.55 25.39
CA GLU A 126 -15.49 23.14 25.81
C GLU A 126 -16.12 22.34 26.93
N TRP A 127 -16.14 21.02 26.76
CA TRP A 127 -16.70 20.11 27.77
C TRP A 127 -16.05 20.33 29.12
N GLY A 128 -14.72 20.43 29.16
CA GLY A 128 -14.04 20.79 30.38
C GLY A 128 -13.75 19.64 31.32
N ARG A 129 -14.04 18.39 30.92
CA ARG A 129 -13.66 17.22 31.71
C ARG A 129 -12.43 16.55 31.12
N PRO A 130 -11.72 15.72 31.90
CA PRO A 130 -10.52 15.07 31.37
C PRO A 130 -10.89 14.08 30.29
N LYS A 131 -10.06 14.02 29.25
CA LYS A 131 -10.29 13.09 28.15
C LYS A 131 -10.35 11.64 28.65
N SER A 132 -9.78 11.36 29.82
CA SER A 132 -9.83 10.02 30.40
C SER A 132 -11.24 9.58 30.77
N GLU A 133 -12.21 10.49 30.80
CA GLU A 133 -13.59 10.11 31.10
C GLU A 133 -14.39 9.77 29.85
N ILE A 134 -13.76 9.87 28.68
CA ILE A 134 -14.39 9.44 27.43
C ILE A 134 -14.39 7.91 27.40
N THR A 135 -15.57 7.32 27.27
CA THR A 135 -15.71 5.88 27.29
C THR A 135 -16.02 5.27 25.93
N HIS A 136 -16.46 6.08 24.98
CA HIS A 136 -16.91 5.62 23.67
C HIS A 136 -16.46 6.64 22.65
N LEU A 137 -16.05 6.16 21.48
CA LEU A 137 -15.71 7.02 20.34
C LEU A 137 -16.49 6.54 19.14
N VAL A 138 -17.29 7.43 18.56
CA VAL A 138 -17.99 7.18 17.30
C VAL A 138 -17.31 8.05 16.27
N PHE A 139 -16.61 7.44 15.32
CA PHE A 139 -15.88 8.15 14.26
C PHE A 139 -16.55 7.89 12.93
N CYS A 140 -16.76 8.96 12.16
CA CYS A 140 -17.56 8.89 10.95
C CYS A 140 -16.85 9.60 9.81
N THR A 141 -16.64 8.88 8.70
CA THR A 141 -16.13 9.48 7.48
C THR A 141 -16.56 8.65 6.28
N SER A 142 -16.77 9.32 5.16
CA SER A 142 -16.92 8.65 3.87
C SER A 142 -15.66 8.81 3.00
N CYS A 143 -14.55 9.22 3.59
CA CYS A 143 -13.36 9.61 2.83
C CYS A 143 -12.19 8.72 3.25
N GLY A 144 -12.10 7.55 2.64
CA GLY A 144 -11.01 6.63 2.87
C GLY A 144 -11.37 5.55 3.88
N VAL A 145 -10.73 4.39 3.73
CA VAL A 145 -10.92 3.24 4.63
C VAL A 145 -9.58 2.55 4.83
N ASP A 146 -9.41 1.91 5.99
CA ASP A 146 -8.11 1.31 6.31
C ASP A 146 -8.31 0.38 7.49
N MET A 147 -7.34 -0.53 7.69
CA MET A 147 -7.38 -1.45 8.82
C MET A 147 -6.01 -1.47 9.50
N PRO A 148 -5.91 -1.09 10.79
CA PRO A 148 -6.98 -0.58 11.65
C PRO A 148 -7.56 0.73 11.14
N SER A 149 -8.81 0.99 11.51
CA SER A 149 -9.60 2.01 10.84
C SER A 149 -9.42 3.38 11.48
N ALA A 150 -10.14 4.37 10.91
CA ALA A 150 -9.90 5.77 11.26
C ALA A 150 -10.22 6.04 12.73
N ASP A 151 -11.16 5.31 13.32
CA ASP A 151 -11.42 5.48 14.75
C ASP A 151 -10.20 5.17 15.58
N PHE A 152 -9.48 4.10 15.22
CA PHE A 152 -8.24 3.75 15.89
C PHE A 152 -7.23 4.91 15.81
N GLN A 153 -7.09 5.53 14.63
CA GLN A 153 -6.10 6.58 14.46
C GLN A 153 -6.48 7.83 15.26
N CYS A 154 -7.77 8.19 15.22
CA CYS A 154 -8.22 9.34 15.97
C CYS A 154 -8.01 9.13 17.47
N ALA A 155 -8.37 7.96 17.98
CA ALA A 155 -8.17 7.69 19.40
C ALA A 155 -6.70 7.79 19.77
N LYS A 156 -5.82 7.27 18.92
CA LYS A 156 -4.38 7.36 19.17
C LYS A 156 -3.92 8.82 19.22
N LEU A 157 -4.32 9.62 18.22
CA LEU A 157 -3.92 11.03 18.20
C LEU A 157 -4.36 11.76 19.46
N LEU A 158 -5.55 11.43 19.98
CA LEU A 158 -6.11 12.12 21.14
C LEU A 158 -5.62 11.58 22.48
N GLY A 159 -4.97 10.41 22.50
CA GLY A 159 -4.57 9.78 23.74
C GLY A 159 -5.71 9.25 24.58
N LEU A 160 -6.77 8.74 23.95
CA LEU A 160 -7.87 8.18 24.72
C LEU A 160 -7.40 6.93 25.46
N ARG A 161 -8.19 6.54 26.46
CA ARG A 161 -7.91 5.32 27.21
C ARG A 161 -7.88 4.13 26.26
N THR A 162 -7.06 3.13 26.58
CA THR A 162 -6.88 2.04 25.63
C THR A 162 -8.14 1.19 25.49
N ASN A 163 -9.04 1.20 26.48
CA ASN A 163 -10.27 0.42 26.43
C ASN A 163 -11.52 1.27 26.16
N VAL A 164 -11.38 2.33 25.36
CA VAL A 164 -12.54 3.04 24.82
C VAL A 164 -13.27 2.16 23.81
N ASN A 165 -14.61 2.14 23.89
CA ASN A 165 -15.38 1.38 22.91
C ASN A 165 -15.54 2.24 21.66
N LYS A 166 -15.07 1.74 20.51
CA LYS A 166 -15.04 2.51 19.28
C LYS A 166 -16.06 2.00 18.28
N TYR A 167 -16.50 2.92 17.44
CA TYR A 167 -17.53 2.70 16.43
C TYR A 167 -17.06 3.44 15.20
N CYS A 168 -16.75 2.72 14.13
CA CYS A 168 -16.25 3.36 12.92
C CYS A 168 -17.35 3.33 11.87
N VAL A 169 -17.89 4.50 11.55
CA VAL A 169 -19.07 4.65 10.71
C VAL A 169 -18.54 5.07 9.35
N TYR A 170 -18.25 4.08 8.52
CA TYR A 170 -17.63 4.29 7.22
C TYR A 170 -18.67 4.35 6.11
N MET A 171 -18.50 5.31 5.19
CA MET A 171 -19.20 5.29 3.90
C MET A 171 -20.71 5.37 4.07
N GLN A 172 -21.16 6.12 5.07
CA GLN A 172 -22.57 6.41 5.24
C GLN A 172 -22.99 7.75 4.64
N GLY A 173 -22.06 8.46 3.99
CA GLY A 173 -22.43 9.61 3.19
C GLY A 173 -23.16 10.72 3.95
N CYS A 174 -24.08 11.36 3.23
CA CYS A 174 -24.66 12.62 3.68
C CYS A 174 -25.73 12.45 4.76
N TYR A 175 -26.18 11.24 5.07
CA TYR A 175 -27.08 11.09 6.21
C TYR A 175 -26.33 10.78 7.51
N ALA A 176 -25.00 10.64 7.45
CA ALA A 176 -24.27 10.06 8.57
C ALA A 176 -24.17 11.00 9.77
N GLY A 177 -24.33 12.30 9.57
CA GLY A 177 -24.47 13.19 10.71
C GLY A 177 -25.64 12.79 11.58
N GLY A 178 -26.74 12.35 10.96
CA GLY A 178 -27.84 11.80 11.74
C GLY A 178 -27.49 10.45 12.32
N THR A 179 -26.80 9.60 11.54
CA THR A 179 -26.42 8.27 11.99
C THR A 179 -25.62 8.31 13.31
N VAL A 180 -24.62 9.19 13.40
CA VAL A 180 -23.81 9.20 14.61
C VAL A 180 -24.63 9.64 15.82
N MET A 181 -25.62 10.52 15.65
CA MET A 181 -26.48 10.87 16.78
C MET A 181 -27.29 9.66 17.23
N ARG A 182 -27.77 8.88 16.27
CA ARG A 182 -28.49 7.65 16.58
C ARG A 182 -27.62 6.66 17.36
N TYR A 183 -26.37 6.50 16.94
CA TYR A 183 -25.44 5.64 17.68
C TYR A 183 -25.24 6.18 19.09
N ALA A 184 -24.92 7.47 19.19
CA ALA A 184 -24.53 8.05 20.49
C ALA A 184 -25.66 7.96 21.49
N LYS A 185 -26.93 8.06 21.03
CA LYS A 185 -28.07 7.93 21.92
C LYS A 185 -28.03 6.62 22.70
N ASP A 186 -27.94 5.48 21.99
CA ASP A 186 -28.02 4.21 22.69
C ASP A 186 -26.77 3.94 23.50
N LEU A 187 -25.61 4.39 23.02
CA LEU A 187 -24.39 4.17 23.77
C LEU A 187 -24.43 4.94 25.08
N ALA A 188 -24.83 6.20 25.04
CA ALA A 188 -24.85 7.03 26.24
C ALA A 188 -25.90 6.53 27.23
N GLU A 189 -27.10 6.20 26.73
CA GLU A 189 -28.23 5.86 27.58
C GLU A 189 -28.12 4.47 28.20
N ASN A 190 -27.42 3.55 27.55
CA ASN A 190 -27.34 2.20 28.12
C ASN A 190 -26.18 2.01 29.06
N ASN A 191 -25.38 3.03 29.33
CA ASN A 191 -24.14 2.85 30.05
C ASN A 191 -23.96 4.00 31.04
N ARG A 192 -24.12 3.68 32.33
CA ARG A 192 -23.97 4.68 33.38
C ARG A 192 -22.59 5.29 33.30
N GLY A 193 -22.53 6.63 33.33
CA GLY A 193 -21.28 7.36 33.30
C GLY A 193 -20.67 7.48 31.93
N ALA A 194 -21.23 6.83 30.92
CA ALA A 194 -20.64 6.90 29.59
C ALA A 194 -20.60 8.32 29.07
N ARG A 195 -19.47 8.67 28.47
CA ARG A 195 -19.32 9.93 27.74
C ARG A 195 -18.82 9.58 26.34
N VAL A 196 -19.64 9.91 25.35
CA VAL A 196 -19.41 9.50 23.96
C VAL A 196 -18.83 10.68 23.21
N LEU A 197 -17.60 10.53 22.70
CA LEU A 197 -17.01 11.49 21.78
C LEU A 197 -17.46 11.08 20.38
N VAL A 198 -18.13 11.98 19.69
CA VAL A 198 -18.60 11.77 18.32
C VAL A 198 -17.75 12.63 17.40
N VAL A 199 -17.19 12.04 16.33
CA VAL A 199 -16.35 12.78 15.40
C VAL A 199 -16.80 12.48 13.97
N CYS A 200 -17.09 13.53 13.21
CA CYS A 200 -17.37 13.44 11.78
C CYS A 200 -16.32 14.26 11.07
N ALA A 201 -15.60 13.65 10.13
CA ALA A 201 -14.52 14.33 9.43
C ALA A 201 -14.50 13.88 7.99
N GLU A 202 -14.35 14.84 7.08
CA GLU A 202 -14.43 14.52 5.66
C GLU A 202 -13.35 15.29 4.92
N LEU A 203 -12.63 14.59 4.04
CA LEU A 203 -11.65 15.18 3.12
C LEU A 203 -12.08 14.76 1.72
N THR A 204 -12.72 15.67 1.00
CA THR A 204 -13.40 15.31 -0.26
C THR A 204 -12.42 14.99 -1.40
N ILE A 205 -11.12 15.19 -1.23
CA ILE A 205 -10.18 14.75 -2.26
C ILE A 205 -10.29 13.25 -2.55
N ILE A 206 -10.98 12.49 -1.69
CA ILE A 206 -11.28 11.09 -2.02
C ILE A 206 -12.05 10.96 -3.33
N GLY A 207 -12.83 11.98 -3.70
CA GLY A 207 -13.72 11.90 -4.85
C GLY A 207 -13.52 12.99 -5.89
N LEU A 208 -12.64 13.94 -5.61
CA LEU A 208 -12.36 15.01 -6.58
C LEU A 208 -11.89 14.43 -7.90
N ARG A 209 -12.45 14.92 -9.00
CA ARG A 209 -11.98 14.46 -10.31
C ARG A 209 -12.39 15.44 -11.39
N GLY A 210 -11.76 15.27 -12.56
CA GLY A 210 -12.01 16.14 -13.69
C GLY A 210 -13.39 15.98 -14.28
N PRO A 211 -13.77 16.90 -15.17
CA PRO A 211 -15.12 16.84 -15.75
C PRO A 211 -15.19 15.90 -16.94
N ASN A 212 -16.33 15.21 -17.05
CA ASN A 212 -16.62 14.38 -18.22
C ASN A 212 -18.04 14.67 -18.65
N GLU A 213 -18.21 15.04 -19.93
CA GLU A 213 -19.52 15.44 -20.43
C GLU A 213 -20.54 14.30 -20.44
N SER A 214 -20.12 13.05 -20.34
CA SER A 214 -21.11 11.98 -20.25
C SER A 214 -21.55 11.68 -18.84
N HIS A 215 -21.10 12.45 -17.86
CA HIS A 215 -21.41 12.24 -16.44
C HIS A 215 -21.55 13.62 -15.79
N LEU A 216 -22.58 14.36 -16.24
CA LEU A 216 -22.67 15.75 -15.77
C LEU A 216 -22.94 15.75 -14.28
N ASP A 217 -23.68 14.75 -13.79
CA ASP A 217 -23.96 14.62 -12.36
C ASP A 217 -22.68 14.45 -11.54
N ASN A 218 -21.76 13.61 -12.01
CA ASN A 218 -20.50 13.51 -11.29
C ASN A 218 -19.81 14.88 -11.20
N ALA A 219 -19.93 15.70 -12.25
CA ALA A 219 -19.33 17.03 -12.25
C ALA A 219 -19.97 17.97 -11.22
N ILE A 220 -21.31 17.96 -11.11
CA ILE A 220 -22.01 18.85 -10.17
C ILE A 220 -21.56 18.59 -8.73
N GLY A 221 -21.23 17.35 -8.40
CA GLY A 221 -20.61 17.03 -7.12
C GLY A 221 -19.47 17.96 -6.77
N ASN A 222 -18.64 18.33 -7.76
CA ASN A 222 -17.54 19.23 -7.48
C ASN A 222 -17.99 20.66 -7.21
N SER A 223 -19.27 20.98 -7.39
CA SER A 223 -19.79 22.28 -6.99
C SER A 223 -20.28 22.32 -5.55
N LEU A 224 -20.45 21.18 -4.88
CA LEU A 224 -21.12 21.11 -3.59
C LEU A 224 -20.21 20.80 -2.42
N PHE A 225 -19.35 19.80 -2.55
CA PHE A 225 -18.72 19.21 -1.36
C PHE A 225 -17.46 19.95 -0.95
N GLY A 226 -17.34 20.20 0.36
CA GLY A 226 -16.18 20.82 0.93
C GLY A 226 -15.75 20.04 2.17
N ASP A 227 -14.57 20.37 2.67
CA ASP A 227 -13.99 19.62 3.78
C ASP A 227 -14.37 20.21 5.14
N GLY A 228 -14.31 19.37 6.16
CA GLY A 228 -14.60 19.86 7.49
C GLY A 228 -14.73 18.74 8.49
N ALA A 229 -14.64 19.08 9.76
CA ALA A 229 -14.79 18.11 10.85
C ALA A 229 -15.59 18.76 11.96
N ALA A 230 -16.41 17.95 12.62
CA ALA A 230 -17.16 18.40 13.80
C ALA A 230 -17.15 17.28 14.83
N ALA A 231 -17.23 17.66 16.10
CA ALA A 231 -17.20 16.69 17.19
C ALA A 231 -18.19 17.10 18.27
N LEU A 232 -18.75 16.09 18.93
CA LEU A 232 -19.66 16.28 20.04
C LEU A 232 -19.15 15.48 21.24
N ILE A 233 -19.56 15.91 22.43
CA ILE A 233 -19.62 15.04 23.60
C ILE A 233 -21.10 14.81 23.89
N VAL A 234 -21.50 13.54 23.98
CA VAL A 234 -22.88 13.14 24.24
C VAL A 234 -22.85 12.26 25.49
N GLY A 235 -23.78 12.50 26.41
CA GLY A 235 -23.85 11.70 27.62
C GLY A 235 -25.20 11.85 28.28
N SER A 236 -25.58 10.83 29.04
CA SER A 236 -26.74 10.89 29.90
C SER A 236 -26.32 11.34 31.29
N ASP A 237 -27.28 11.86 32.03
CA ASP A 237 -27.09 12.24 33.44
C ASP A 237 -25.98 13.27 33.60
N PRO A 238 -26.16 14.46 33.02
CA PRO A 238 -25.12 15.48 33.09
C PRO A 238 -24.85 15.90 34.52
N ILE A 239 -23.60 16.26 34.80
CA ILE A 239 -23.23 16.76 36.12
C ILE A 239 -23.67 18.21 36.20
N ILE A 240 -24.67 18.49 37.02
CA ILE A 240 -25.21 19.84 36.97
C ILE A 240 -24.23 20.79 37.66
N GLY A 241 -24.09 21.98 37.09
CA GLY A 241 -23.06 22.93 37.45
C GLY A 241 -21.73 22.75 36.76
N VAL A 242 -21.48 21.58 36.16
CA VAL A 242 -20.20 21.27 35.54
C VAL A 242 -20.36 21.13 34.05
N GLU A 243 -21.25 20.24 33.64
CA GLU A 243 -21.47 19.98 32.23
C GLU A 243 -22.61 20.87 31.74
N LYS A 244 -22.64 21.07 30.42
CA LYS A 244 -23.55 22.00 29.77
C LYS A 244 -24.56 21.26 28.88
N PRO A 245 -25.68 20.76 29.43
CA PRO A 245 -26.63 20.02 28.58
C PRO A 245 -27.40 20.96 27.67
N MET A 246 -27.42 20.64 26.37
CA MET A 246 -28.02 21.50 25.37
C MET A 246 -29.15 20.84 24.61
N PHE A 247 -28.97 19.63 24.09
CA PHE A 247 -29.97 18.96 23.29
C PHE A 247 -30.08 17.51 23.75
N GLU A 248 -31.31 17.06 24.03
CA GLU A 248 -31.57 15.69 24.42
C GLU A 248 -32.03 14.92 23.19
N ILE A 249 -31.43 13.75 22.95
CA ILE A 249 -31.72 12.94 21.77
C ILE A 249 -32.82 11.96 22.17
N VAL A 250 -34.07 12.35 21.86
CA VAL A 250 -35.23 11.67 22.40
C VAL A 250 -35.58 10.44 21.57
N CYS A 251 -35.48 10.54 20.24
CA CYS A 251 -35.83 9.43 19.37
C CYS A 251 -35.00 9.55 18.11
N ALA A 252 -34.53 8.42 17.59
CA ALA A 252 -33.65 8.43 16.42
C ALA A 252 -33.99 7.25 15.53
N LYS A 253 -34.39 7.51 14.28
CA LYS A 253 -34.85 6.46 13.39
C LYS A 253 -34.35 6.67 11.97
N GLN A 254 -33.91 5.59 11.34
CA GLN A 254 -33.42 5.61 9.96
C GLN A 254 -34.49 5.01 9.06
N THR A 255 -34.70 5.63 7.91
CA THR A 255 -35.75 5.20 6.99
C THR A 255 -35.18 5.13 5.58
N VAL A 256 -35.54 4.06 4.86
CA VAL A 256 -35.22 3.94 3.44
C VAL A 256 -36.46 4.25 2.62
N ILE A 257 -36.28 5.05 1.57
CA ILE A 257 -37.36 5.38 0.65
C ILE A 257 -37.33 4.35 -0.49
N PRO A 258 -38.39 3.57 -0.67
CA PRO A 258 -38.39 2.56 -1.73
C PRO A 258 -38.24 3.18 -3.11
N ASN A 259 -37.68 2.38 -4.03
CA ASN A 259 -37.59 2.71 -5.45
C ASN A 259 -36.84 4.01 -5.70
N SER A 260 -35.78 4.27 -4.92
CA SER A 260 -35.00 5.47 -5.13
C SER A 260 -33.51 5.19 -5.09
N GLU A 261 -33.12 3.94 -5.36
CA GLU A 261 -31.72 3.56 -5.22
C GLU A 261 -30.84 4.27 -6.24
N ASP A 262 -31.39 4.61 -7.40
CA ASP A 262 -30.60 5.28 -8.43
C ASP A 262 -30.46 6.79 -8.22
N VAL A 263 -31.07 7.36 -7.16
CA VAL A 263 -31.05 8.81 -7.01
C VAL A 263 -29.66 9.32 -6.60
N ILE A 264 -29.01 8.65 -5.65
CA ILE A 264 -27.64 8.98 -5.26
C ILE A 264 -26.91 7.68 -4.96
N HIS A 265 -25.74 7.50 -5.58
CA HIS A 265 -24.89 6.36 -5.26
C HIS A 265 -23.43 6.72 -5.49
N LEU A 266 -22.56 6.10 -4.71
CA LEU A 266 -21.13 6.36 -4.78
C LEU A 266 -20.41 5.03 -4.68
N HIS A 267 -19.39 4.84 -5.54
CA HIS A 267 -18.69 3.57 -5.61
C HIS A 267 -17.20 3.77 -5.41
N MET A 268 -16.58 2.88 -4.61
CA MET A 268 -15.15 2.95 -4.36
C MET A 268 -14.47 2.15 -5.46
N ARG A 269 -13.71 2.82 -6.32
CA ARG A 269 -13.12 2.22 -7.51
C ARG A 269 -11.64 2.52 -7.55
N GLU A 270 -10.96 1.97 -8.57
CA GLU A 270 -9.53 2.25 -8.73
C GLU A 270 -9.26 3.72 -8.95
N ALA A 271 -10.26 4.48 -9.43
CA ALA A 271 -10.14 5.92 -9.63
C ALA A 271 -10.63 6.70 -8.42
N GLY A 272 -10.76 6.04 -7.27
CA GLY A 272 -11.27 6.70 -6.09
C GLY A 272 -12.77 6.55 -5.94
N LEU A 273 -13.34 7.43 -5.12
CA LEU A 273 -14.78 7.40 -4.88
C LEU A 273 -15.50 8.14 -5.98
N MET A 274 -16.39 7.44 -6.68
CA MET A 274 -17.12 7.98 -7.83
C MET A 274 -18.55 8.35 -7.44
N PHE A 275 -18.87 9.64 -7.52
CA PHE A 275 -20.18 10.16 -7.12
C PHE A 275 -21.14 10.22 -8.32
N TYR A 276 -22.38 9.78 -8.10
CA TYR A 276 -23.42 9.85 -9.12
C TYR A 276 -24.73 10.30 -8.49
N MET A 277 -25.53 11.04 -9.27
CA MET A 277 -26.81 11.54 -8.77
C MET A 277 -27.77 11.77 -9.93
N SER A 278 -29.04 11.40 -9.73
CA SER A 278 -30.07 11.82 -10.66
C SER A 278 -30.51 13.23 -10.28
N LYS A 279 -31.50 13.77 -10.98
CA LYS A 279 -32.01 15.08 -10.60
C LYS A 279 -33.15 14.97 -9.58
N ASP A 280 -33.51 13.78 -9.14
CA ASP A 280 -34.74 13.57 -8.38
C ASP A 280 -34.59 13.69 -6.86
N SER A 281 -33.42 14.07 -6.34
CA SER A 281 -33.29 14.04 -4.89
C SER A 281 -34.20 15.06 -4.19
N PRO A 282 -34.38 16.27 -4.71
CA PRO A 282 -35.29 17.21 -4.02
C PRO A 282 -36.72 16.72 -3.92
N GLU A 283 -37.26 16.13 -4.97
CA GLU A 283 -38.64 15.68 -4.90
C GLU A 283 -38.79 14.39 -4.10
N THR A 284 -37.80 13.49 -4.21
CA THR A 284 -37.87 12.25 -3.44
C THR A 284 -37.86 12.52 -1.94
N ILE A 285 -37.01 13.46 -1.50
CA ILE A 285 -36.93 13.77 -0.07
C ILE A 285 -38.19 14.50 0.41
N SER A 286 -38.62 15.51 -0.36
CA SER A 286 -39.76 16.32 0.09
C SER A 286 -41.05 15.50 0.12
N ASN A 287 -41.21 14.54 -0.79
CA ASN A 287 -42.42 13.71 -0.83
C ASN A 287 -42.46 12.66 0.27
N ASN A 288 -41.37 12.47 1.00
CA ASN A 288 -41.28 11.42 2.00
C ASN A 288 -40.93 11.92 3.39
N VAL A 289 -40.53 13.19 3.54
CA VAL A 289 -40.04 13.69 4.82
C VAL A 289 -41.17 13.73 5.85
N GLU A 290 -42.42 14.05 5.44
CA GLU A 290 -43.50 14.14 6.41
C GLU A 290 -43.71 12.81 7.12
N ALA A 291 -43.78 11.71 6.37
CA ALA A 291 -43.94 10.39 6.97
C ALA A 291 -42.83 10.11 7.98
N CYS A 292 -41.58 10.50 7.67
CA CYS A 292 -40.48 10.28 8.60
C CYS A 292 -40.68 11.08 9.88
N LEU A 293 -41.19 12.30 9.75
CA LEU A 293 -41.42 13.15 10.93
C LEU A 293 -42.55 12.60 11.80
N VAL A 294 -43.66 12.18 11.17
CA VAL A 294 -44.75 11.57 11.92
C VAL A 294 -44.24 10.33 12.66
N ASP A 295 -43.46 9.49 11.96
CA ASP A 295 -42.92 8.28 12.56
C ASP A 295 -42.15 8.58 13.84
N VAL A 296 -41.28 9.59 13.82
CA VAL A 296 -40.42 9.79 14.97
C VAL A 296 -41.24 10.32 16.16
N PHE A 297 -42.27 11.12 15.90
CA PHE A 297 -43.14 11.58 16.99
C PHE A 297 -43.98 10.44 17.55
N LYS A 298 -44.63 9.69 16.67
CA LYS A 298 -45.51 8.63 17.12
C LYS A 298 -44.75 7.53 17.86
N SER A 299 -43.47 7.32 17.50
CA SER A 299 -42.67 6.27 18.15
C SER A 299 -42.37 6.55 19.61
N VAL A 300 -42.51 7.78 20.08
CA VAL A 300 -42.39 8.09 21.50
C VAL A 300 -43.74 8.55 22.06
N GLY A 301 -44.83 8.21 21.38
CA GLY A 301 -46.15 8.48 21.90
C GLY A 301 -46.58 9.93 21.83
N MET A 302 -45.96 10.71 20.96
CA MET A 302 -46.26 12.13 20.83
C MET A 302 -47.07 12.38 19.56
N THR A 303 -47.92 13.41 19.61
CA THR A 303 -48.66 13.85 18.44
C THR A 303 -47.83 14.89 17.69
N PRO A 304 -47.65 14.77 16.37
CA PRO A 304 -46.88 15.79 15.66
C PRO A 304 -47.58 17.11 15.71
N PRO A 305 -46.85 18.23 15.70
CA PRO A 305 -47.50 19.53 15.77
C PRO A 305 -48.30 19.80 14.51
N GLU A 306 -49.38 20.54 14.68
CA GLU A 306 -50.21 20.93 13.54
C GLU A 306 -49.46 21.88 12.63
N ASP A 307 -48.57 22.69 13.19
CA ASP A 307 -47.76 23.64 12.44
C ASP A 307 -46.31 23.25 12.61
N TRP A 308 -45.65 22.89 11.50
CA TRP A 308 -44.24 22.49 11.58
C TRP A 308 -43.35 23.64 12.01
N ASN A 309 -43.83 24.89 11.94
CA ASN A 309 -43.09 26.03 12.45
C ASN A 309 -42.92 26.02 13.97
N SER A 310 -43.67 25.16 14.69
CA SER A 310 -43.53 25.03 16.14
C SER A 310 -42.21 24.41 16.58
N LEU A 311 -41.49 23.78 15.65
CA LEU A 311 -40.22 23.11 15.93
C LEU A 311 -39.04 23.92 15.41
N PHE A 312 -37.86 23.65 15.97
CA PHE A 312 -36.63 24.09 15.32
C PHE A 312 -36.07 22.98 14.44
N TRP A 313 -35.23 23.37 13.47
CA TRP A 313 -34.92 22.51 12.34
C TRP A 313 -33.43 22.52 12.03
N ILE A 314 -32.87 21.32 11.86
CA ILE A 314 -31.50 21.16 11.35
C ILE A 314 -31.55 20.16 10.20
N PRO A 315 -32.05 20.54 9.03
CA PRO A 315 -31.99 19.64 7.88
C PRO A 315 -30.60 19.66 7.28
N HIS A 316 -30.17 18.51 6.80
CA HIS A 316 -28.90 18.46 6.07
C HIS A 316 -29.02 19.26 4.79
N PRO A 317 -28.07 20.20 4.51
CA PRO A 317 -28.13 21.03 3.28
C PRO A 317 -27.51 20.33 2.07
N GLY A 318 -28.10 19.20 1.68
CA GLY A 318 -27.52 18.42 0.59
C GLY A 318 -27.49 19.20 -0.70
N GLY A 319 -28.41 20.12 -0.87
CA GLY A 319 -28.49 21.01 -2.00
C GLY A 319 -29.47 22.11 -1.67
N ARG A 320 -29.29 23.29 -2.27
CA ARG A 320 -30.26 24.33 -2.01
C ARG A 320 -31.66 23.94 -2.48
N ALA A 321 -31.76 23.12 -3.53
CA ALA A 321 -33.05 22.65 -4.02
C ALA A 321 -33.75 21.76 -3.01
N ILE A 322 -32.99 20.89 -2.33
CA ILE A 322 -33.57 20.05 -1.29
C ILE A 322 -34.18 20.92 -0.19
N LEU A 323 -33.40 21.89 0.32
CA LEU A 323 -33.91 22.79 1.36
C LEU A 323 -35.18 23.52 0.90
N ASP A 324 -35.15 24.11 -0.30
CA ASP A 324 -36.31 24.87 -0.76
C ASP A 324 -37.57 24.02 -0.80
N GLN A 325 -37.47 22.79 -1.34
CA GLN A 325 -38.66 21.95 -1.51
C GLN A 325 -39.15 21.38 -0.18
N VAL A 326 -38.25 21.03 0.73
CA VAL A 326 -38.69 20.59 2.05
C VAL A 326 -39.34 21.76 2.79
N GLU A 327 -38.73 22.95 2.71
CA GLU A 327 -39.33 24.16 3.27
C GLU A 327 -40.75 24.37 2.77
N ALA A 328 -40.95 24.26 1.44
CA ALA A 328 -42.28 24.42 0.88
C ALA A 328 -43.24 23.33 1.36
N LYS A 329 -42.82 22.07 1.27
CA LYS A 329 -43.68 20.95 1.65
C LYS A 329 -44.17 21.08 3.08
N LEU A 330 -43.29 21.48 4.00
CA LEU A 330 -43.66 21.60 5.41
C LEU A 330 -44.32 22.93 5.75
N LYS A 331 -44.47 23.82 4.75
CA LYS A 331 -45.10 25.12 4.93
C LYS A 331 -44.34 25.96 5.96
N LEU A 332 -43.02 25.85 5.93
CA LEU A 332 -42.18 26.56 6.88
C LEU A 332 -41.91 27.99 6.39
N ARG A 333 -41.87 28.91 7.35
CA ARG A 333 -41.49 30.28 7.05
C ARG A 333 -40.01 30.34 6.67
N PRO A 334 -39.61 31.36 5.89
CA PRO A 334 -38.24 31.39 5.37
C PRO A 334 -37.12 31.42 6.43
N GLU A 335 -37.38 31.93 7.64
CA GLU A 335 -36.35 31.99 8.67
C GLU A 335 -36.05 30.65 9.34
N LYS A 336 -36.89 29.62 9.16
CA LYS A 336 -36.73 28.40 9.94
C LYS A 336 -35.43 27.67 9.62
N PHE A 337 -34.97 27.75 8.37
CA PHE A 337 -33.73 27.10 7.93
C PHE A 337 -32.56 28.08 7.92
N ARG A 338 -32.66 29.16 8.70
CA ARG A 338 -31.62 30.18 8.75
C ARG A 338 -30.25 29.55 9.07
N ALA A 339 -30.19 28.74 10.15
CA ALA A 339 -28.91 28.18 10.61
C ALA A 339 -28.30 27.27 9.56
N THR A 340 -29.13 26.44 8.94
CA THR A 340 -28.67 25.53 7.90
C THR A 340 -28.11 26.29 6.70
N ARG A 341 -28.83 27.32 6.25
CA ARG A 341 -28.37 28.07 5.08
C ARG A 341 -27.10 28.87 5.37
N THR A 342 -26.93 29.29 6.63
CA THR A 342 -25.71 30.00 7.02
C THR A 342 -24.50 29.08 6.89
N VAL A 343 -24.61 27.85 7.40
CA VAL A 343 -23.48 26.93 7.30
C VAL A 343 -23.20 26.58 5.84
N LEU A 344 -24.26 26.36 5.05
CA LEU A 344 -24.08 26.04 3.64
C LEU A 344 -23.35 27.17 2.92
N TRP A 345 -23.74 28.41 3.21
CA TRP A 345 -23.05 29.56 2.62
C TRP A 345 -21.59 29.61 3.06
N ASP A 346 -21.33 29.40 4.35
CA ASP A 346 -19.97 29.56 4.85
C ASP A 346 -19.04 28.41 4.51
N CYS A 347 -19.59 27.20 4.25
CA CYS A 347 -18.81 25.96 4.23
C CYS A 347 -19.09 25.03 3.07
N GLY A 348 -20.20 25.17 2.36
CA GLY A 348 -20.58 24.16 1.41
C GLY A 348 -21.06 22.90 2.13
N ASN A 349 -21.15 21.84 1.36
CA ASN A 349 -21.71 20.57 1.83
C ASN A 349 -20.54 19.73 2.35
N MET A 350 -20.40 19.69 3.67
CA MET A 350 -19.34 18.93 4.30
C MET A 350 -19.77 17.52 4.67
N VAL A 351 -20.72 16.96 3.91
CA VAL A 351 -21.21 15.60 4.08
C VAL A 351 -21.68 15.44 5.53
N SER A 352 -21.10 14.49 6.25
CA SER A 352 -21.63 14.17 7.57
C SER A 352 -21.46 15.33 8.56
N ALA A 353 -20.49 16.20 8.35
CA ALA A 353 -20.20 17.23 9.36
C ALA A 353 -21.25 18.35 9.39
N CYS A 354 -22.04 18.52 8.33
CA CYS A 354 -22.89 19.71 8.18
C CYS A 354 -23.84 19.88 9.36
N VAL A 355 -24.63 18.84 9.64
CA VAL A 355 -25.67 19.01 10.64
C VAL A 355 -25.08 19.28 12.02
N LEU A 356 -23.85 18.81 12.29
CA LEU A 356 -23.24 19.14 13.57
C LEU A 356 -22.79 20.59 13.59
N TYR A 357 -22.24 21.09 12.46
CA TYR A 357 -21.95 22.52 12.33
C TYR A 357 -23.20 23.36 12.54
N ILE A 358 -24.33 22.92 11.99
CA ILE A 358 -25.56 23.70 12.08
C ILE A 358 -26.07 23.68 13.52
N LEU A 359 -26.00 22.53 14.19
CA LEU A 359 -26.34 22.50 15.60
C LEU A 359 -25.50 23.50 16.38
N ASP A 360 -24.21 23.58 16.04
CA ASP A 360 -23.30 24.52 16.70
C ASP A 360 -23.73 25.96 16.41
N GLU A 361 -24.01 26.26 15.14
CA GLU A 361 -24.45 27.61 14.77
C GLU A 361 -25.74 27.99 15.48
N MET A 362 -26.70 27.07 15.53
CA MET A 362 -27.98 27.35 16.19
C MET A 362 -27.80 27.62 17.68
N ARG A 363 -27.04 26.77 18.37
CA ARG A 363 -26.94 26.97 19.82
C ARG A 363 -26.10 28.20 20.16
N ARG A 364 -25.11 28.53 19.32
CA ARG A 364 -24.31 29.72 19.57
C ARG A 364 -25.15 30.98 19.40
N LYS A 365 -25.92 31.01 18.34
CA LYS A 365 -26.79 32.13 18.12
C LYS A 365 -27.86 32.28 19.17
N SER A 366 -28.45 31.17 19.56
CA SER A 366 -29.47 31.22 20.57
C SER A 366 -28.91 31.79 21.86
N ALA A 367 -27.64 31.53 22.15
CA ALA A 367 -27.03 32.21 23.29
C ALA A 367 -26.70 33.68 22.99
N ASP A 368 -26.11 33.96 21.82
CA ASP A 368 -25.88 35.36 21.42
C ASP A 368 -27.17 36.18 21.53
N GLU A 369 -28.31 35.63 21.07
CA GLU A 369 -29.66 36.21 21.08
C GLU A 369 -30.34 35.99 22.42
N GLY A 370 -29.63 35.49 23.41
CA GLY A 370 -30.16 35.29 24.73
C GLY A 370 -31.54 34.65 24.77
N LEU A 371 -31.79 33.60 23.97
CA LEU A 371 -33.11 33.00 23.86
C LEU A 371 -33.39 32.02 24.99
N GLU A 372 -34.63 31.53 25.03
CA GLU A 372 -35.08 30.70 26.14
C GLU A 372 -34.48 29.30 26.12
N THR A 373 -34.10 28.79 24.95
CA THR A 373 -33.48 27.47 24.83
C THR A 373 -32.39 27.54 23.77
N TYR A 374 -31.53 26.50 23.74
CA TYR A 374 -30.51 26.40 22.70
C TYR A 374 -31.11 26.16 21.33
N GLY A 375 -32.33 25.65 21.26
CA GLY A 375 -33.03 25.44 20.01
C GLY A 375 -33.88 26.62 19.57
N GLU A 376 -33.24 27.79 19.41
CA GLU A 376 -33.89 29.02 18.94
C GLU A 376 -35.07 29.40 19.84
N GLY A 377 -34.96 29.07 21.14
CA GLY A 377 -36.01 29.34 22.10
C GLY A 377 -37.19 28.40 22.07
N LEU A 378 -37.17 27.39 21.20
CA LEU A 378 -38.23 26.39 21.10
C LEU A 378 -37.82 25.12 21.83
N GLU A 379 -38.82 24.33 22.19
CA GLU A 379 -38.57 23.17 23.02
C GLU A 379 -38.17 21.94 22.21
N TRP A 380 -38.86 21.70 21.11
CA TRP A 380 -38.69 20.48 20.31
C TRP A 380 -38.18 20.83 18.92
N GLY A 381 -37.37 19.92 18.36
CA GLY A 381 -36.78 20.13 17.06
C GLY A 381 -36.41 18.81 16.41
N VAL A 382 -36.08 18.88 15.13
CA VAL A 382 -35.72 17.68 14.38
C VAL A 382 -34.45 17.96 13.60
N LEU A 383 -33.50 17.03 13.68
CA LEU A 383 -32.31 17.04 12.85
C LEU A 383 -32.48 15.94 11.81
N LEU A 384 -32.19 16.26 10.54
CA LEU A 384 -32.44 15.35 9.42
C LEU A 384 -31.18 15.18 8.59
N GLY A 385 -30.79 13.94 8.37
CA GLY A 385 -29.76 13.60 7.39
C GLY A 385 -30.41 12.96 6.19
N PHE A 386 -29.88 13.26 5.01
CA PHE A 386 -30.39 12.69 3.76
C PHE A 386 -29.21 12.17 2.96
N GLY A 387 -29.34 10.99 2.37
CA GLY A 387 -28.26 10.49 1.54
C GLY A 387 -28.60 9.25 0.73
N PRO A 388 -27.56 8.52 0.31
CA PRO A 388 -27.77 7.37 -0.58
C PRO A 388 -28.77 6.34 -0.02
N GLY A 389 -29.58 5.81 -0.93
CA GLY A 389 -30.60 4.83 -0.57
C GLY A 389 -31.86 4.87 -1.42
N MET A 390 -32.63 5.95 -1.38
CA MET A 390 -32.35 7.08 -0.52
C MET A 390 -32.67 6.77 0.95
N THR A 391 -31.89 7.38 1.83
CA THR A 391 -31.96 7.12 3.27
C THR A 391 -32.18 8.46 3.97
N VAL A 392 -33.09 8.45 4.96
CA VAL A 392 -33.34 9.59 5.84
C VAL A 392 -33.01 9.17 7.26
N GLU A 393 -32.23 10.01 7.95
CA GLU A 393 -32.03 9.87 9.38
C GLU A 393 -32.83 10.98 10.05
N THR A 394 -33.72 10.60 10.95
CA THR A 394 -34.64 11.55 11.60
C THR A 394 -34.35 11.52 13.09
N ILE A 395 -33.88 12.64 13.66
CA ILE A 395 -33.49 12.72 15.06
C ILE A 395 -34.39 13.74 15.77
N LEU A 396 -35.20 13.26 16.72
CA LEU A 396 -36.09 14.13 17.49
C LEU A 396 -35.34 14.67 18.69
N LEU A 397 -35.20 15.99 18.77
CA LEU A 397 -34.42 16.64 19.80
C LEU A 397 -35.33 17.44 20.72
N HIS A 398 -35.00 17.44 22.01
CA HIS A 398 -35.57 18.36 22.98
C HIS A 398 -34.45 19.27 23.48
N SER A 399 -34.57 20.58 23.22
CA SER A 399 -33.52 21.49 23.65
C SER A 399 -33.77 22.01 25.06
N LEU A 400 -32.69 22.42 25.71
CA LEU A 400 -32.74 22.74 27.12
C LEU A 400 -32.57 24.23 27.36
N PRO A 401 -32.96 24.72 28.56
CA PRO A 401 -32.76 26.13 28.87
C PRO A 401 -31.31 26.55 28.78
N LEU A 402 -31.14 27.81 28.42
CA LEU A 402 -29.88 28.37 27.98
C LEU A 402 -28.94 28.69 29.13
N ASP B 13 -43.13 15.01 29.05
CA ASP B 13 -42.23 14.44 30.04
C ASP B 13 -41.14 13.60 29.36
N VAL B 14 -39.96 14.20 29.24
CA VAL B 14 -38.85 13.57 28.54
C VAL B 14 -38.40 12.32 29.29
N GLN B 15 -38.34 12.39 30.61
CA GLN B 15 -37.90 11.22 31.35
C GLN B 15 -38.92 10.09 31.30
N GLY B 16 -40.22 10.43 31.25
CA GLY B 16 -41.23 9.39 31.08
C GLY B 16 -41.09 8.68 29.75
N ILE B 17 -40.82 9.46 28.69
CA ILE B 17 -40.53 8.86 27.39
C ILE B 17 -39.35 7.91 27.48
N ARG B 18 -38.29 8.33 28.18
CA ARG B 18 -37.09 7.50 28.30
C ARG B 18 -37.38 6.20 29.02
N LYS B 19 -38.14 6.27 30.11
CA LYS B 19 -38.43 5.06 30.87
C LYS B 19 -39.27 4.10 30.04
N ALA B 20 -40.18 4.63 29.23
CA ALA B 20 -41.03 3.78 28.39
C ALA B 20 -40.28 3.22 27.19
N GLN B 21 -39.26 3.92 26.73
CA GLN B 21 -38.56 3.56 25.50
C GLN B 21 -37.61 2.39 25.68
N ARG B 22 -37.01 2.23 26.86
CA ARG B 22 -35.92 1.28 27.04
C ARG B 22 -36.42 -0.09 27.48
N ALA B 23 -35.59 -1.11 27.23
CA ALA B 23 -35.90 -2.47 27.62
C ALA B 23 -35.55 -2.69 29.09
N ASP B 24 -36.00 -3.83 29.61
CA ASP B 24 -35.79 -4.17 31.02
C ASP B 24 -34.52 -5.00 31.25
N GLY B 25 -34.36 -6.07 30.48
CA GLY B 25 -33.37 -7.09 30.77
C GLY B 25 -32.16 -7.05 29.86
N THR B 26 -31.32 -8.06 30.03
CA THR B 26 -30.03 -8.13 29.36
C THR B 26 -30.20 -8.64 27.94
N ALA B 27 -29.40 -8.12 27.02
CA ALA B 27 -29.49 -8.56 25.63
C ALA B 27 -29.14 -10.03 25.52
N THR B 28 -29.96 -10.78 24.78
CA THR B 28 -29.83 -12.23 24.73
C THR B 28 -29.81 -12.73 23.29
N VAL B 29 -28.83 -13.57 22.98
CA VAL B 29 -28.78 -14.28 21.71
C VAL B 29 -29.87 -15.36 21.75
N MET B 30 -30.77 -15.33 20.78
CA MET B 30 -31.90 -16.26 20.75
C MET B 30 -32.07 -17.02 19.44
N ALA B 31 -31.17 -16.85 18.47
CA ALA B 31 -31.18 -17.61 17.23
C ALA B 31 -29.83 -17.45 16.55
N ILE B 32 -29.37 -18.50 15.86
CA ILE B 32 -28.12 -18.45 15.12
C ILE B 32 -28.28 -19.21 13.81
N GLY B 33 -27.93 -18.57 12.70
CA GLY B 33 -27.94 -19.22 11.39
C GLY B 33 -26.63 -18.96 10.68
N THR B 34 -26.21 -19.93 9.85
CA THR B 34 -24.95 -19.81 9.12
C THR B 34 -25.12 -20.25 7.66
N ALA B 35 -24.20 -19.82 6.81
CA ALA B 35 -24.25 -20.14 5.39
C ALA B 35 -22.85 -20.02 4.80
N HIS B 36 -22.49 -20.96 3.91
CA HIS B 36 -21.24 -20.92 3.17
C HIS B 36 -21.52 -20.78 1.68
N PRO B 37 -20.61 -20.19 0.91
CA PRO B 37 -20.67 -20.36 -0.55
C PRO B 37 -20.38 -21.81 -0.93
N PRO B 38 -20.59 -22.21 -2.20
CA PRO B 38 -20.68 -23.64 -2.50
C PRO B 38 -19.40 -24.43 -2.76
N HIS B 39 -18.27 -23.79 -3.04
CA HIS B 39 -17.08 -24.50 -3.53
C HIS B 39 -16.15 -24.84 -2.37
N ILE B 40 -15.89 -26.13 -2.17
CA ILE B 40 -15.10 -26.63 -1.06
C ILE B 40 -13.67 -26.90 -1.52
N PHE B 41 -12.69 -26.34 -0.81
CA PHE B 41 -11.26 -26.51 -1.09
C PHE B 41 -10.60 -27.26 0.06
N PRO B 42 -10.27 -28.54 -0.09
CA PRO B 42 -9.50 -29.23 0.94
C PRO B 42 -8.15 -28.58 1.16
N GLN B 43 -7.75 -28.47 2.43
CA GLN B 43 -6.47 -27.85 2.72
C GLN B 43 -5.29 -28.71 2.26
N ASP B 44 -5.46 -30.03 2.21
CA ASP B 44 -4.29 -30.84 1.92
C ASP B 44 -3.88 -30.75 0.45
N THR B 45 -4.72 -30.22 -0.43
CA THR B 45 -4.34 -29.94 -1.80
C THR B 45 -4.32 -28.46 -2.13
N TYR B 46 -4.46 -27.59 -1.13
CA TYR B 46 -4.60 -26.16 -1.42
C TYR B 46 -3.34 -25.57 -2.04
N ALA B 47 -2.17 -25.95 -1.53
CA ALA B 47 -0.92 -25.42 -2.08
C ALA B 47 -0.80 -25.73 -3.57
N ASP B 48 -1.22 -26.93 -3.97
CA ASP B 48 -1.23 -27.30 -5.38
C ASP B 48 -2.17 -26.41 -6.19
N PHE B 49 -3.42 -26.27 -5.72
CA PHE B 49 -4.38 -25.41 -6.41
C PHE B 49 -3.85 -23.99 -6.52
N TYR B 50 -3.36 -23.44 -5.41
CA TYR B 50 -3.01 -22.03 -5.36
C TYR B 50 -1.86 -21.71 -6.32
N PHE B 51 -0.79 -22.49 -6.28
CA PHE B 51 0.34 -22.20 -7.16
C PHE B 51 0.02 -22.48 -8.63
N ARG B 52 -0.94 -23.37 -8.90
CA ARG B 52 -1.39 -23.55 -10.27
C ARG B 52 -2.24 -22.36 -10.72
N ALA B 53 -3.22 -21.97 -9.90
CA ALA B 53 -4.14 -20.92 -10.32
C ALA B 53 -3.46 -19.56 -10.42
N THR B 54 -2.37 -19.34 -9.69
CA THR B 54 -1.63 -18.09 -9.75
C THR B 54 -0.41 -18.16 -10.66
N ASN B 55 -0.28 -19.25 -11.42
CA ASN B 55 0.79 -19.41 -12.40
C ASN B 55 2.17 -19.23 -11.75
N SER B 56 2.36 -19.88 -10.60
CA SER B 56 3.54 -19.66 -9.78
C SER B 56 4.35 -20.93 -9.56
N GLU B 57 4.13 -21.97 -10.36
CA GLU B 57 4.86 -23.22 -10.15
C GLU B 57 6.36 -23.10 -10.37
N HIS B 58 6.84 -22.04 -11.02
CA HIS B 58 8.30 -21.87 -11.08
C HIS B 58 8.91 -21.52 -9.73
N LYS B 59 8.10 -20.98 -8.80
CA LYS B 59 8.55 -20.65 -7.44
C LYS B 59 8.55 -21.90 -6.56
N VAL B 60 9.56 -22.74 -6.78
CA VAL B 60 9.52 -24.10 -6.22
C VAL B 60 9.74 -24.09 -4.72
N GLU B 61 10.71 -23.30 -4.23
CA GLU B 61 10.93 -23.25 -2.79
C GLU B 61 9.80 -22.53 -2.08
N LEU B 62 9.24 -21.51 -2.72
CA LEU B 62 8.05 -20.84 -2.21
C LEU B 62 6.91 -21.82 -1.96
N LYS B 63 6.62 -22.65 -2.97
CA LYS B 63 5.56 -23.64 -2.82
C LYS B 63 5.85 -24.60 -1.68
N LYS B 64 7.11 -25.02 -1.53
CA LYS B 64 7.43 -25.93 -0.44
C LYS B 64 7.14 -25.30 0.92
N LYS B 65 7.59 -24.05 1.11
CA LYS B 65 7.26 -23.35 2.35
C LYS B 65 5.77 -23.20 2.53
N PHE B 66 5.03 -22.87 1.46
CA PHE B 66 3.59 -22.66 1.57
C PHE B 66 2.84 -23.95 1.90
N ASP B 67 3.27 -25.08 1.32
CA ASP B 67 2.65 -26.35 1.67
C ASP B 67 2.91 -26.69 3.13
N ARG B 68 4.12 -26.41 3.61
CA ARG B 68 4.44 -26.66 5.01
C ARG B 68 3.58 -25.80 5.92
N ILE B 69 3.32 -24.56 5.52
CA ILE B 69 2.46 -23.69 6.31
C ILE B 69 1.04 -24.21 6.32
N CYS B 70 0.55 -24.66 5.17
CA CYS B 70 -0.83 -25.18 5.10
C CYS B 70 -1.00 -26.39 6.00
N LYS B 71 0.01 -27.27 6.08
CA LYS B 71 -0.05 -28.40 7.03
C LYS B 71 -0.14 -27.95 8.48
N LYS B 72 0.37 -26.77 8.81
CA LYS B 72 0.39 -26.33 10.20
C LYS B 72 -0.84 -25.56 10.62
N THR B 73 -1.75 -25.25 9.68
CA THR B 73 -2.87 -24.37 10.00
C THR B 73 -3.93 -25.00 10.89
N MET B 74 -4.00 -26.33 10.95
CA MET B 74 -5.13 -27.03 11.58
C MET B 74 -6.45 -26.64 10.93
N ILE B 75 -6.41 -26.32 9.64
CA ILE B 75 -7.60 -26.13 8.82
C ILE B 75 -7.76 -27.34 7.92
N GLY B 76 -8.95 -27.95 7.93
CA GLY B 76 -9.20 -29.09 7.06
C GLY B 76 -9.66 -28.73 5.66
N LYS B 77 -10.55 -27.75 5.56
CA LYS B 77 -11.10 -27.31 4.29
C LYS B 77 -11.64 -25.90 4.47
N ARG B 78 -11.87 -25.21 3.35
CA ARG B 78 -12.49 -23.89 3.34
C ARG B 78 -13.49 -23.83 2.20
N TYR B 79 -14.46 -22.93 2.34
CA TYR B 79 -15.48 -22.67 1.33
C TYR B 79 -15.20 -21.36 0.62
N PHE B 80 -15.45 -21.32 -0.69
CA PHE B 80 -15.28 -20.09 -1.46
C PHE B 80 -16.42 -19.93 -2.46
N ASN B 81 -16.65 -18.67 -2.86
CA ASN B 81 -17.64 -18.37 -3.88
C ASN B 81 -17.07 -18.46 -5.28
N TYR B 82 -15.89 -19.02 -5.44
CA TYR B 82 -15.28 -19.21 -6.74
C TYR B 82 -14.62 -20.57 -6.79
N ASP B 83 -14.45 -21.08 -8.01
CA ASP B 83 -13.67 -22.29 -8.22
C ASP B 83 -12.50 -21.94 -9.14
N GLU B 84 -11.72 -22.96 -9.50
CA GLU B 84 -10.54 -22.71 -10.30
C GLU B 84 -10.92 -22.15 -11.66
N GLU B 85 -11.98 -22.69 -12.27
CA GLU B 85 -12.39 -22.19 -13.58
C GLU B 85 -12.77 -20.71 -13.52
N PHE B 86 -13.48 -20.29 -12.46
CA PHE B 86 -13.87 -18.90 -12.31
C PHE B 86 -12.66 -17.96 -12.35
N LEU B 87 -11.59 -18.31 -11.64
CA LEU B 87 -10.45 -17.41 -11.52
C LEU B 87 -9.72 -17.21 -12.84
N LYS B 88 -9.83 -18.17 -13.78
CA LYS B 88 -9.17 -17.99 -15.07
C LYS B 88 -9.68 -16.75 -15.81
N LYS B 89 -10.87 -16.27 -15.45
CA LYS B 89 -11.42 -15.05 -16.00
C LYS B 89 -10.73 -13.79 -15.47
N TYR B 90 -9.97 -13.89 -14.38
CA TYR B 90 -9.41 -12.72 -13.70
C TYR B 90 -7.91 -12.89 -13.48
N PRO B 91 -7.11 -12.80 -14.55
CA PRO B 91 -5.66 -12.86 -14.35
C PRO B 91 -5.12 -11.71 -13.52
N ASN B 92 -5.85 -10.59 -13.45
CA ASN B 92 -5.45 -9.50 -12.56
C ASN B 92 -5.59 -9.90 -11.09
N ILE B 93 -6.65 -10.65 -10.76
CA ILE B 93 -6.83 -11.04 -9.36
C ILE B 93 -5.78 -12.06 -8.93
N THR B 94 -5.43 -13.00 -9.83
CA THR B 94 -4.46 -14.02 -9.46
C THR B 94 -3.02 -13.53 -9.59
N SER B 95 -2.78 -12.32 -10.09
CA SER B 95 -1.45 -11.72 -10.02
C SER B 95 -1.15 -11.27 -8.60
N PHE B 96 0.00 -10.63 -8.39
CA PHE B 96 0.24 -10.10 -7.06
C PHE B 96 -0.46 -8.75 -6.85
N ASP B 97 -0.30 -7.81 -7.80
CA ASP B 97 -0.81 -6.47 -7.53
C ASP B 97 -1.13 -5.71 -8.82
N GLU B 98 -1.60 -6.42 -9.85
CA GLU B 98 -2.18 -5.70 -10.98
C GLU B 98 -3.49 -5.06 -10.54
N PRO B 99 -3.95 -4.01 -11.26
CA PRO B 99 -5.20 -3.36 -10.89
C PRO B 99 -6.35 -4.34 -10.93
N SER B 100 -7.12 -4.40 -9.83
CA SER B 100 -8.13 -5.45 -9.72
C SER B 100 -9.27 -5.11 -8.76
N LEU B 101 -9.20 -3.94 -8.10
CA LEU B 101 -10.23 -3.62 -7.12
C LEU B 101 -11.62 -3.55 -7.76
N ASN B 102 -11.71 -2.99 -8.96
CA ASN B 102 -13.03 -2.87 -9.58
C ASN B 102 -13.67 -4.23 -9.78
N ASP B 103 -12.89 -5.19 -10.30
CA ASP B 103 -13.43 -6.54 -10.48
C ASP B 103 -13.81 -7.16 -9.14
N ARG B 104 -12.98 -6.98 -8.12
CA ARG B 104 -13.29 -7.54 -6.80
C ARG B 104 -14.56 -6.93 -6.22
N GLN B 105 -14.71 -5.62 -6.36
CA GLN B 105 -15.92 -4.94 -5.89
C GLN B 105 -17.15 -5.42 -6.64
N ASP B 106 -17.04 -5.61 -7.96
CA ASP B 106 -18.18 -6.09 -8.72
C ASP B 106 -18.68 -7.42 -8.20
N ILE B 107 -17.79 -8.23 -7.62
CA ILE B 107 -18.17 -9.50 -7.03
C ILE B 107 -18.67 -9.34 -5.60
N CYS B 108 -17.91 -8.60 -4.78
CA CYS B 108 -18.16 -8.53 -3.34
C CYS B 108 -19.31 -7.58 -2.97
N VAL B 109 -19.51 -6.48 -3.70
CA VAL B 109 -20.58 -5.54 -3.31
C VAL B 109 -21.95 -6.21 -3.35
N PRO B 110 -22.32 -6.98 -4.39
CA PRO B 110 -23.57 -7.73 -4.31
C PRO B 110 -23.42 -9.05 -3.57
N GLY B 111 -22.23 -9.65 -3.62
CA GLY B 111 -22.07 -11.01 -3.14
C GLY B 111 -22.14 -11.15 -1.63
N VAL B 112 -21.55 -10.20 -0.92
CA VAL B 112 -21.49 -10.26 0.54
C VAL B 112 -22.87 -10.07 1.18
N PRO B 113 -23.69 -9.08 0.79
CA PRO B 113 -25.04 -9.02 1.37
C PRO B 113 -25.89 -10.22 0.98
N ALA B 114 -25.70 -10.80 -0.20
CA ALA B 114 -26.45 -11.99 -0.58
C ALA B 114 -26.12 -13.18 0.31
N LEU B 115 -24.83 -13.44 0.54
CA LEU B 115 -24.45 -14.53 1.43
C LEU B 115 -24.94 -14.25 2.83
N GLY B 116 -24.77 -13.01 3.30
CA GLY B 116 -25.28 -12.63 4.60
C GLY B 116 -26.78 -12.86 4.74
N ALA B 117 -27.55 -12.48 3.72
CA ALA B 117 -29.00 -12.68 3.76
C ALA B 117 -29.33 -14.17 3.88
N GLU B 118 -28.56 -15.04 3.23
CA GLU B 118 -28.85 -16.47 3.34
C GLU B 118 -28.71 -16.96 4.78
N ALA B 119 -27.66 -16.51 5.48
CA ALA B 119 -27.52 -16.86 6.89
C ALA B 119 -28.64 -16.25 7.72
N ALA B 120 -29.03 -15.01 7.39
CA ALA B 120 -30.10 -14.31 8.12
C ALA B 120 -31.43 -15.06 8.00
N VAL B 121 -31.72 -15.58 6.80
CA VAL B 121 -32.97 -16.30 6.61
C VAL B 121 -33.04 -17.51 7.55
N LYS B 122 -31.91 -18.20 7.75
CA LYS B 122 -31.88 -19.36 8.64
C LYS B 122 -32.07 -18.96 10.11
N ALA B 123 -31.42 -17.87 10.53
CA ALA B 123 -31.61 -17.36 11.88
C ALA B 123 -33.06 -16.95 12.12
N ILE B 124 -33.66 -16.26 11.15
CA ILE B 124 -35.04 -15.81 11.28
C ILE B 124 -35.98 -17.00 11.35
N ALA B 125 -35.66 -18.07 10.60
CA ALA B 125 -36.49 -19.27 10.64
C ALA B 125 -36.45 -19.90 12.02
N GLU B 126 -35.25 -20.00 12.60
CA GLU B 126 -35.10 -20.57 13.95
C GLU B 126 -35.83 -19.72 14.98
N TRP B 127 -35.67 -18.39 14.88
CA TRP B 127 -36.34 -17.45 15.77
C TRP B 127 -37.86 -17.64 15.74
N GLY B 128 -38.43 -17.74 14.54
CA GLY B 128 -39.83 -18.10 14.35
C GLY B 128 -40.82 -16.96 14.41
N ARG B 129 -40.38 -15.73 14.61
CA ARG B 129 -41.29 -14.60 14.55
C ARG B 129 -41.21 -13.89 13.20
N PRO B 130 -42.19 -13.05 12.84
CA PRO B 130 -42.17 -12.41 11.53
C PRO B 130 -40.98 -11.47 11.39
N LYS B 131 -40.40 -11.44 10.18
CA LYS B 131 -39.28 -10.52 9.92
C LYS B 131 -39.66 -9.06 10.11
N SER B 132 -40.95 -8.74 10.02
CA SER B 132 -41.34 -7.36 10.27
C SER B 132 -41.11 -6.93 11.70
N GLU B 133 -40.82 -7.86 12.62
CA GLU B 133 -40.56 -7.56 14.02
C GLU B 133 -39.10 -7.26 14.30
N ILE B 134 -38.23 -7.39 13.29
CA ILE B 134 -36.84 -6.96 13.39
C ILE B 134 -36.78 -5.44 13.31
N THR B 135 -36.19 -4.81 14.34
CA THR B 135 -36.15 -3.35 14.42
C THR B 135 -34.77 -2.76 14.14
N HIS B 136 -33.72 -3.58 14.18
CA HIS B 136 -32.35 -3.13 14.01
C HIS B 136 -31.61 -4.16 13.18
N LEU B 137 -30.70 -3.69 12.33
CA LEU B 137 -29.82 -4.59 11.58
C LEU B 137 -28.38 -4.12 11.78
N VAL B 138 -27.53 -5.03 12.27
CA VAL B 138 -26.07 -4.81 12.37
C VAL B 138 -25.44 -5.71 11.32
N PHE B 139 -24.88 -5.10 10.28
CA PHE B 139 -24.25 -5.85 9.19
C PHE B 139 -22.75 -5.60 9.19
N CYS B 140 -21.97 -6.66 9.06
CA CYS B 140 -20.53 -6.58 9.24
C CYS B 140 -19.83 -7.29 8.10
N THR B 141 -18.89 -6.59 7.44
CA THR B 141 -18.02 -7.24 6.48
C THR B 141 -16.71 -6.45 6.35
N SER B 142 -15.63 -7.16 6.04
CA SER B 142 -14.39 -6.52 5.62
C SER B 142 -14.12 -6.70 4.13
N CYS B 143 -15.12 -7.12 3.36
CA CYS B 143 -14.95 -7.55 1.97
C CYS B 143 -15.83 -6.67 1.08
N GLY B 144 -15.30 -5.53 0.71
CA GLY B 144 -15.98 -4.61 -0.19
C GLY B 144 -16.69 -3.49 0.56
N VAL B 145 -16.82 -2.34 -0.12
CA VAL B 145 -17.53 -1.17 0.42
C VAL B 145 -18.28 -0.49 -0.72
N ASP B 146 -19.39 0.17 -0.39
CA ASP B 146 -20.27 0.79 -1.41
C ASP B 146 -21.23 1.77 -0.73
N MET B 147 -21.82 2.67 -1.52
CA MET B 147 -22.84 3.60 -1.03
C MET B 147 -24.02 3.58 -2.00
N PRO B 148 -25.24 3.19 -1.56
CA PRO B 148 -25.56 2.71 -0.21
C PRO B 148 -24.85 1.41 0.14
N SER B 149 -24.67 1.16 1.43
CA SER B 149 -23.73 0.16 1.89
C SER B 149 -24.39 -1.21 2.05
N ALA B 150 -23.56 -2.18 2.47
CA ALA B 150 -24.02 -3.57 2.47
C ALA B 150 -25.23 -3.80 3.35
N ASP B 151 -25.37 -3.05 4.45
CA ASP B 151 -26.55 -3.18 5.30
C ASP B 151 -27.82 -2.84 4.52
N PHE B 152 -27.78 -1.77 3.73
CA PHE B 152 -28.90 -1.43 2.86
C PHE B 152 -29.27 -2.60 1.96
N GLN B 153 -28.26 -3.22 1.32
CA GLN B 153 -28.54 -4.28 0.36
C GLN B 153 -29.11 -5.52 1.05
N CYS B 154 -28.56 -5.90 2.21
CA CYS B 154 -29.07 -7.03 2.94
C CYS B 154 -30.52 -6.79 3.37
N ALA B 155 -30.80 -5.62 3.93
CA ALA B 155 -32.16 -5.30 4.35
C ALA B 155 -33.12 -5.36 3.18
N LYS B 156 -32.69 -4.87 2.01
CA LYS B 156 -33.52 -4.94 0.80
C LYS B 156 -33.80 -6.38 0.41
N LEU B 157 -32.76 -7.21 0.34
CA LEU B 157 -32.90 -8.61 -0.04
C LEU B 157 -33.85 -9.33 0.91
N LEU B 158 -33.82 -8.96 2.19
CA LEU B 158 -34.64 -9.62 3.19
C LEU B 158 -36.06 -9.08 3.26
N GLY B 159 -36.34 -7.91 2.68
CA GLY B 159 -37.63 -7.28 2.83
C GLY B 159 -37.90 -6.81 4.24
N LEU B 160 -36.87 -6.31 4.92
CA LEU B 160 -37.08 -5.76 6.25
C LEU B 160 -37.91 -4.49 6.15
N ARG B 161 -38.50 -4.09 7.28
CA ARG B 161 -39.27 -2.85 7.29
C ARG B 161 -38.42 -1.65 6.90
N THR B 162 -39.04 -0.66 6.27
CA THR B 162 -38.24 0.43 5.69
C THR B 162 -37.59 1.29 6.76
N ASN B 163 -38.13 1.33 7.98
CA ASN B 163 -37.54 2.12 9.05
C ASN B 163 -36.79 1.25 10.08
N VAL B 164 -36.16 0.17 9.61
CA VAL B 164 -35.20 -0.57 10.43
C VAL B 164 -33.96 0.30 10.65
N ASN B 165 -33.47 0.32 11.90
CA ASN B 165 -32.25 1.08 12.18
C ASN B 165 -31.06 0.20 11.83
N LYS B 166 -30.24 0.66 10.90
CA LYS B 166 -29.16 -0.16 10.37
C LYS B 166 -27.79 0.37 10.83
N TYR B 167 -26.85 -0.56 10.93
CA TYR B 167 -25.50 -0.30 11.43
C TYR B 167 -24.56 -1.07 10.53
N CYS B 168 -23.71 -0.37 9.79
CA CYS B 168 -22.82 -1.03 8.83
C CYS B 168 -21.42 -1.04 9.42
N VAL B 169 -20.95 -2.22 9.77
CA VAL B 169 -19.67 -2.39 10.47
C VAL B 169 -18.68 -2.83 9.40
N TYR B 170 -18.04 -1.84 8.78
CA TYR B 170 -17.11 -2.09 7.68
C TYR B 170 -15.69 -2.11 8.19
N MET B 171 -14.90 -3.08 7.70
CA MET B 171 -13.44 -3.07 7.77
C MET B 171 -12.94 -3.12 9.21
N GLN B 172 -13.65 -3.88 10.04
CA GLN B 172 -13.20 -4.16 11.40
C GLN B 172 -12.49 -5.50 11.53
N GLY B 173 -12.32 -6.22 10.42
CA GLY B 173 -11.43 -7.37 10.39
C GLY B 173 -11.77 -8.49 11.36
N CYS B 174 -10.73 -9.12 11.89
CA CYS B 174 -10.90 -10.36 12.64
C CYS B 174 -11.46 -10.17 14.05
N TYR B 175 -11.54 -8.95 14.57
CA TYR B 175 -12.17 -8.78 15.87
C TYR B 175 -13.65 -8.46 15.77
N ALA B 176 -14.17 -8.32 14.55
CA ALA B 176 -15.49 -7.75 14.35
C ALA B 176 -16.62 -8.68 14.78
N GLY B 177 -16.37 -9.99 14.89
CA GLY B 177 -17.36 -10.86 15.51
C GLY B 177 -17.68 -10.43 16.93
N GLY B 178 -16.68 -9.98 17.67
CA GLY B 178 -16.94 -9.39 18.98
C GLY B 178 -17.61 -8.04 18.86
N THR B 179 -17.15 -7.23 17.90
CA THR B 179 -17.71 -5.90 17.73
C THR B 179 -19.22 -5.93 17.54
N VAL B 180 -19.73 -6.83 16.68
CA VAL B 180 -21.16 -6.82 16.43
C VAL B 180 -21.95 -7.24 17.68
N MET B 181 -21.37 -8.09 18.54
CA MET B 181 -22.04 -8.39 19.81
C MET B 181 -22.08 -7.16 20.69
N ARG B 182 -21.00 -6.38 20.69
CA ARG B 182 -20.97 -5.14 21.46
C ARG B 182 -22.04 -4.17 20.98
N TYR B 183 -22.18 -4.01 19.65
CA TYR B 183 -23.25 -3.17 19.15
C TYR B 183 -24.61 -3.70 19.58
N ALA B 184 -24.85 -5.00 19.38
CA ALA B 184 -26.19 -5.53 19.60
C ALA B 184 -26.62 -5.40 21.05
N LYS B 185 -25.68 -5.51 21.97
CA LYS B 185 -25.99 -5.35 23.39
C LYS B 185 -26.71 -4.03 23.64
N ASP B 186 -26.10 -2.90 23.21
CA ASP B 186 -26.69 -1.62 23.57
C ASP B 186 -27.96 -1.36 22.79
N LEU B 187 -28.03 -1.83 21.55
CA LEU B 187 -29.24 -1.61 20.77
C LEU B 187 -30.43 -2.33 21.39
N ALA B 188 -30.26 -3.61 21.75
CA ALA B 188 -31.37 -4.39 22.31
C ALA B 188 -31.79 -3.86 23.68
N GLU B 189 -30.80 -3.52 24.51
CA GLU B 189 -31.07 -3.19 25.90
C GLU B 189 -31.68 -1.81 26.06
N ASN B 190 -31.39 -0.89 25.16
CA ASN B 190 -31.92 0.46 25.30
C ASN B 190 -33.27 0.66 24.62
N ASN B 191 -33.84 -0.38 24.00
CA ASN B 191 -35.02 -0.19 23.16
C ASN B 191 -36.02 -1.30 23.44
N ARG B 192 -37.11 -0.96 24.12
CA ARG B 192 -38.13 -1.94 24.45
C ARG B 192 -38.67 -2.60 23.18
N GLY B 193 -38.69 -3.92 23.20
CA GLY B 193 -39.19 -4.71 22.09
C GLY B 193 -38.21 -4.89 20.96
N ALA B 194 -37.08 -4.16 20.98
CA ALA B 194 -36.15 -4.24 19.85
C ALA B 194 -35.65 -5.67 19.66
N ARG B 195 -35.59 -6.07 18.40
CA ARG B 195 -34.98 -7.33 18.00
C ARG B 195 -33.92 -7.02 16.95
N VAL B 196 -32.68 -7.36 17.26
CA VAL B 196 -31.51 -7.00 16.46
C VAL B 196 -31.11 -8.20 15.61
N LEU B 197 -31.15 -8.02 14.29
CA LEU B 197 -30.58 -8.98 13.36
C LEU B 197 -29.12 -8.62 13.19
N VAL B 198 -28.24 -9.53 13.54
CA VAL B 198 -26.79 -9.35 13.38
C VAL B 198 -26.36 -10.24 12.23
N VAL B 199 -25.61 -9.68 11.27
CA VAL B 199 -25.11 -10.45 10.14
C VAL B 199 -23.64 -10.17 9.93
N CYS B 200 -22.83 -11.23 9.88
CA CYS B 200 -21.43 -11.16 9.52
C CYS B 200 -21.24 -11.97 8.25
N ALA B 201 -20.65 -11.36 7.22
CA ALA B 201 -20.47 -12.09 5.96
C ALA B 201 -19.17 -11.68 5.30
N GLU B 202 -18.41 -12.66 4.79
CA GLU B 202 -17.09 -12.37 4.26
C GLU B 202 -16.87 -13.19 2.99
N LEU B 203 -16.37 -12.51 1.95
CA LEU B 203 -15.98 -13.12 0.68
C LEU B 203 -14.54 -12.69 0.43
N THR B 204 -13.60 -13.60 0.69
CA THR B 204 -12.18 -13.27 0.76
C THR B 204 -11.55 -12.96 -0.59
N ILE B 205 -12.28 -13.15 -1.69
CA ILE B 205 -11.75 -12.74 -2.99
C ILE B 205 -11.44 -11.24 -3.04
N ILE B 206 -11.89 -10.47 -2.05
CA ILE B 206 -11.47 -9.06 -1.93
C ILE B 206 -9.96 -8.93 -1.80
N GLY B 207 -9.29 -9.97 -1.27
CA GLY B 207 -7.86 -9.91 -0.98
C GLY B 207 -7.02 -11.02 -1.58
N LEU B 208 -7.66 -11.99 -2.23
CA LEU B 208 -6.93 -13.09 -2.84
C LEU B 208 -5.91 -12.53 -3.85
N ARG B 209 -4.68 -13.02 -3.79
CA ARG B 209 -3.68 -12.59 -4.76
C ARG B 209 -2.54 -13.60 -4.81
N GLY B 210 -1.76 -13.52 -5.88
CA GLY B 210 -0.65 -14.41 -6.10
C GLY B 210 0.49 -14.16 -5.13
N PRO B 211 1.44 -15.10 -5.07
CA PRO B 211 2.52 -14.97 -4.10
C PRO B 211 3.67 -14.14 -4.65
N ASN B 212 4.27 -13.36 -3.77
CA ASN B 212 5.48 -12.60 -4.06
C ASN B 212 6.46 -12.83 -2.90
N GLU B 213 7.70 -13.17 -3.23
CA GLU B 213 8.68 -13.62 -2.23
C GLU B 213 9.04 -12.53 -1.23
N SER B 214 8.87 -11.25 -1.57
CA SER B 214 9.19 -10.20 -0.62
C SER B 214 8.04 -9.88 0.32
N HIS B 215 6.96 -10.65 0.28
CA HIS B 215 5.78 -10.46 1.09
C HIS B 215 5.22 -11.83 1.48
N LEU B 216 6.03 -12.56 2.27
CA LEU B 216 5.63 -13.89 2.70
C LEU B 216 4.41 -13.83 3.62
N ASP B 217 4.33 -12.77 4.44
CA ASP B 217 3.18 -12.61 5.32
C ASP B 217 1.88 -12.52 4.54
N ASN B 218 1.87 -11.67 3.51
CA ASN B 218 0.69 -11.57 2.64
C ASN B 218 0.32 -12.92 2.04
N ALA B 219 1.33 -13.70 1.63
CA ALA B 219 1.07 -15.02 1.07
C ALA B 219 0.45 -15.95 2.11
N ILE B 220 0.91 -15.87 3.37
CA ILE B 220 0.36 -16.72 4.42
C ILE B 220 -1.15 -16.51 4.58
N GLY B 221 -1.63 -15.29 4.39
CA GLY B 221 -3.05 -15.01 4.38
C GLY B 221 -3.89 -15.98 3.54
N ASN B 222 -3.37 -16.37 2.38
CA ASN B 222 -4.11 -17.29 1.53
C ASN B 222 -4.15 -18.71 2.10
N SER B 223 -3.41 -18.98 3.16
CA SER B 223 -3.52 -20.27 3.82
C SER B 223 -4.57 -20.28 4.93
N LEU B 224 -5.07 -19.11 5.34
CA LEU B 224 -5.92 -19.00 6.52
C LEU B 224 -7.38 -18.69 6.20
N PHE B 225 -7.64 -17.74 5.32
CA PHE B 225 -8.96 -17.13 5.22
C PHE B 225 -9.89 -17.92 4.29
N GLY B 226 -11.12 -18.12 4.76
CA GLY B 226 -12.15 -18.73 3.96
C GLY B 226 -13.44 -17.93 4.06
N ASP B 227 -14.41 -18.27 3.21
CA ASP B 227 -15.66 -17.52 3.14
C ASP B 227 -16.71 -18.10 4.09
N GLY B 228 -17.67 -17.24 4.46
CA GLY B 228 -18.78 -17.68 5.29
C GLY B 228 -19.63 -16.54 5.83
N ALA B 229 -20.84 -16.86 6.29
CA ALA B 229 -21.70 -15.86 6.90
C ALA B 229 -22.41 -16.48 8.10
N ALA B 230 -22.67 -15.64 9.11
CA ALA B 230 -23.41 -16.08 10.27
C ALA B 230 -24.34 -14.96 10.71
N ALA B 231 -25.47 -15.34 11.28
CA ALA B 231 -26.46 -14.34 11.67
C ALA B 231 -27.03 -14.71 13.03
N LEU B 232 -27.36 -13.68 13.81
CA LEU B 232 -27.95 -13.83 15.12
C LEU B 232 -29.25 -13.04 15.18
N ILE B 233 -30.15 -13.46 16.06
CA ILE B 233 -31.18 -12.57 16.57
C ILE B 233 -30.84 -12.29 18.03
N VAL B 234 -30.74 -11.01 18.38
CA VAL B 234 -30.43 -10.60 19.75
C VAL B 234 -31.58 -9.73 20.24
N GLY B 235 -32.01 -9.96 21.47
CA GLY B 235 -33.06 -9.15 22.04
C GLY B 235 -33.07 -9.24 23.54
N SER B 236 -33.56 -8.17 24.17
CA SER B 236 -33.84 -8.21 25.61
C SER B 236 -35.28 -8.66 25.86
N ASP B 237 -35.52 -9.16 27.08
CA ASP B 237 -36.86 -9.55 27.51
C ASP B 237 -37.43 -10.63 26.59
N PRO B 238 -36.86 -11.83 26.58
CA PRO B 238 -37.37 -12.87 25.67
C PRO B 238 -38.80 -13.23 25.98
N ILE B 239 -39.56 -13.54 24.93
CA ILE B 239 -40.97 -13.91 25.08
C ILE B 239 -40.97 -15.39 25.45
N ILE B 240 -41.35 -15.69 26.67
CA ILE B 240 -41.16 -17.04 27.14
C ILE B 240 -42.24 -17.91 26.49
N GLY B 241 -41.86 -19.12 26.11
CA GLY B 241 -42.74 -19.96 25.30
C GLY B 241 -42.65 -19.71 23.81
N VAL B 242 -42.04 -18.61 23.37
CA VAL B 242 -41.91 -18.28 21.96
C VAL B 242 -40.45 -18.21 21.53
N GLU B 243 -39.64 -17.44 22.25
CA GLU B 243 -38.24 -17.25 21.93
C GLU B 243 -37.35 -18.17 22.73
N LYS B 244 -36.13 -18.39 22.23
CA LYS B 244 -35.21 -19.36 22.83
C LYS B 244 -33.96 -18.67 23.38
N PRO B 245 -33.99 -18.14 24.59
CA PRO B 245 -32.82 -17.39 25.09
C PRO B 245 -31.67 -18.32 25.42
N MET B 246 -30.47 -17.98 24.92
CA MET B 246 -29.31 -18.87 25.06
C MET B 246 -28.13 -18.24 25.76
N PHE B 247 -27.71 -17.04 25.34
CA PHE B 247 -26.54 -16.36 25.90
C PHE B 247 -26.90 -14.91 26.18
N GLU B 248 -26.65 -14.46 27.40
CA GLU B 248 -26.86 -13.06 27.77
C GLU B 248 -25.54 -12.28 27.67
N ILE B 249 -25.57 -11.14 26.98
CA ILE B 249 -24.38 -10.33 26.75
C ILE B 249 -24.27 -9.34 27.90
N VAL B 250 -23.48 -9.68 28.92
CA VAL B 250 -23.48 -8.93 30.16
C VAL B 250 -22.59 -7.69 30.09
N CYS B 251 -21.43 -7.83 29.45
CA CYS B 251 -20.44 -6.75 29.36
C CYS B 251 -19.65 -6.93 28.07
N ALA B 252 -19.33 -5.81 27.41
CA ALA B 252 -18.68 -5.85 26.10
C ALA B 252 -17.72 -4.67 26.03
N LYS B 253 -16.42 -4.95 25.87
CA LYS B 253 -15.39 -3.89 25.88
C LYS B 253 -14.34 -4.14 24.82
N GLN B 254 -13.92 -3.07 24.14
CA GLN B 254 -12.89 -3.13 23.12
C GLN B 254 -11.61 -2.57 23.70
N THR B 255 -10.48 -3.20 23.41
CA THR B 255 -9.20 -2.76 23.95
C THR B 255 -8.18 -2.70 22.82
N VAL B 256 -7.39 -1.64 22.80
CA VAL B 256 -6.26 -1.53 21.90
C VAL B 256 -4.99 -1.82 22.70
N ILE B 257 -4.11 -2.62 22.12
CA ILE B 257 -2.82 -2.95 22.72
C ILE B 257 -1.79 -1.94 22.21
N PRO B 258 -1.17 -1.16 23.09
CA PRO B 258 -0.20 -0.15 22.62
C PRO B 258 0.96 -0.76 21.86
N ASN B 259 1.52 0.03 20.93
CA ASN B 259 2.77 -0.27 20.22
C ASN B 259 2.70 -1.60 19.46
N SER B 260 1.55 -1.89 18.83
CA SER B 260 1.41 -3.12 18.05
C SER B 260 0.71 -2.84 16.72
N GLU B 261 0.85 -1.63 16.19
CA GLU B 261 0.09 -1.25 15.01
C GLU B 261 0.55 -2.03 13.77
N ASP B 262 1.82 -2.40 13.69
CA ASP B 262 2.34 -3.10 12.51
C ASP B 262 2.14 -4.61 12.58
N VAL B 263 1.53 -5.13 13.65
CA VAL B 263 1.40 -6.58 13.79
C VAL B 263 0.44 -7.14 12.74
N ILE B 264 -0.70 -6.48 12.54
CA ILE B 264 -1.64 -6.85 11.48
C ILE B 264 -2.22 -5.56 10.91
N HIS B 265 -2.14 -5.40 9.59
CA HIS B 265 -2.75 -4.25 8.96
C HIS B 265 -3.15 -4.62 7.55
N LEU B 266 -4.24 -4.00 7.06
CA LEU B 266 -4.77 -4.29 5.74
C LEU B 266 -5.15 -2.97 5.07
N HIS B 267 -4.82 -2.84 3.80
CA HIS B 267 -5.05 -1.59 3.10
C HIS B 267 -5.85 -1.85 1.83
N MET B 268 -6.81 -0.98 1.58
CA MET B 268 -7.65 -1.02 0.38
C MET B 268 -6.92 -0.23 -0.71
N ARG B 269 -6.45 -0.92 -1.74
CA ARG B 269 -5.63 -0.32 -2.79
C ARG B 269 -6.22 -0.66 -4.15
N GLU B 270 -5.59 -0.14 -5.21
CA GLU B 270 -6.04 -0.44 -6.56
C GLU B 270 -5.96 -1.92 -6.89
N ALA B 271 -5.14 -2.68 -6.18
CA ALA B 271 -5.03 -4.12 -6.35
C ALA B 271 -5.92 -4.89 -5.38
N GLY B 272 -6.89 -4.24 -4.77
CA GLY B 272 -7.77 -4.89 -3.81
C GLY B 272 -7.26 -4.73 -2.39
N LEU B 273 -7.75 -5.61 -1.51
CA LEU B 273 -7.37 -5.53 -0.11
C LEU B 273 -6.04 -6.24 0.12
N MET B 274 -5.06 -5.51 0.66
CA MET B 274 -3.71 -6.02 0.86
C MET B 274 -3.48 -6.36 2.33
N PHE B 275 -3.28 -7.65 2.62
CA PHE B 275 -3.11 -8.17 3.99
C PHE B 275 -1.63 -8.23 4.36
N TYR B 276 -1.29 -7.76 5.56
CA TYR B 276 0.07 -7.82 6.09
C TYR B 276 0.06 -8.22 7.55
N MET B 277 1.08 -8.94 7.97
CA MET B 277 1.18 -9.36 9.36
C MET B 277 2.63 -9.64 9.74
N SER B 278 3.00 -9.26 10.96
CA SER B 278 4.28 -9.67 11.50
C SER B 278 4.12 -11.04 12.15
N LYS B 279 5.20 -11.55 12.72
CA LYS B 279 5.14 -12.82 13.42
C LYS B 279 4.73 -12.68 14.89
N ASP B 280 4.49 -11.45 15.35
CA ASP B 280 4.33 -11.16 16.77
C ASP B 280 2.89 -11.27 17.26
N SER B 281 1.95 -11.69 16.43
CA SER B 281 0.56 -11.66 16.89
C SER B 281 0.28 -12.68 18.01
N PRO B 282 0.79 -13.92 17.96
CA PRO B 282 0.48 -14.85 19.06
C PRO B 282 0.96 -14.34 20.41
N GLU B 283 2.16 -13.78 20.46
CA GLU B 283 2.67 -13.33 21.76
C GLU B 283 2.06 -11.99 22.17
N THR B 284 1.76 -11.11 21.21
CA THR B 284 1.12 -9.84 21.56
C THR B 284 -0.24 -10.06 22.18
N ILE B 285 -1.02 -10.98 21.61
CA ILE B 285 -2.34 -11.26 22.16
C ILE B 285 -2.22 -11.98 23.50
N SER B 286 -1.35 -12.99 23.58
CA SER B 286 -1.29 -13.77 24.82
C SER B 286 -0.76 -12.93 25.98
N ASN B 287 0.14 -11.98 25.73
CA ASN B 287 0.66 -11.15 26.82
C ASN B 287 -0.34 -10.13 27.35
N ASN B 288 -1.48 -9.94 26.67
CA ASN B 288 -2.42 -8.88 27.02
C ASN B 288 -3.83 -9.37 27.32
N VAL B 289 -4.14 -10.64 27.04
CA VAL B 289 -5.51 -11.12 27.16
C VAL B 289 -5.97 -11.15 28.61
N GLU B 290 -5.07 -11.46 29.56
CA GLU B 290 -5.50 -11.53 30.95
C GLU B 290 -6.03 -10.18 31.42
N ALA B 291 -5.30 -9.10 31.11
CA ALA B 291 -5.73 -7.76 31.47
C ALA B 291 -7.10 -7.45 30.90
N CYS B 292 -7.36 -7.88 29.66
CA CYS B 292 -8.68 -7.67 29.03
C CYS B 292 -9.77 -8.43 29.76
N LEU B 293 -9.47 -9.65 30.20
CA LEU B 293 -10.45 -10.46 30.90
C LEU B 293 -10.74 -9.89 32.28
N VAL B 294 -9.70 -9.51 33.02
CA VAL B 294 -9.90 -8.87 34.33
C VAL B 294 -10.78 -7.63 34.17
N ASP B 295 -10.50 -6.82 33.15
CA ASP B 295 -11.27 -5.62 32.87
C ASP B 295 -12.76 -5.91 32.73
N VAL B 296 -13.11 -6.94 31.97
CA VAL B 296 -14.52 -7.15 31.68
C VAL B 296 -15.25 -7.62 32.94
N PHE B 297 -14.58 -8.41 33.79
CA PHE B 297 -15.21 -8.81 35.05
C PHE B 297 -15.34 -7.63 36.02
N LYS B 298 -14.24 -6.90 36.23
CA LYS B 298 -14.28 -5.79 37.19
C LYS B 298 -15.26 -4.71 36.77
N SER B 299 -15.48 -4.53 35.47
CA SER B 299 -16.42 -3.51 34.99
C SER B 299 -17.88 -3.80 35.33
N VAL B 300 -18.23 -5.03 35.71
CA VAL B 300 -19.57 -5.32 36.22
C VAL B 300 -19.52 -5.72 37.70
N GLY B 301 -18.42 -5.39 38.38
CA GLY B 301 -18.33 -5.66 39.81
C GLY B 301 -18.11 -7.11 40.18
N MET B 302 -17.62 -7.92 39.26
CA MET B 302 -17.40 -9.33 39.51
C MET B 302 -15.91 -9.60 39.68
N THR B 303 -15.60 -10.55 40.52
CA THR B 303 -14.19 -10.91 40.63
C THR B 303 -13.89 -12.00 39.62
N PRO B 304 -12.80 -11.90 38.86
CA PRO B 304 -12.49 -12.96 37.90
C PRO B 304 -12.23 -14.26 38.61
N PRO B 305 -12.49 -15.39 37.96
CA PRO B 305 -12.26 -16.68 38.61
C PRO B 305 -10.77 -16.93 38.79
N GLU B 306 -10.45 -17.64 39.86
CA GLU B 306 -9.07 -18.02 40.11
C GLU B 306 -8.57 -19.00 39.07
N ASP B 307 -9.48 -19.80 38.53
CA ASP B 307 -9.17 -20.80 37.52
C ASP B 307 -9.98 -20.44 36.28
N TRP B 308 -9.27 -20.12 35.19
CA TRP B 308 -9.93 -19.76 33.93
C TRP B 308 -10.69 -20.94 33.35
N ASN B 309 -10.41 -22.16 33.79
CA ASN B 309 -11.19 -23.31 33.32
C ASN B 309 -12.64 -23.28 33.81
N SER B 310 -12.96 -22.42 34.78
CA SER B 310 -14.33 -22.24 35.27
C SER B 310 -15.26 -21.61 34.24
N LEU B 311 -14.73 -21.01 33.19
CA LEU B 311 -15.52 -20.37 32.15
C LEU B 311 -15.57 -21.23 30.89
N PHE B 312 -16.55 -20.95 30.05
CA PHE B 312 -16.51 -21.47 28.69
C PHE B 312 -15.91 -20.41 27.76
N TRP B 313 -15.43 -20.83 26.57
CA TRP B 313 -14.54 -19.99 25.79
C TRP B 313 -14.89 -19.99 24.30
N ILE B 314 -15.00 -18.80 23.72
CA ILE B 314 -15.14 -18.63 22.27
C ILE B 314 -14.06 -17.65 21.80
N PRO B 315 -12.79 -18.08 21.71
CA PRO B 315 -11.76 -17.23 21.12
C PRO B 315 -11.82 -17.27 19.60
N HIS B 316 -11.56 -16.13 18.98
CA HIS B 316 -11.45 -16.11 17.53
C HIS B 316 -10.24 -16.93 17.10
N PRO B 317 -10.39 -17.86 16.14
CA PRO B 317 -9.24 -18.67 15.68
C PRO B 317 -8.40 -17.98 14.61
N GLY B 318 -7.79 -16.86 14.98
CA GLY B 318 -7.03 -16.08 14.01
C GLY B 318 -5.84 -16.83 13.44
N GLY B 319 -5.27 -17.73 14.22
CA GLY B 319 -4.21 -18.62 13.81
C GLY B 319 -4.07 -19.68 14.87
N ARG B 320 -3.66 -20.90 14.50
CA ARG B 320 -3.53 -21.91 15.54
C ARG B 320 -2.49 -21.53 16.58
N ALA B 321 -1.48 -20.75 16.19
CA ALA B 321 -0.47 -20.29 17.14
C ALA B 321 -1.07 -19.35 18.18
N ILE B 322 -2.01 -18.50 17.78
CA ILE B 322 -2.69 -17.64 18.75
C ILE B 322 -3.42 -18.49 19.79
N LEU B 323 -4.20 -19.46 19.33
CA LEU B 323 -4.94 -20.36 20.22
C LEU B 323 -4.02 -21.10 21.19
N ASP B 324 -2.92 -21.66 20.69
CA ASP B 324 -2.02 -22.43 21.55
C ASP B 324 -1.44 -21.55 22.65
N GLN B 325 -1.00 -20.34 22.30
CA GLN B 325 -0.35 -19.47 23.28
C GLN B 325 -1.35 -18.90 24.28
N VAL B 326 -2.57 -18.58 23.83
CA VAL B 326 -3.58 -18.11 24.78
C VAL B 326 -3.99 -19.23 25.74
N GLU B 327 -4.18 -20.43 25.20
CA GLU B 327 -4.47 -21.58 26.03
C GLU B 327 -3.41 -21.77 27.12
N ALA B 328 -2.13 -21.71 26.72
CA ALA B 328 -1.03 -21.86 27.67
C ALA B 328 -1.03 -20.76 28.72
N LYS B 329 -1.16 -19.50 28.28
CA LYS B 329 -1.15 -18.35 29.19
C LYS B 329 -2.24 -18.44 30.26
N LEU B 330 -3.44 -18.85 29.87
CA LEU B 330 -4.56 -18.93 30.79
C LEU B 330 -4.59 -20.24 31.55
N LYS B 331 -3.63 -21.13 31.30
CA LYS B 331 -3.53 -22.43 31.97
C LYS B 331 -4.79 -23.27 31.73
N LEU B 332 -5.31 -23.21 30.51
CA LEU B 332 -6.53 -23.91 30.17
C LEU B 332 -6.24 -25.37 29.82
N ARG B 333 -7.20 -26.23 30.17
CA ARG B 333 -7.14 -27.62 29.77
C ARG B 333 -7.29 -27.74 28.25
N PRO B 334 -6.79 -28.83 27.66
CA PRO B 334 -6.76 -28.95 26.20
C PRO B 334 -8.12 -28.94 25.52
N GLU B 335 -9.17 -29.36 26.22
CA GLU B 335 -10.51 -29.43 25.65
C GLU B 335 -11.23 -28.09 25.60
N LYS B 336 -10.73 -27.06 26.29
CA LYS B 336 -11.53 -25.85 26.49
C LYS B 336 -11.83 -25.12 25.17
N PHE B 337 -10.91 -25.15 24.20
CA PHE B 337 -11.16 -24.51 22.91
C PHE B 337 -11.67 -25.50 21.86
N ARG B 338 -12.28 -26.61 22.29
CA ARG B 338 -12.79 -27.63 21.37
C ARG B 338 -13.71 -27.03 20.30
N ALA B 339 -14.70 -26.21 20.71
CA ALA B 339 -15.65 -25.69 19.72
C ALA B 339 -14.93 -24.80 18.71
N THR B 340 -14.02 -23.95 19.18
CA THR B 340 -13.26 -23.09 18.27
C THR B 340 -12.44 -23.91 17.29
N ARG B 341 -11.73 -24.93 17.78
CA ARG B 341 -10.87 -25.71 16.89
C ARG B 341 -11.69 -26.54 15.91
N THR B 342 -12.89 -26.94 16.31
CA THR B 342 -13.77 -27.66 15.38
C THR B 342 -14.15 -26.77 14.20
N VAL B 343 -14.52 -25.52 14.48
CA VAL B 343 -14.89 -24.60 13.41
C VAL B 343 -13.69 -24.27 12.53
N LEU B 344 -12.52 -24.06 13.15
CA LEU B 344 -11.33 -23.74 12.36
C LEU B 344 -11.00 -24.88 11.40
N TRP B 345 -11.09 -26.12 11.89
CA TRP B 345 -10.86 -27.30 11.05
C TRP B 345 -11.86 -27.39 9.91
N ASP B 346 -13.15 -27.15 10.20
CA ASP B 346 -14.18 -27.35 9.20
C ASP B 346 -14.26 -26.22 8.21
N CYS B 347 -13.81 -25.01 8.58
CA CYS B 347 -14.13 -23.81 7.81
C CYS B 347 -12.96 -22.89 7.55
N GLY B 348 -11.84 -23.02 8.24
CA GLY B 348 -10.80 -22.02 8.21
C GLY B 348 -11.25 -20.78 8.96
N ASN B 349 -10.48 -19.72 8.75
CA ASN B 349 -10.65 -18.44 9.43
C ASN B 349 -11.58 -17.59 8.55
N MET B 350 -12.86 -17.51 8.93
CA MET B 350 -13.90 -16.76 8.22
C MET B 350 -14.04 -15.33 8.72
N VAL B 351 -12.95 -14.77 9.25
CA VAL B 351 -12.90 -13.40 9.75
C VAL B 351 -14.03 -13.19 10.77
N SER B 352 -14.92 -12.22 10.54
CA SER B 352 -15.88 -11.87 11.59
C SER B 352 -16.86 -12.99 11.89
N ALA B 353 -17.07 -13.90 10.96
CA ALA B 353 -18.08 -14.94 11.17
C ALA B 353 -17.64 -16.05 12.14
N CYS B 354 -16.33 -16.22 12.36
CA CYS B 354 -15.85 -17.40 13.09
C CYS B 354 -16.52 -17.54 14.45
N VAL B 355 -16.44 -16.48 15.28
CA VAL B 355 -16.93 -16.64 16.65
C VAL B 355 -18.43 -16.91 16.68
N LEU B 356 -19.18 -16.44 15.67
CA LEU B 356 -20.62 -16.74 15.64
C LEU B 356 -20.88 -18.19 15.26
N TYR B 357 -20.08 -18.73 14.32
CA TYR B 357 -20.12 -20.16 14.04
C TYR B 357 -19.79 -20.98 15.29
N ILE B 358 -18.80 -20.52 16.07
CA ILE B 358 -18.36 -21.29 17.23
C ILE B 358 -19.44 -21.28 18.32
N LEU B 359 -20.09 -20.13 18.53
CA LEU B 359 -21.23 -20.07 19.43
C LEU B 359 -22.31 -21.06 19.00
N ASP B 360 -22.55 -21.16 17.69
CA ASP B 360 -23.53 -22.12 17.18
C ASP B 360 -23.08 -23.56 17.47
N GLU B 361 -21.81 -23.86 17.19
CA GLU B 361 -21.27 -25.19 17.47
C GLU B 361 -21.35 -25.54 18.94
N MET B 362 -21.01 -24.57 19.81
CA MET B 362 -21.03 -24.82 21.25
C MET B 362 -22.45 -25.11 21.75
N ARG B 363 -23.42 -24.27 21.35
CA ARG B 363 -24.78 -24.48 21.85
C ARG B 363 -25.42 -25.72 21.25
N ARG B 364 -25.07 -26.07 20.01
CA ARG B 364 -25.60 -27.30 19.42
C ARG B 364 -25.02 -28.52 20.11
N LYS B 365 -23.71 -28.53 20.33
CA LYS B 365 -23.07 -29.65 21.02
C LYS B 365 -23.59 -29.78 22.44
N SER B 366 -23.77 -28.65 23.13
CA SER B 366 -24.26 -28.68 24.49
C SER B 366 -25.66 -29.29 24.57
N ALA B 367 -26.48 -29.05 23.53
CA ALA B 367 -27.79 -29.69 23.48
C ALA B 367 -27.68 -31.17 23.13
N ASP B 368 -26.85 -31.51 22.14
CA ASP B 368 -26.63 -32.93 21.82
C ASP B 368 -26.19 -33.72 23.05
N GLU B 369 -25.32 -33.14 23.86
CA GLU B 369 -24.80 -33.83 25.02
C GLU B 369 -25.69 -33.69 26.25
N GLY B 370 -26.85 -33.06 26.13
CA GLY B 370 -27.73 -32.81 27.25
C GLY B 370 -27.10 -32.11 28.43
N LEU B 371 -26.32 -31.06 28.20
CA LEU B 371 -25.65 -30.38 29.29
C LEU B 371 -26.59 -29.39 29.98
N GLU B 372 -26.11 -28.84 31.11
CA GLU B 372 -26.95 -28.00 31.94
C GLU B 372 -27.20 -26.62 31.36
N THR B 373 -26.29 -26.14 30.51
CA THR B 373 -26.42 -24.82 29.90
C THR B 373 -25.96 -24.89 28.45
N TYR B 374 -26.29 -23.86 27.69
CA TYR B 374 -25.80 -23.76 26.31
C TYR B 374 -24.30 -23.56 26.26
N GLY B 375 -23.71 -23.01 27.33
CA GLY B 375 -22.28 -22.82 27.39
C GLY B 375 -21.53 -24.00 28.00
N GLU B 376 -21.64 -25.18 27.40
CA GLU B 376 -20.93 -26.38 27.85
C GLU B 376 -21.24 -26.73 29.31
N GLY B 377 -22.46 -26.42 29.75
CA GLY B 377 -22.87 -26.65 31.11
C GLY B 377 -22.33 -25.66 32.12
N LEU B 378 -21.57 -24.67 31.69
CA LEU B 378 -21.06 -23.67 32.61
C LEU B 378 -21.89 -22.39 32.49
N GLU B 379 -21.84 -21.59 33.56
CA GLU B 379 -22.67 -20.39 33.62
C GLU B 379 -22.03 -19.19 32.96
N TRP B 380 -20.73 -18.97 33.15
CA TRP B 380 -20.10 -17.76 32.62
C TRP B 380 -19.04 -18.10 31.57
N GLY B 381 -18.92 -17.23 30.57
CA GLY B 381 -17.97 -17.52 29.51
C GLY B 381 -17.59 -16.22 28.84
N VAL B 382 -16.56 -16.30 27.98
CA VAL B 382 -16.04 -15.13 27.29
C VAL B 382 -15.85 -15.44 25.81
N LEU B 383 -16.31 -14.53 24.96
CA LEU B 383 -16.05 -14.54 23.53
C LEU B 383 -15.05 -13.43 23.22
N LEU B 384 -14.02 -13.77 22.46
CA LEU B 384 -12.90 -12.86 22.19
C LEU B 384 -12.70 -12.71 20.70
N GLY B 385 -12.65 -11.48 20.23
CA GLY B 385 -12.21 -11.16 18.88
C GLY B 385 -10.83 -10.54 18.95
N PHE B 386 -9.99 -10.88 17.98
CA PHE B 386 -8.62 -10.34 17.90
C PHE B 386 -8.40 -9.86 16.48
N GLY B 387 -7.80 -8.68 16.33
CA GLY B 387 -7.48 -8.23 14.99
C GLY B 387 -6.58 -7.01 14.95
N PRO B 388 -6.61 -6.31 13.82
CA PRO B 388 -5.68 -5.18 13.60
C PRO B 388 -5.77 -4.10 14.66
N GLY B 389 -4.61 -3.55 15.02
CA GLY B 389 -4.54 -2.55 16.06
C GLY B 389 -3.26 -2.55 16.89
N MET B 390 -3.01 -3.63 17.64
CA MET B 390 -3.91 -4.77 17.75
C MET B 390 -5.12 -4.45 18.61
N THR B 391 -6.24 -5.08 18.28
CA THR B 391 -7.51 -4.81 18.95
C THR B 391 -8.05 -6.12 19.51
N VAL B 392 -8.54 -6.06 20.75
CA VAL B 392 -9.21 -7.18 21.40
C VAL B 392 -10.64 -6.77 21.69
N GLU B 393 -11.59 -7.61 21.30
CA GLU B 393 -12.98 -7.46 21.71
C GLU B 393 -13.26 -8.54 22.73
N THR B 394 -13.70 -8.13 23.92
CA THR B 394 -13.92 -9.05 25.04
C THR B 394 -15.40 -8.99 25.38
N ILE B 395 -16.08 -10.12 25.21
CA ILE B 395 -17.52 -10.20 25.41
C ILE B 395 -17.82 -11.19 26.54
N LEU B 396 -18.34 -10.68 27.65
CA LEU B 396 -18.68 -11.51 28.80
C LEU B 396 -20.10 -12.04 28.65
N LEU B 397 -20.23 -13.37 28.58
CA LEU B 397 -21.50 -14.03 28.34
C LEU B 397 -21.97 -14.80 29.57
N HIS B 398 -23.28 -14.76 29.83
CA HIS B 398 -23.91 -15.66 30.80
C HIS B 398 -24.84 -16.57 30.02
N SER B 399 -24.56 -17.88 30.05
CA SER B 399 -25.39 -18.82 29.31
C SER B 399 -26.54 -19.30 30.18
N LEU B 400 -27.62 -19.71 29.52
CA LEU B 400 -28.87 -20.00 30.20
C LEU B 400 -29.18 -21.49 30.21
N PRO B 401 -30.12 -21.92 31.05
CA PRO B 401 -30.49 -23.35 31.08
C PRO B 401 -30.94 -23.84 29.72
N LEU B 402 -30.61 -25.08 29.42
CA LEU B 402 -30.76 -25.61 28.08
C LEU B 402 -32.18 -26.09 27.75
N ASP C 13 29.67 -0.28 -61.05
CA ASP C 13 28.70 -1.06 -60.28
C ASP C 13 27.60 -0.13 -59.75
N VAL C 14 26.45 -0.17 -60.42
CA VAL C 14 25.35 0.72 -60.08
C VAL C 14 24.80 0.40 -58.70
N GLN C 15 24.70 -0.88 -58.34
CA GLN C 15 24.19 -1.19 -57.01
C GLN C 15 25.18 -0.81 -55.93
N GLY C 16 26.48 -0.91 -56.20
CA GLY C 16 27.48 -0.46 -55.25
C GLY C 16 27.38 1.03 -54.98
N ILE C 17 27.17 1.81 -56.04
CA ILE C 17 26.94 3.25 -55.89
C ILE C 17 25.71 3.49 -55.01
N ARG C 18 24.65 2.73 -55.24
CA ARG C 18 23.42 2.91 -54.47
C ARG C 18 23.64 2.60 -53.00
N LYS C 19 24.34 1.50 -52.69
CA LYS C 19 24.55 1.15 -51.29
C LYS C 19 25.39 2.21 -50.59
N ALA C 20 26.37 2.79 -51.31
CA ALA C 20 27.24 3.81 -50.73
C ALA C 20 26.52 5.15 -50.60
N GLN C 21 25.54 5.40 -51.47
CA GLN C 21 24.88 6.70 -51.55
C GLN C 21 23.89 6.94 -50.42
N ARG C 22 23.21 5.90 -49.93
CA ARG C 22 22.10 6.06 -49.02
C ARG C 22 22.52 6.03 -47.56
N ALA C 23 21.66 6.60 -46.71
CA ALA C 23 21.89 6.64 -45.27
C ALA C 23 21.49 5.32 -44.62
N ASP C 24 21.86 5.17 -43.35
CA ASP C 24 21.57 3.94 -42.60
C ASP C 24 20.28 4.04 -41.80
N GLY C 25 20.13 5.10 -41.00
CA GLY C 25 19.08 5.16 -40.00
C GLY C 25 17.92 6.08 -40.37
N THR C 26 17.03 6.23 -39.40
CA THR C 26 15.78 6.95 -39.62
C THR C 26 15.98 8.46 -39.56
N ALA C 27 15.25 9.18 -40.39
CA ALA C 27 15.39 10.63 -40.41
C ALA C 27 14.99 11.18 -39.05
N THR C 28 15.81 12.09 -38.52
CA THR C 28 15.65 12.59 -37.16
C THR C 28 15.69 14.11 -37.11
N VAL C 29 14.69 14.70 -36.44
CA VAL C 29 14.68 16.12 -36.13
C VAL C 29 15.72 16.38 -35.05
N MET C 30 16.67 17.28 -35.33
CA MET C 30 17.77 17.54 -34.41
C MET C 30 17.96 19.02 -34.08
N ALA C 31 17.10 19.91 -34.58
CA ALA C 31 17.14 21.33 -34.24
C ALA C 31 15.83 21.96 -34.67
N ILE C 32 15.36 22.95 -33.91
CA ILE C 32 14.15 23.69 -34.24
C ILE C 32 14.35 25.17 -33.89
N GLY C 33 14.10 26.05 -34.87
CA GLY C 33 14.16 27.48 -34.64
C GLY C 33 12.92 28.16 -35.18
N THR C 34 12.50 29.25 -34.51
CA THR C 34 11.29 29.96 -34.92
C THR C 34 11.50 31.47 -34.92
N ALA C 35 10.61 32.18 -35.63
CA ALA C 35 10.72 33.62 -35.75
C ALA C 35 9.36 34.20 -36.10
N HIS C 36 9.02 35.36 -35.51
CA HIS C 36 7.81 36.11 -35.83
C HIS C 36 8.17 37.47 -36.41
N PRO C 37 7.31 38.04 -37.25
CA PRO C 37 7.45 39.47 -37.55
C PRO C 37 7.10 40.30 -36.32
N PRO C 38 7.36 41.63 -36.32
CA PRO C 38 7.43 42.35 -35.04
C PRO C 38 6.13 42.87 -34.42
N HIS C 39 5.03 42.97 -35.15
CA HIS C 39 3.85 43.71 -34.67
C HIS C 39 2.85 42.73 -34.05
N ILE C 40 2.53 42.95 -32.77
CA ILE C 40 1.65 42.07 -32.01
C ILE C 40 0.25 42.63 -32.00
N PHE C 41 -0.74 41.80 -32.34
CA PHE C 41 -2.15 42.18 -32.33
C PHE C 41 -2.90 41.34 -31.31
N PRO C 42 -3.24 41.90 -30.14
CA PRO C 42 -4.08 41.17 -29.20
C PRO C 42 -5.43 40.81 -29.82
N GLN C 43 -5.88 39.60 -29.53
CA GLN C 43 -7.16 39.15 -30.09
C GLN C 43 -8.34 39.89 -29.47
N ASP C 44 -8.24 40.33 -28.22
CA ASP C 44 -9.43 40.90 -27.60
C ASP C 44 -9.77 42.27 -28.16
N THR C 45 -8.86 42.91 -28.90
CA THR C 45 -9.17 44.15 -29.59
C THR C 45 -9.11 44.02 -31.10
N TYR C 46 -8.98 42.79 -31.63
CA TYR C 46 -8.77 42.62 -33.07
C TYR C 46 -9.98 43.10 -33.87
N ALA C 47 -11.18 42.76 -33.41
CA ALA C 47 -12.38 43.16 -34.16
C ALA C 47 -12.44 44.67 -34.32
N ASP C 48 -12.06 45.41 -33.28
CA ASP C 48 -11.98 46.86 -33.36
C ASP C 48 -10.97 47.30 -34.40
N PHE C 49 -9.74 46.78 -34.33
CA PHE C 49 -8.72 47.15 -35.31
C PHE C 49 -9.20 46.84 -36.72
N TYR C 50 -9.72 45.63 -36.93
CA TYR C 50 -10.03 45.15 -38.28
C TYR C 50 -11.12 45.99 -38.93
N PHE C 51 -12.22 46.24 -38.21
CA PHE C 51 -13.30 47.03 -38.81
C PHE C 51 -12.91 48.48 -39.00
N ARG C 52 -12.00 48.99 -38.19
CA ARG C 52 -11.49 50.35 -38.40
C ARG C 52 -10.57 50.39 -39.62
N ALA C 53 -9.61 49.46 -39.70
CA ALA C 53 -8.64 49.50 -40.78
C ALA C 53 -9.26 49.20 -42.13
N THR C 54 -10.37 48.48 -42.18
CA THR C 54 -11.07 48.19 -43.42
C THR C 54 -12.23 49.14 -43.69
N ASN C 55 -12.37 50.19 -42.88
CA ASN C 55 -13.39 51.22 -43.07
C ASN C 55 -14.79 50.62 -43.11
N SER C 56 -15.07 49.71 -42.17
CA SER C 56 -16.28 48.91 -42.19
C SER C 56 -17.14 49.12 -40.96
N GLU C 57 -16.92 50.19 -40.20
CA GLU C 57 -17.70 50.37 -38.97
C GLU C 57 -19.19 50.61 -39.22
N HIS C 58 -19.61 50.91 -40.45
CA HIS C 58 -21.05 50.96 -40.69
C HIS C 58 -21.69 49.58 -40.63
N LYS C 59 -20.90 48.51 -40.82
CA LYS C 59 -21.40 47.15 -40.78
C LYS C 59 -21.49 46.67 -39.32
N VAL C 60 -22.52 47.17 -38.62
CA VAL C 60 -22.57 47.06 -37.17
C VAL C 60 -22.87 45.63 -36.74
N GLU C 61 -23.83 44.96 -37.40
CA GLU C 61 -24.14 43.59 -37.00
C GLU C 61 -23.03 42.65 -37.41
N LEU C 62 -22.40 42.93 -38.55
CA LEU C 62 -21.20 42.20 -38.94
C LEU C 62 -20.14 42.23 -37.86
N LYS C 63 -19.83 43.43 -37.38
CA LYS C 63 -18.80 43.56 -36.37
C LYS C 63 -19.15 42.79 -35.11
N LYS C 64 -20.41 42.85 -34.68
CA LYS C 64 -20.78 42.10 -33.48
C LYS C 64 -20.57 40.59 -33.69
N LYS C 65 -20.98 40.09 -34.85
CA LYS C 65 -20.72 38.69 -35.19
C LYS C 65 -19.23 38.39 -35.16
N PHE C 66 -18.42 39.28 -35.76
CA PHE C 66 -16.97 39.04 -35.86
C PHE C 66 -16.31 39.08 -34.48
N ASP C 67 -16.74 39.99 -33.61
CA ASP C 67 -16.20 40.01 -32.25
C ASP C 67 -16.54 38.74 -31.49
N ARG C 68 -17.76 38.23 -31.67
CA ARG C 68 -18.13 36.96 -31.05
C ARG C 68 -17.27 35.83 -31.56
N ILE C 69 -16.95 35.84 -32.85
CA ILE C 69 -16.12 34.79 -33.42
C ILE C 69 -14.70 34.87 -32.84
N CYS C 70 -14.14 36.08 -32.76
CA CYS C 70 -12.79 36.23 -32.24
C CYS C 70 -12.68 35.74 -30.80
N LYS C 71 -13.72 35.98 -29.99
CA LYS C 71 -13.76 35.47 -28.62
C LYS C 71 -13.73 33.95 -28.56
N LYS C 72 -14.23 33.27 -29.59
CA LYS C 72 -14.30 31.81 -29.58
C LYS C 72 -13.05 31.13 -30.13
N THR C 73 -12.11 31.89 -30.66
CA THR C 73 -10.98 31.28 -31.36
C THR C 73 -9.99 30.57 -30.45
N MET C 74 -9.96 30.89 -29.16
CA MET C 74 -8.89 30.45 -28.27
C MET C 74 -7.53 30.94 -28.76
N ILE C 75 -7.51 32.09 -29.45
CA ILE C 75 -6.28 32.78 -29.83
C ILE C 75 -6.12 34.01 -28.94
N GLY C 76 -4.95 34.14 -28.30
CA GLY C 76 -4.68 35.31 -27.47
C GLY C 76 -4.15 36.51 -28.23
N LYS C 77 -3.22 36.26 -29.16
CA LYS C 77 -2.61 37.32 -29.93
C LYS C 77 -2.03 36.70 -31.20
N ARG C 78 -1.73 37.56 -32.18
CA ARG C 78 -1.07 37.13 -33.41
C ARG C 78 0.00 38.15 -33.77
N TYR C 79 0.98 37.71 -34.55
CA TYR C 79 2.06 38.55 -35.04
C TYR C 79 1.88 38.83 -36.53
N PHE C 80 2.18 40.06 -36.96
CA PHE C 80 2.09 40.44 -38.36
C PHE C 80 3.29 41.29 -38.76
N ASN C 81 3.59 41.30 -40.06
CA ASN C 81 4.65 42.15 -40.59
C ASN C 81 4.15 43.53 -40.98
N TYR C 82 2.95 43.90 -40.54
CA TYR C 82 2.38 45.20 -40.82
C TYR C 82 1.69 45.71 -39.56
N ASP C 83 1.55 47.02 -39.47
CA ASP C 83 0.75 47.61 -38.42
C ASP C 83 -0.37 48.41 -39.07
N GLU C 84 -1.17 49.08 -38.24
CA GLU C 84 -2.31 49.83 -38.77
C GLU C 84 -1.84 50.93 -39.70
N GLU C 85 -0.77 51.64 -39.34
CA GLU C 85 -0.27 52.71 -40.20
C GLU C 85 0.16 52.18 -41.56
N PHE C 86 0.83 51.02 -41.59
CA PHE C 86 1.25 50.41 -42.85
C PHE C 86 0.08 50.20 -43.81
N LEU C 87 -1.04 49.67 -43.31
CA LEU C 87 -2.16 49.34 -44.18
C LEU C 87 -2.80 50.58 -44.81
N LYS C 88 -2.67 51.76 -44.19
CA LYS C 88 -3.28 52.95 -44.77
C LYS C 88 -2.73 53.27 -46.16
N LYS C 89 -1.53 52.77 -46.46
CA LYS C 89 -0.91 52.90 -47.77
C LYS C 89 -1.54 52.00 -48.82
N TYR C 90 -2.36 51.02 -48.42
CA TYR C 90 -2.91 50.03 -49.34
C TYR C 90 -4.43 49.93 -49.19
N PRO C 91 -5.17 50.94 -49.65
CA PRO C 91 -6.64 50.83 -49.60
C PRO C 91 -7.18 49.72 -50.46
N ASN C 92 -6.44 49.27 -51.47
CA ASN C 92 -6.84 48.10 -52.25
C ASN C 92 -6.77 46.82 -51.43
N ILE C 93 -5.75 46.69 -50.57
CA ILE C 93 -5.63 45.48 -49.76
C ILE C 93 -6.73 45.41 -48.70
N THR C 94 -7.08 46.54 -48.10
CA THR C 94 -8.12 46.55 -47.08
C THR C 94 -9.54 46.59 -47.64
N SER C 95 -9.71 46.71 -48.96
CA SER C 95 -11.02 46.51 -49.57
C SER C 95 -11.36 45.02 -49.57
N PHE C 96 -12.50 44.66 -50.17
CA PHE C 96 -12.77 43.24 -50.29
C PHE C 96 -12.03 42.63 -51.49
N ASP C 97 -12.12 43.25 -52.65
CA ASP C 97 -11.55 42.61 -53.83
C ASP C 97 -11.13 43.57 -54.94
N GLU C 98 -10.64 44.75 -54.59
CA GLU C 98 -9.99 45.58 -55.58
C GLU C 98 -8.69 44.91 -56.01
N PRO C 99 -8.17 45.25 -57.19
CA PRO C 99 -6.91 44.64 -57.63
C PRO C 99 -5.81 44.94 -56.64
N SER C 100 -5.11 43.88 -56.21
CA SER C 100 -4.14 44.03 -55.13
C SER C 100 -3.04 42.98 -55.13
N LEU C 101 -3.08 41.99 -56.04
CA LEU C 101 -2.08 40.93 -56.00
C LEU C 101 -0.67 41.48 -56.19
N ASN C 102 -0.51 42.46 -57.08
CA ASN C 102 0.84 42.99 -57.32
C ASN C 102 1.43 43.57 -56.05
N ASP C 103 0.65 44.38 -55.32
CA ASP C 103 1.16 44.93 -54.06
C ASP C 103 1.46 43.83 -53.06
N ARG C 104 0.58 42.83 -52.96
CA ARG C 104 0.81 41.73 -52.01
C ARG C 104 2.07 40.95 -52.37
N GLN C 105 2.28 40.66 -53.65
CA GLN C 105 3.48 39.98 -54.09
C GLN C 105 4.72 40.81 -53.79
N ASP C 106 4.65 42.12 -54.03
CA ASP C 106 5.81 42.96 -53.75
C ASP C 106 6.25 42.86 -52.31
N ILE C 107 5.32 42.57 -51.40
CA ILE C 107 5.62 42.37 -49.99
C ILE C 107 6.06 40.94 -49.70
N CYS C 108 5.29 39.96 -50.18
CA CYS C 108 5.46 38.57 -49.77
C CYS C 108 6.62 37.87 -50.49
N VAL C 109 6.86 38.22 -51.76
CA VAL C 109 7.94 37.54 -52.49
C VAL C 109 9.29 37.74 -51.81
N PRO C 110 9.69 38.96 -51.38
CA PRO C 110 10.92 39.09 -50.60
C PRO C 110 10.71 38.79 -49.11
N GLY C 111 9.51 39.08 -48.60
CA GLY C 111 9.31 39.06 -47.16
C GLY C 111 9.28 37.65 -46.58
N VAL C 112 8.69 36.70 -47.30
CA VAL C 112 8.56 35.33 -46.80
C VAL C 112 9.92 34.63 -46.70
N PRO C 113 10.77 34.65 -47.73
CA PRO C 113 12.10 34.05 -47.53
C PRO C 113 12.91 34.76 -46.46
N ALA C 114 12.74 36.07 -46.27
CA ALA C 114 13.47 36.76 -45.22
C ALA C 114 13.07 36.26 -43.84
N LEU C 115 11.76 36.17 -43.58
CA LEU C 115 11.31 35.65 -42.29
C LEU C 115 11.74 34.20 -42.11
N GLY C 116 11.56 33.39 -43.14
CA GLY C 116 12.04 32.02 -43.08
C GLY C 116 13.52 31.91 -42.78
N ALA C 117 14.33 32.77 -43.41
CA ALA C 117 15.77 32.73 -43.14
C ALA C 117 16.07 33.04 -41.68
N GLU C 118 15.30 33.96 -41.06
CA GLU C 118 15.55 34.28 -39.65
C GLU C 118 15.33 33.08 -38.76
N ALA C 119 14.26 32.32 -39.02
CA ALA C 119 14.04 31.07 -38.28
C ALA C 119 15.14 30.08 -38.57
N ALA C 120 15.59 30.00 -39.83
CA ALA C 120 16.65 29.06 -40.21
C ALA C 120 17.94 29.36 -39.46
N VAL C 121 18.27 30.64 -39.33
CA VAL C 121 19.51 30.98 -38.64
C VAL C 121 19.50 30.44 -37.22
N LYS C 122 18.34 30.50 -36.54
CA LYS C 122 18.24 30.00 -35.18
C LYS C 122 18.36 28.47 -35.12
N ALA C 123 17.72 27.77 -36.05
CA ALA C 123 17.85 26.32 -36.09
C ALA C 123 19.30 25.91 -36.35
N ILE C 124 19.98 26.60 -37.27
CA ILE C 124 21.36 26.28 -37.58
C ILE C 124 22.26 26.54 -36.39
N ALA C 125 21.95 27.60 -35.61
CA ALA C 125 22.74 27.91 -34.43
C ALA C 125 22.60 26.81 -33.39
N GLU C 126 21.37 26.34 -33.16
CA GLU C 126 21.15 25.24 -32.22
C GLU C 126 21.85 23.98 -32.70
N TRP C 127 21.72 23.68 -34.00
CA TRP C 127 22.39 22.52 -34.60
C TRP C 127 23.89 22.56 -34.36
N GLY C 128 24.51 23.72 -34.60
CA GLY C 128 25.91 23.94 -34.25
C GLY C 128 26.93 23.48 -35.25
N ARG C 129 26.51 22.92 -36.38
CA ARG C 129 27.47 22.60 -37.44
C ARG C 129 27.47 23.68 -38.52
N PRO C 130 28.50 23.72 -39.37
CA PRO C 130 28.56 24.78 -40.39
C PRO C 130 27.42 24.65 -41.38
N LYS C 131 26.88 25.81 -41.80
CA LYS C 131 25.82 25.82 -42.81
C LYS C 131 26.25 25.17 -44.12
N SER C 132 27.56 25.12 -44.40
CA SER C 132 28.00 24.46 -45.62
C SER C 132 27.71 22.97 -45.61
N GLU C 133 27.34 22.40 -44.46
CA GLU C 133 27.04 20.98 -44.33
C GLU C 133 25.57 20.67 -44.61
N ILE C 134 24.76 21.71 -44.82
CA ILE C 134 23.37 21.53 -45.26
C ILE C 134 23.37 21.13 -46.74
N THR C 135 22.75 19.97 -47.04
CA THR C 135 22.74 19.44 -48.39
C THR C 135 21.42 19.60 -49.12
N HIS C 136 20.33 19.84 -48.38
CA HIS C 136 18.98 19.92 -48.93
C HIS C 136 18.24 21.05 -48.23
N LEU C 137 17.42 21.78 -48.98
CA LEU C 137 16.54 22.79 -48.40
C LEU C 137 15.12 22.51 -48.85
N VAL C 138 14.20 22.32 -47.89
CA VAL C 138 12.77 22.22 -48.16
C VAL C 138 12.15 23.51 -47.66
N PHE C 139 11.67 24.35 -48.59
CA PHE C 139 11.08 25.63 -48.25
C PHE C 139 9.58 25.60 -48.54
N CYS C 140 8.77 26.07 -47.58
CA CYS C 140 7.32 25.93 -47.66
C CYS C 140 6.65 27.26 -47.35
N THR C 141 5.78 27.70 -48.26
CA THR C 141 4.91 28.84 -47.99
C THR C 141 3.66 28.77 -48.85
N SER C 142 2.55 29.31 -48.33
CA SER C 142 1.36 29.56 -49.13
C SER C 142 1.17 31.06 -49.42
N CYS C 143 2.20 31.87 -49.21
CA CYS C 143 2.08 33.33 -49.24
C CYS C 143 3.03 33.89 -50.31
N GLY C 144 2.54 33.94 -51.53
CA GLY C 144 3.31 34.47 -52.65
C GLY C 144 3.99 33.38 -53.45
N VAL C 145 4.18 33.67 -54.75
CA VAL C 145 4.91 32.77 -55.65
C VAL C 145 5.75 33.62 -56.61
N ASP C 146 6.87 33.06 -57.07
CA ASP C 146 7.80 33.83 -57.92
C ASP C 146 8.76 32.84 -58.60
N MET C 147 9.41 33.31 -59.67
CA MET C 147 10.43 32.49 -60.37
C MET C 147 11.66 33.35 -60.61
N PRO C 148 12.84 33.00 -60.06
CA PRO C 148 13.11 31.86 -59.16
C PRO C 148 12.34 31.98 -57.85
N SER C 149 12.11 30.84 -57.21
CA SER C 149 11.09 30.75 -56.18
C SER C 149 11.69 30.99 -54.79
N ALA C 150 10.81 30.92 -53.78
CA ALA C 150 11.19 31.33 -52.44
C ALA C 150 12.36 30.51 -51.88
N ASP C 151 12.48 29.24 -52.28
CA ASP C 151 13.61 28.42 -51.83
C ASP C 151 14.92 29.01 -52.33
N PHE C 152 14.95 29.46 -53.59
CA PHE C 152 16.14 30.13 -54.12
C PHE C 152 16.50 31.33 -53.26
N GLN C 153 15.50 32.16 -52.92
CA GLN C 153 15.78 33.40 -52.18
C GLN C 153 16.27 33.09 -50.78
N CYS C 154 15.64 32.12 -50.11
CA CYS C 154 16.08 31.73 -48.78
C CYS C 154 17.52 31.22 -48.79
N ALA C 155 17.82 30.32 -49.74
CA ALA C 155 19.17 29.78 -49.84
C ALA C 155 20.19 30.89 -50.09
N LYS C 156 19.83 31.86 -50.94
CA LYS C 156 20.71 33.00 -51.20
C LYS C 156 20.96 33.80 -49.92
N LEU C 157 19.89 34.16 -49.21
CA LEU C 157 20.03 34.94 -47.98
C LEU C 157 20.92 34.24 -46.97
N LEU C 158 20.84 32.91 -46.90
CA LEU C 158 21.58 32.14 -45.92
C LEU C 158 23.02 31.84 -46.36
N GLY C 159 23.34 32.02 -47.63
CA GLY C 159 24.66 31.64 -48.14
C GLY C 159 24.90 30.15 -48.15
N LEU C 160 23.88 29.36 -48.47
CA LEU C 160 24.03 27.92 -48.58
C LEU C 160 24.91 27.59 -49.78
N ARG C 161 25.44 26.36 -49.80
CA ARG C 161 26.24 25.96 -50.95
C ARG C 161 25.42 26.02 -52.24
N THR C 162 26.11 26.28 -53.35
CA THR C 162 25.38 26.55 -54.58
C THR C 162 24.72 25.28 -55.12
N ASN C 163 25.22 24.09 -54.73
CA ASN C 163 24.61 22.85 -55.19
C ASN C 163 23.78 22.17 -54.10
N VAL C 164 23.15 22.95 -53.22
CA VAL C 164 22.13 22.43 -52.32
C VAL C 164 20.90 22.02 -53.13
N ASN C 165 20.34 20.84 -52.82
CA ASN C 165 19.12 20.39 -53.50
C ASN C 165 17.91 21.03 -52.82
N LYS C 166 17.15 21.80 -53.59
CA LYS C 166 16.06 22.60 -53.04
C LYS C 166 14.71 22.05 -53.46
N TYR C 167 13.72 22.28 -52.60
CA TYR C 167 12.37 21.76 -52.73
C TYR C 167 11.45 22.88 -52.32
N CYS C 168 10.65 23.39 -53.25
CA CYS C 168 9.78 24.53 -52.99
C CYS C 168 8.36 24.00 -52.88
N VAL C 169 7.81 24.05 -51.66
CA VAL C 169 6.51 23.50 -51.34
C VAL C 169 5.57 24.70 -51.30
N TYR C 170 4.99 25.02 -52.45
CA TYR C 170 4.13 26.19 -52.60
C TYR C 170 2.68 25.76 -52.47
N MET C 171 1.89 26.55 -51.74
CA MET C 171 0.42 26.52 -51.81
C MET C 171 -0.15 25.20 -51.34
N GLN C 172 0.49 24.61 -50.33
CA GLN C 172 -0.03 23.42 -49.68
C GLN C 172 -0.79 23.73 -48.41
N GLY C 173 -0.95 25.01 -48.05
CA GLY C 173 -1.88 25.41 -47.00
C GLY C 173 -1.60 24.81 -45.63
N CYS C 174 -2.69 24.54 -44.91
CA CYS C 174 -2.60 24.18 -43.50
C CYS C 174 -2.12 22.76 -43.23
N TYR C 175 -2.02 21.90 -44.23
CA TYR C 175 -1.44 20.59 -43.98
C TYR C 175 0.06 20.55 -44.24
N ALA C 176 0.63 21.66 -44.72
CA ALA C 176 1.97 21.63 -45.26
C ALA C 176 3.06 21.47 -44.20
N GLY C 177 2.78 21.78 -42.93
CA GLY C 177 3.71 21.42 -41.87
C GLY C 177 3.97 19.92 -41.83
N GLY C 178 2.94 19.12 -42.07
CA GLY C 178 3.16 17.69 -42.22
C GLY C 178 3.87 17.36 -43.52
N THR C 179 3.49 18.04 -44.60
CA THR C 179 4.10 17.77 -45.89
C THR C 179 5.62 17.90 -45.84
N VAL C 180 6.12 18.97 -45.21
CA VAL C 180 7.57 19.16 -45.24
C VAL C 180 8.28 18.07 -44.42
N MET C 181 7.65 17.54 -43.36
CA MET C 181 8.25 16.41 -42.66
C MET C 181 8.28 15.19 -43.56
N ARG C 182 7.23 15.00 -44.34
CA ARG C 182 7.20 13.87 -45.29
C ARG C 182 8.33 13.98 -46.33
N TYR C 183 8.55 15.18 -46.89
CA TYR C 183 9.67 15.36 -47.79
C TYR C 183 10.99 15.06 -47.10
N ALA C 184 11.18 15.65 -45.91
CA ALA C 184 12.48 15.56 -45.25
C ALA C 184 12.84 14.11 -44.92
N LYS C 185 11.84 13.30 -44.60
CA LYS C 185 12.08 11.89 -44.31
C LYS C 185 12.85 11.22 -45.44
N ASP C 186 12.33 11.30 -46.67
CA ASP C 186 12.95 10.55 -47.75
C ASP C 186 14.26 11.17 -48.17
N LEU C 187 14.37 12.50 -48.08
CA LEU C 187 15.62 13.12 -48.47
C LEU C 187 16.75 12.72 -47.53
N ALA C 188 16.50 12.76 -46.20
CA ALA C 188 17.56 12.44 -45.25
C ALA C 188 17.93 10.96 -45.31
N GLU C 189 16.92 10.10 -45.43
CA GLU C 189 17.13 8.66 -45.31
C GLU C 189 17.78 8.08 -46.55
N ASN C 190 17.57 8.68 -47.72
CA ASN C 190 18.14 8.11 -48.93
C ASN C 190 19.53 8.64 -49.27
N ASN C 191 20.10 9.52 -48.44
CA ASN C 191 21.33 10.21 -48.83
C ASN C 191 22.29 10.25 -47.64
N ARG C 192 23.35 9.46 -47.71
CA ARG C 192 24.31 9.40 -46.60
C ARG C 192 24.88 10.79 -46.33
N GLY C 193 24.86 11.17 -45.06
CA GLY C 193 25.39 12.45 -44.64
C GLY C 193 24.49 13.63 -44.88
N ALA C 194 23.37 13.44 -45.59
CA ALA C 194 22.48 14.57 -45.89
C ALA C 194 21.94 15.21 -44.63
N ARG C 195 21.91 16.53 -44.64
CA ARG C 195 21.27 17.33 -43.60
C ARG C 195 20.28 18.27 -44.26
N VAL C 196 19.01 18.11 -43.92
CA VAL C 196 17.90 18.80 -44.56
C VAL C 196 17.50 19.98 -43.71
N LEU C 197 17.62 21.17 -44.29
CA LEU C 197 17.08 22.38 -43.68
C LEU C 197 15.63 22.49 -44.14
N VAL C 198 14.71 22.47 -43.19
CA VAL C 198 13.29 22.63 -43.46
C VAL C 198 12.87 24.01 -43.00
N VAL C 199 12.22 24.77 -43.88
CA VAL C 199 11.75 26.10 -43.51
C VAL C 199 10.29 26.25 -43.92
N CYS C 200 9.44 26.65 -42.97
CA CYS C 200 8.05 27.03 -43.20
C CYS C 200 7.88 28.50 -42.84
N ALA C 201 7.36 29.30 -43.76
CA ALA C 201 7.23 30.72 -43.46
C ALA C 201 5.97 31.27 -44.11
N GLU C 202 5.22 32.09 -43.37
CA GLU C 202 3.93 32.57 -43.84
C GLU C 202 3.75 34.04 -43.48
N LEU C 203 3.31 34.83 -44.48
CA LEU C 203 2.95 36.23 -44.31
C LEU C 203 1.53 36.39 -44.84
N THR C 204 0.55 36.45 -43.92
CA THR C 204 -0.86 36.32 -44.29
C THR C 204 -1.42 37.53 -45.03
N ILE C 205 -0.66 38.63 -45.16
CA ILE C 205 -1.12 39.75 -45.97
C ILE C 205 -1.38 39.35 -47.43
N ILE C 206 -0.95 38.16 -47.85
CA ILE C 206 -1.30 37.64 -49.17
C ILE C 206 -2.82 37.53 -49.30
N GLY C 207 -3.53 37.36 -48.19
CA GLY C 207 -4.96 37.11 -48.23
C GLY C 207 -5.82 38.06 -47.41
N LEU C 208 -5.18 38.96 -46.64
CA LEU C 208 -5.95 39.90 -45.83
C LEU C 208 -6.87 40.73 -46.71
N ARG C 209 -8.13 40.86 -46.29
CA ARG C 209 -9.06 41.71 -47.03
C ARG C 209 -10.23 42.09 -46.14
N GLY C 210 -10.97 43.11 -46.58
CA GLY C 210 -12.11 43.62 -45.85
C GLY C 210 -13.29 42.66 -45.86
N PRO C 211 -14.26 42.94 -45.00
CA PRO C 211 -15.40 42.03 -44.87
C PRO C 211 -16.49 42.31 -45.89
N ASN C 212 -17.11 41.20 -46.32
CA ASN C 212 -18.27 41.21 -47.20
C ASN C 212 -19.25 40.19 -46.64
N GLU C 213 -20.49 40.64 -46.44
CA GLU C 213 -21.61 39.88 -45.83
C GLU C 213 -22.13 38.77 -46.67
N SER C 214 -21.81 38.75 -47.95
CA SER C 214 -22.10 37.56 -48.72
C SER C 214 -20.96 36.53 -48.64
N HIS C 215 -19.90 36.77 -47.86
CA HIS C 215 -18.76 35.85 -47.75
C HIS C 215 -18.25 35.85 -46.31
N LEU C 216 -19.10 35.37 -45.40
CA LEU C 216 -18.76 35.37 -43.99
C LEU C 216 -17.61 34.41 -43.69
N ASP C 217 -17.53 33.31 -44.43
CA ASP C 217 -16.43 32.35 -44.27
C ASP C 217 -15.08 33.01 -44.56
N ASN C 218 -15.00 33.74 -45.67
CA ASN C 218 -13.77 34.49 -45.97
C ASN C 218 -13.41 35.44 -44.85
N ALA C 219 -14.42 36.11 -44.27
CA ALA C 219 -14.16 37.04 -43.17
C ALA C 219 -13.62 36.31 -41.94
N ILE C 220 -14.13 35.09 -41.68
CA ILE C 220 -13.66 34.33 -40.52
C ILE C 220 -12.15 34.06 -40.59
N GLY C 221 -11.62 33.84 -41.79
CA GLY C 221 -10.18 33.74 -41.98
C GLY C 221 -9.36 34.81 -41.26
N ASN C 222 -9.85 36.05 -41.29
CA ASN C 222 -9.10 37.13 -40.63
C ASN C 222 -9.13 37.01 -39.12
N SER C 223 -9.93 36.11 -38.56
CA SER C 223 -9.89 35.87 -37.13
C SER C 223 -8.89 34.78 -36.73
N LEU C 224 -8.38 34.01 -37.69
CA LEU C 224 -7.58 32.83 -37.40
C LEU C 224 -6.10 33.02 -37.72
N PHE C 225 -5.77 33.54 -38.90
CA PHE C 225 -4.42 33.40 -39.42
C PHE C 225 -3.49 34.48 -38.90
N GLY C 226 -2.28 34.04 -38.52
CA GLY C 226 -1.22 34.94 -38.11
C GLY C 226 0.07 34.56 -38.81
N ASP C 227 1.06 35.45 -38.68
CA ASP C 227 2.34 35.25 -39.35
C ASP C 227 3.32 34.49 -38.46
N GLY C 228 4.29 33.85 -39.10
CA GLY C 228 5.35 33.14 -38.38
C GLY C 228 6.19 32.26 -39.29
N ALA C 229 7.36 31.85 -38.79
CA ALA C 229 8.24 30.95 -39.52
C ALA C 229 8.88 29.98 -38.54
N ALA C 230 9.10 28.76 -39.01
CA ALA C 230 9.78 27.76 -38.19
C ALA C 230 10.73 26.97 -39.08
N ALA C 231 11.82 26.50 -38.49
CA ALA C 231 12.82 25.79 -39.28
C ALA C 231 13.33 24.58 -38.49
N LEU C 232 13.67 23.52 -39.23
CA LEU C 232 14.20 22.29 -38.67
C LEU C 232 15.52 21.95 -39.34
N ILE C 233 16.35 21.21 -38.64
CA ILE C 233 17.39 20.41 -39.25
C ILE C 233 16.99 18.96 -39.09
N VAL C 234 16.92 18.23 -40.21
CA VAL C 234 16.54 16.83 -40.20
C VAL C 234 17.69 16.04 -40.83
N GLY C 235 18.07 14.93 -40.21
CA GLY C 235 19.11 14.10 -40.78
C GLY C 235 19.05 12.71 -40.23
N SER C 236 19.54 11.76 -41.02
CA SER C 236 19.75 10.40 -40.53
C SER C 236 21.15 10.26 -39.96
N ASP C 237 21.32 9.25 -39.09
CA ASP C 237 22.62 8.91 -38.51
C ASP C 237 23.20 10.09 -37.73
N PRO C 238 22.59 10.49 -36.62
CA PRO C 238 23.10 11.65 -35.87
C PRO C 238 24.51 11.41 -35.34
N ILE C 239 25.30 12.48 -35.34
CA ILE C 239 26.68 12.39 -34.87
C ILE C 239 26.67 12.48 -33.35
N ILE C 240 27.07 11.40 -32.69
CA ILE C 240 26.90 11.35 -31.25
C ILE C 240 27.92 12.28 -30.62
N GLY C 241 27.50 13.01 -29.58
CA GLY C 241 28.32 14.05 -29.01
C GLY C 241 28.25 15.39 -29.69
N VAL C 242 27.69 15.48 -30.91
CA VAL C 242 27.62 16.72 -31.66
C VAL C 242 26.17 17.13 -31.92
N GLU C 243 25.38 16.23 -32.47
CA GLU C 243 24.01 16.52 -32.83
C GLU C 243 23.04 16.06 -31.74
N LYS C 244 21.85 16.66 -31.75
CA LYS C 244 20.86 16.44 -30.68
C LYS C 244 19.62 15.75 -31.24
N PRO C 245 19.61 14.42 -31.36
CA PRO C 245 18.44 13.75 -31.96
C PRO C 245 17.24 13.75 -31.03
N MET C 246 16.09 14.17 -31.56
CA MET C 246 14.88 14.34 -30.76
C MET C 246 13.70 13.52 -31.24
N PHE C 247 13.35 13.59 -32.52
CA PHE C 247 12.19 12.87 -33.04
C PHE C 247 12.58 12.15 -34.31
N GLU C 248 12.29 10.86 -34.39
CA GLU C 248 12.53 10.07 -35.60
C GLU C 248 11.25 9.98 -36.43
N ILE C 249 11.36 10.28 -37.71
CA ILE C 249 10.21 10.32 -38.62
C ILE C 249 10.08 8.92 -39.21
N VAL C 250 9.21 8.10 -38.61
CA VAL C 250 9.17 6.67 -38.93
C VAL C 250 8.31 6.39 -40.15
N CYS C 251 7.16 7.08 -40.28
CA CYS C 251 6.23 6.83 -41.38
C CYS C 251 5.49 8.13 -41.67
N ALA C 252 5.24 8.41 -42.94
CA ALA C 252 4.65 9.69 -43.33
C ALA C 252 3.74 9.46 -44.52
N LYS C 253 2.43 9.74 -44.38
CA LYS C 253 1.47 9.44 -45.42
C LYS C 253 0.45 10.57 -45.56
N GLN C 254 0.12 10.91 -46.81
CA GLN C 254 -0.87 11.92 -47.12
C GLN C 254 -2.16 11.24 -47.55
N THR C 255 -3.30 11.74 -47.09
CA THR C 255 -4.58 11.13 -47.40
C THR C 255 -5.54 12.22 -47.83
N VAL C 256 -6.31 11.97 -48.88
CA VAL C 256 -7.40 12.85 -49.31
C VAL C 256 -8.70 12.23 -48.84
N ILE C 257 -9.58 13.06 -48.28
CA ILE C 257 -10.90 12.62 -47.86
C ILE C 257 -11.87 12.84 -49.02
N PRO C 258 -12.50 11.78 -49.56
CA PRO C 258 -13.40 11.97 -50.71
C PRO C 258 -14.55 12.91 -50.40
N ASN C 259 -15.04 13.57 -51.47
CA ASN C 259 -16.27 14.38 -51.43
C ASN C 259 -16.20 15.51 -50.39
N SER C 260 -15.04 16.15 -50.26
CA SER C 260 -14.90 17.27 -49.33
C SER C 260 -14.13 18.42 -49.98
N GLU C 261 -14.21 18.53 -51.29
CA GLU C 261 -13.40 19.52 -51.99
C GLU C 261 -13.84 20.95 -51.67
N ASP C 262 -15.13 21.16 -51.40
CA ASP C 262 -15.62 22.50 -51.09
C ASP C 262 -15.47 22.89 -49.62
N VAL C 263 -14.88 22.01 -48.79
CA VAL C 263 -14.80 22.32 -47.36
C VAL C 263 -13.81 23.46 -47.10
N ILE C 264 -12.65 23.44 -47.75
CA ILE C 264 -11.68 24.53 -47.67
C ILE C 264 -11.04 24.66 -49.04
N HIS C 265 -11.04 25.87 -49.59
CA HIS C 265 -10.37 26.10 -50.86
C HIS C 265 -9.90 27.55 -50.90
N LEU C 266 -8.78 27.77 -51.59
CA LEU C 266 -8.16 29.09 -51.69
C LEU C 266 -7.73 29.31 -53.13
N HIS C 267 -8.01 30.51 -53.66
CA HIS C 267 -7.71 30.78 -55.05
C HIS C 267 -6.84 32.02 -55.15
N MET C 268 -5.84 31.96 -56.03
CA MET C 268 -4.95 33.09 -56.31
C MET C 268 -5.61 33.91 -57.42
N ARG C 269 -6.06 35.11 -57.09
CA ARG C 269 -6.81 35.97 -58.01
C ARG C 269 -6.16 37.35 -58.08
N GLU C 270 -6.71 38.22 -58.92
CA GLU C 270 -6.22 39.58 -59.04
C GLU C 270 -6.32 40.36 -57.74
N ALA C 271 -7.19 39.93 -56.83
CA ALA C 271 -7.36 40.53 -55.51
C ALA C 271 -6.53 39.84 -54.44
N GLY C 272 -5.55 39.04 -54.83
CA GLY C 272 -4.74 38.30 -53.86
C GLY C 272 -5.30 36.92 -53.61
N LEU C 273 -4.90 36.34 -52.48
CA LEU C 273 -5.34 34.99 -52.14
C LEU C 273 -6.71 35.05 -51.46
N MET C 274 -7.70 34.35 -52.03
CA MET C 274 -9.08 34.36 -51.55
C MET C 274 -9.39 33.08 -50.79
N PHE C 275 -9.66 33.21 -49.49
CA PHE C 275 -9.92 32.06 -48.60
C PHE C 275 -11.42 31.78 -48.49
N TYR C 276 -11.80 30.49 -48.59
CA TYR C 276 -13.18 30.05 -48.44
C TYR C 276 -13.24 28.75 -47.66
N MET C 277 -14.29 28.58 -46.85
CA MET C 277 -14.46 27.32 -46.13
C MET C 277 -15.92 27.14 -45.72
N SER C 278 -16.42 25.90 -45.78
CA SER C 278 -17.76 25.54 -45.29
C SER C 278 -17.71 25.37 -43.77
N LYS C 279 -18.82 24.96 -43.14
CA LYS C 279 -18.80 24.75 -41.69
C LYS C 279 -18.30 23.35 -41.36
N ASP C 280 -18.07 22.55 -42.38
CA ASP C 280 -18.00 21.11 -42.19
C ASP C 280 -16.61 20.61 -41.88
N SER C 281 -15.64 21.49 -41.70
CA SER C 281 -14.29 20.97 -41.53
C SER C 281 -14.11 20.19 -40.22
N PRO C 282 -14.66 20.61 -39.07
CA PRO C 282 -14.44 19.82 -37.86
C PRO C 282 -14.95 18.40 -37.96
N GLU C 283 -16.15 18.20 -38.51
CA GLU C 283 -16.67 16.83 -38.56
C GLU C 283 -16.03 16.02 -39.70
N THR C 284 -15.67 16.65 -40.81
CA THR C 284 -15.00 15.92 -41.87
C THR C 284 -13.67 15.36 -41.40
N ILE C 285 -12.89 16.17 -40.68
CA ILE C 285 -11.61 15.70 -40.17
C ILE C 285 -11.83 14.65 -39.07
N SER C 286 -12.75 14.91 -38.14
CA SER C 286 -12.90 13.98 -37.03
C SER C 286 -13.46 12.63 -37.49
N ASN C 287 -14.30 12.62 -38.54
CA ASN C 287 -14.84 11.35 -39.02
C ASN C 287 -13.83 10.50 -39.79
N ASN C 288 -12.67 11.05 -40.11
CA ASN C 288 -11.69 10.37 -40.96
C ASN C 288 -10.33 10.20 -40.33
N VAL C 289 -10.06 10.84 -39.18
CA VAL C 289 -8.71 10.84 -38.61
C VAL C 289 -8.33 9.44 -38.14
N GLU C 290 -9.28 8.66 -37.60
CA GLU C 290 -8.93 7.33 -37.09
C GLU C 290 -8.36 6.47 -38.21
N ALA C 291 -9.04 6.46 -39.36
CA ALA C 291 -8.56 5.70 -40.50
C ALA C 291 -7.14 6.09 -40.89
N CYS C 292 -6.84 7.40 -40.84
CA CYS C 292 -5.49 7.87 -41.18
C CYS C 292 -4.46 7.36 -40.19
N LEU C 293 -4.82 7.33 -38.91
CA LEU C 293 -3.92 6.85 -37.87
C LEU C 293 -3.68 5.35 -37.98
N VAL C 294 -4.75 4.57 -38.20
CA VAL C 294 -4.59 3.14 -38.40
C VAL C 294 -3.65 2.88 -39.58
N ASP C 295 -3.85 3.62 -40.68
CA ASP C 295 -3.01 3.49 -41.87
C ASP C 295 -1.53 3.67 -41.54
N VAL C 296 -1.20 4.70 -40.78
CA VAL C 296 0.21 4.99 -40.58
C VAL C 296 0.86 3.90 -39.71
N PHE C 297 0.12 3.36 -38.74
CA PHE C 297 0.67 2.26 -37.94
C PHE C 297 0.80 0.97 -38.76
N LYS C 298 -0.27 0.56 -39.44
CA LYS C 298 -0.23 -0.69 -40.21
C LYS C 298 0.80 -0.63 -41.34
N SER C 299 1.08 0.55 -41.88
CA SER C 299 2.05 0.68 -42.97
C SER C 299 3.49 0.37 -42.52
N VAL C 300 3.79 0.37 -41.22
CA VAL C 300 5.07 -0.10 -40.72
C VAL C 300 4.91 -1.36 -39.88
N GLY C 301 3.80 -2.08 -40.05
CA GLY C 301 3.66 -3.35 -39.37
C GLY C 301 3.41 -3.25 -37.88
N MET C 302 2.91 -2.11 -37.41
CA MET C 302 2.65 -1.89 -36.00
C MET C 302 1.15 -1.93 -35.75
N THR C 303 0.78 -2.39 -34.57
CA THR C 303 -0.61 -2.38 -34.18
C THR C 303 -0.93 -1.04 -33.52
N PRO C 304 -1.99 -0.35 -33.92
CA PRO C 304 -2.31 0.91 -33.25
C PRO C 304 -2.66 0.66 -31.80
N PRO C 305 -2.41 1.63 -30.92
CA PRO C 305 -2.71 1.43 -29.51
C PRO C 305 -4.21 1.36 -29.29
N GLU C 306 -4.59 0.58 -28.29
CA GLU C 306 -6.00 0.46 -27.92
C GLU C 306 -6.51 1.75 -27.34
N ASP C 307 -5.62 2.50 -26.70
CA ASP C 307 -5.92 3.79 -26.07
C ASP C 307 -5.05 4.82 -26.76
N TRP C 308 -5.67 5.78 -27.43
CA TRP C 308 -4.92 6.83 -28.13
C TRP C 308 -4.17 7.72 -27.15
N ASN C 309 -4.53 7.71 -25.86
CA ASN C 309 -3.76 8.47 -24.90
C ASN C 309 -2.35 7.94 -24.71
N SER C 310 -2.05 6.75 -25.22
CA SER C 310 -0.70 6.19 -25.16
C SER C 310 0.32 6.94 -26.01
N LEU C 311 -0.14 7.79 -26.93
CA LEU C 311 0.73 8.55 -27.81
C LEU C 311 0.81 10.00 -27.37
N PHE C 312 1.85 10.70 -27.84
CA PHE C 312 1.85 12.15 -27.78
C PHE C 312 1.34 12.70 -29.12
N TRP C 313 0.90 13.97 -29.10
CA TRP C 313 0.07 14.49 -30.18
C TRP C 313 0.50 15.88 -30.63
N ILE C 314 0.64 16.05 -31.95
CA ILE C 314 0.88 17.37 -32.56
C ILE C 314 -0.17 17.58 -33.64
N PRO C 315 -1.43 17.87 -33.30
CA PRO C 315 -2.41 18.22 -34.34
C PRO C 315 -2.26 19.67 -34.77
N HIS C 316 -2.45 19.90 -36.06
CA HIS C 316 -2.50 21.28 -36.53
C HIS C 316 -3.72 21.97 -35.94
N PRO C 317 -3.56 23.17 -35.34
CA PRO C 317 -4.72 23.89 -34.75
C PRO C 317 -5.48 24.73 -35.77
N GLY C 318 -6.05 24.07 -36.78
CA GLY C 318 -6.72 24.79 -37.85
C GLY C 318 -7.91 25.60 -37.37
N GLY C 319 -8.55 25.14 -36.30
CA GLY C 319 -9.62 25.86 -35.64
C GLY C 319 -9.84 25.17 -34.32
N ARG C 320 -10.27 25.89 -33.28
CA ARG C 320 -10.48 25.18 -32.02
C ARG C 320 -11.58 24.14 -32.13
N ALA C 321 -12.55 24.33 -33.03
CA ALA C 321 -13.61 23.33 -33.21
C ALA C 321 -13.04 22.02 -33.75
N ILE C 322 -12.04 22.12 -34.63
CA ILE C 322 -11.37 20.92 -35.13
C ILE C 322 -10.71 20.16 -33.97
N LEU C 323 -9.95 20.88 -33.13
CA LEU C 323 -9.27 20.27 -31.99
C LEU C 323 -10.26 19.59 -31.04
N ASP C 324 -11.34 20.28 -30.68
CA ASP C 324 -12.30 19.71 -29.74
C ASP C 324 -12.90 18.41 -30.26
N GLN C 325 -13.29 18.39 -31.54
CA GLN C 325 -13.95 17.21 -32.11
C GLN C 325 -12.98 16.05 -32.32
N VAL C 326 -11.73 16.34 -32.69
CA VAL C 326 -10.74 15.26 -32.80
C VAL C 326 -10.44 14.68 -31.43
N GLU C 327 -10.26 15.56 -30.44
CA GLU C 327 -10.05 15.12 -29.06
C GLU C 327 -11.17 14.18 -28.61
N ALA C 328 -12.43 14.58 -28.85
CA ALA C 328 -13.58 13.76 -28.47
C ALA C 328 -13.59 12.42 -29.22
N LYS C 329 -13.41 12.46 -30.55
CA LYS C 329 -13.42 11.23 -31.34
C LYS C 329 -12.37 10.23 -30.87
N LEU C 330 -11.15 10.70 -30.57
CA LEU C 330 -10.08 9.81 -30.15
C LEU C 330 -10.15 9.48 -28.66
N LYS C 331 -11.13 10.01 -27.94
CA LYS C 331 -11.31 9.73 -26.51
C LYS C 331 -10.08 10.17 -25.72
N LEU C 332 -9.52 11.31 -26.11
CA LEU C 332 -8.32 11.84 -25.49
C LEU C 332 -8.63 12.64 -24.23
N ARG C 333 -7.72 12.53 -23.25
CA ARG C 333 -7.80 13.34 -22.05
C ARG C 333 -7.57 14.82 -22.40
N PRO C 334 -8.08 15.74 -21.58
CA PRO C 334 -8.06 17.17 -21.92
C PRO C 334 -6.67 17.76 -22.07
N GLU C 335 -5.67 17.20 -21.38
CA GLU C 335 -4.31 17.69 -21.42
C GLU C 335 -3.54 17.28 -22.67
N LYS C 336 -4.05 16.34 -23.47
CA LYS C 336 -3.23 15.76 -24.52
C LYS C 336 -2.84 16.77 -25.59
N PHE C 337 -3.70 17.73 -25.90
CA PHE C 337 -3.39 18.76 -26.88
C PHE C 337 -2.85 20.04 -26.24
N ARG C 338 -2.29 19.95 -25.02
CA ARG C 338 -1.76 21.12 -24.33
C ARG C 338 -0.77 21.92 -25.18
N ALA C 339 0.22 21.23 -25.78
CA ALA C 339 1.24 21.97 -26.54
C ALA C 339 0.62 22.68 -27.74
N THR C 340 -0.30 22.01 -28.44
CA THR C 340 -0.97 22.65 -29.58
C THR C 340 -1.78 23.87 -29.14
N ARG C 341 -2.56 23.73 -28.07
CA ARG C 341 -3.40 24.85 -27.63
C ARG C 341 -2.56 26.00 -27.09
N THR C 342 -1.39 25.71 -26.54
CA THR C 342 -0.49 26.76 -26.09
C THR C 342 -0.02 27.61 -27.27
N VAL C 343 0.39 26.96 -28.35
CA VAL C 343 0.85 27.69 -29.53
C VAL C 343 -0.30 28.45 -30.17
N LEU C 344 -1.49 27.84 -30.24
CA LEU C 344 -2.62 28.53 -30.85
C LEU C 344 -2.95 29.81 -30.09
N TRP C 345 -2.92 29.73 -28.75
CA TRP C 345 -3.16 30.90 -27.90
C TRP C 345 -2.11 31.99 -28.12
N ASP C 346 -0.85 31.60 -28.19
CA ASP C 346 0.24 32.57 -28.24
C ASP C 346 0.41 33.16 -29.63
N CYS C 347 -0.02 32.44 -30.68
CA CYS C 347 0.37 32.76 -32.05
C CYS C 347 -0.77 32.76 -33.04
N GLY C 348 -1.92 32.17 -32.74
CA GLY C 348 -2.91 31.97 -33.75
C GLY C 348 -2.48 30.87 -34.71
N ASN C 349 -3.19 30.81 -35.82
CA ASN C 349 -3.00 29.77 -36.84
C ASN C 349 -1.99 30.32 -37.85
N MET C 350 -0.73 29.86 -37.76
CA MET C 350 0.37 30.28 -38.63
C MET C 350 0.53 29.35 -39.83
N VAL C 351 -0.56 28.73 -40.28
CA VAL C 351 -0.59 27.81 -41.42
C VAL C 351 0.49 26.75 -41.23
N SER C 352 1.43 26.61 -42.19
CA SER C 352 2.34 25.47 -42.15
C SER C 352 3.27 25.50 -40.94
N ALA C 353 3.51 26.66 -40.36
CA ALA C 353 4.48 26.75 -39.27
C ALA C 353 3.95 26.17 -37.95
N CYS C 354 2.63 26.06 -37.77
CA CYS C 354 2.09 25.74 -36.44
C CYS C 354 2.70 24.46 -35.88
N VAL C 355 2.63 23.35 -36.64
CA VAL C 355 3.02 22.08 -36.05
C VAL C 355 4.51 22.06 -35.70
N LEU C 356 5.32 22.87 -36.41
CA LEU C 356 6.74 22.95 -36.06
C LEU C 356 6.96 23.74 -34.78
N TYR C 357 6.20 24.84 -34.61
CA TYR C 357 6.20 25.55 -33.33
C TYR C 357 5.78 24.63 -32.20
N ILE C 358 4.78 23.78 -32.45
CA ILE C 358 4.26 22.91 -31.39
C ILE C 358 5.27 21.83 -31.01
N LEU C 359 5.96 21.26 -32.00
CA LEU C 359 7.05 20.34 -31.73
C LEU C 359 8.12 21.00 -30.87
N ASP C 360 8.42 22.27 -31.15
CA ASP C 360 9.37 23.03 -30.34
C ASP C 360 8.86 23.22 -28.91
N GLU C 361 7.59 23.61 -28.78
CA GLU C 361 6.98 23.78 -27.46
C GLU C 361 6.99 22.47 -26.68
N MET C 362 6.65 21.36 -27.34
CA MET C 362 6.61 20.07 -26.66
C MET C 362 7.99 19.63 -26.17
N ARG C 363 9.02 19.72 -27.03
CA ARG C 363 10.33 19.26 -26.61
C ARG C 363 10.94 20.20 -25.58
N ARG C 364 10.64 21.49 -25.65
CA ARG C 364 11.16 22.41 -24.64
C ARG C 364 10.50 22.16 -23.29
N LYS C 365 9.18 22.02 -23.28
CA LYS C 365 8.46 21.75 -22.04
C LYS C 365 8.89 20.41 -21.45
N SER C 366 9.07 19.40 -22.30
CA SER C 366 9.51 18.08 -21.84
C SER C 366 10.87 18.15 -21.17
N ALA C 367 11.75 19.02 -21.66
CA ALA C 367 13.04 19.21 -21.00
C ALA C 367 12.89 19.99 -19.70
N ASP C 368 12.10 21.07 -19.71
CA ASP C 368 11.85 21.83 -18.49
C ASP C 368 11.33 20.92 -17.37
N GLU C 369 10.45 20.00 -17.71
CA GLU C 369 9.83 19.13 -16.72
C GLU C 369 10.66 17.89 -16.41
N GLY C 370 11.85 17.78 -17.00
CA GLY C 370 12.71 16.60 -16.87
C GLY C 370 12.06 15.28 -17.23
N LEU C 371 11.34 15.23 -18.34
CA LEU C 371 10.64 14.00 -18.69
C LEU C 371 11.59 13.03 -19.38
N GLU C 372 11.08 11.81 -19.58
CA GLU C 372 11.88 10.68 -20.07
C GLU C 372 12.23 10.81 -21.55
N THR C 373 11.39 11.48 -22.33
CA THR C 373 11.59 11.65 -23.75
C THR C 373 11.18 13.07 -24.14
N TYR C 374 11.59 13.47 -25.35
CA TYR C 374 11.16 14.76 -25.88
C TYR C 374 9.67 14.81 -26.18
N GLY C 375 9.04 13.66 -26.38
CA GLY C 375 7.61 13.61 -26.63
C GLY C 375 6.79 13.41 -25.38
N GLU C 376 6.92 14.34 -24.42
CA GLU C 376 6.13 14.33 -23.18
C GLU C 376 6.33 13.03 -22.38
N GLY C 377 7.52 12.45 -22.48
CA GLY C 377 7.83 11.19 -21.81
C GLY C 377 7.28 9.95 -22.47
N LEU C 378 6.60 10.08 -23.61
CA LEU C 378 6.09 8.92 -24.32
C LEU C 378 6.99 8.61 -25.51
N GLU C 379 6.93 7.35 -25.96
CA GLU C 379 7.82 6.92 -27.03
C GLU C 379 7.26 7.22 -28.42
N TRP C 380 5.97 6.99 -28.64
CA TRP C 380 5.38 7.13 -29.98
C TRP C 380 4.35 8.25 -30.00
N GLY C 381 4.30 8.96 -31.13
CA GLY C 381 3.40 10.09 -31.23
C GLY C 381 3.09 10.35 -32.69
N VAL C 382 2.10 11.21 -32.93
CA VAL C 382 1.66 11.54 -34.28
C VAL C 382 1.52 13.03 -34.45
N LEU C 383 2.06 13.54 -35.55
CA LEU C 383 1.85 14.92 -35.98
C LEU C 383 0.92 14.91 -37.18
N LEU C 384 -0.08 15.78 -37.16
CA LEU C 384 -1.16 15.80 -38.14
C LEU C 384 -1.28 17.19 -38.74
N GLY C 385 -1.26 17.26 -40.06
CA GLY C 385 -1.63 18.46 -40.79
C GLY C 385 -2.99 18.26 -41.43
N PHE C 386 -3.79 19.31 -41.44
CA PHE C 386 -5.13 19.28 -42.02
C PHE C 386 -5.27 20.49 -42.93
N GLY C 387 -5.79 20.28 -44.13
CA GLY C 387 -6.01 21.42 -45.00
C GLY C 387 -6.85 21.11 -46.21
N PRO C 388 -6.75 21.96 -47.23
CA PRO C 388 -7.63 21.88 -48.40
C PRO C 388 -7.57 20.54 -49.10
N GLY C 389 -8.74 20.07 -49.54
CA GLY C 389 -8.85 18.78 -50.21
C GLY C 389 -10.17 18.05 -50.00
N MET C 390 -10.51 17.67 -48.77
CA MET C 390 -9.66 17.86 -47.60
C MET C 390 -8.50 16.89 -47.58
N THR C 391 -7.37 17.36 -47.02
CA THR C 391 -6.11 16.62 -47.02
C THR C 391 -5.65 16.46 -45.58
N VAL C 392 -5.20 15.25 -45.24
CA VAL C 392 -4.60 14.95 -43.94
C VAL C 392 -3.18 14.49 -44.18
N GLU C 393 -2.23 15.09 -43.47
CA GLU C 393 -0.86 14.60 -43.44
C GLU C 393 -0.66 13.95 -42.08
N THR C 394 -0.27 12.68 -42.08
CA THR C 394 -0.12 11.90 -40.86
C THR C 394 1.35 11.49 -40.74
N ILE C 395 2.02 11.98 -39.69
CA ILE C 395 3.44 11.76 -39.48
C ILE C 395 3.62 10.98 -38.18
N LEU C 396 4.09 9.74 -38.29
CA LEU C 396 4.33 8.90 -37.12
C LEU C 396 5.73 9.16 -36.58
N LEU C 397 5.81 9.64 -35.34
CA LEU C 397 7.07 10.01 -34.72
C LEU C 397 7.45 9.06 -33.60
N HIS C 398 8.74 8.75 -33.49
CA HIS C 398 9.31 8.09 -32.32
C HIS C 398 10.25 9.09 -31.64
N SER C 399 9.94 9.47 -30.41
CA SER C 399 10.79 10.43 -29.70
C SER C 399 11.88 9.71 -28.92
N LEU C 400 12.97 10.42 -28.67
CA LEU C 400 14.18 9.82 -28.14
C LEU C 400 14.43 10.26 -26.70
N PRO C 401 15.32 9.56 -25.97
CA PRO C 401 15.65 9.95 -24.60
C PRO C 401 16.15 11.38 -24.52
N LEU C 402 15.79 12.06 -23.44
CA LEU C 402 15.97 13.50 -23.35
C LEU C 402 17.38 13.93 -22.94
N ASP D 13 38.98 0.97 -12.47
CA ASP D 13 38.09 1.43 -11.41
C ASP D 13 38.24 0.52 -10.20
N VAL D 14 38.94 1.01 -9.18
CA VAL D 14 39.22 0.22 -7.99
C VAL D 14 37.93 -0.09 -7.24
N GLN D 15 37.01 0.87 -7.17
CA GLN D 15 35.75 0.62 -6.46
C GLN D 15 34.86 -0.35 -7.23
N GLY D 16 34.89 -0.30 -8.57
CA GLY D 16 34.15 -1.29 -9.34
C GLY D 16 34.67 -2.71 -9.11
N ILE D 17 35.99 -2.85 -9.03
CA ILE D 17 36.58 -4.15 -8.69
C ILE D 17 36.08 -4.62 -7.32
N ARG D 18 36.04 -3.73 -6.33
CA ARG D 18 35.61 -4.10 -4.98
C ARG D 18 34.16 -4.57 -4.96
N LYS D 19 33.28 -3.87 -5.70
CA LYS D 19 31.88 -4.24 -5.72
C LYS D 19 31.65 -5.60 -6.34
N ALA D 20 32.41 -5.92 -7.40
CA ALA D 20 32.29 -7.20 -8.07
C ALA D 20 32.95 -8.31 -7.28
N GLN D 21 33.95 -7.98 -6.45
CA GLN D 21 34.72 -9.00 -5.75
C GLN D 21 33.95 -9.60 -4.58
N ARG D 22 33.13 -8.80 -3.91
CA ARG D 22 32.55 -9.21 -2.64
C ARG D 22 31.23 -9.93 -2.81
N ALA D 23 30.86 -10.69 -1.78
CA ALA D 23 29.60 -11.43 -1.80
C ALA D 23 28.42 -10.51 -1.37
N ASP D 24 27.21 -11.04 -1.54
CA ASP D 24 25.99 -10.30 -1.22
C ASP D 24 25.47 -10.57 0.19
N GLY D 25 25.33 -11.83 0.57
CA GLY D 25 24.60 -12.22 1.75
C GLY D 25 25.48 -12.70 2.90
N THR D 26 24.81 -13.18 3.94
CA THR D 26 25.47 -13.53 5.19
C THR D 26 26.12 -14.92 5.07
N ALA D 27 27.30 -15.07 5.69
CA ALA D 27 28.00 -16.35 5.65
C ALA D 27 27.13 -17.42 6.28
N THR D 28 27.04 -18.57 5.61
CA THR D 28 26.10 -19.60 6.02
C THR D 28 26.78 -20.96 6.08
N VAL D 29 26.58 -21.69 7.19
CA VAL D 29 27.04 -23.07 7.30
C VAL D 29 26.09 -23.93 6.46
N MET D 30 26.66 -24.68 5.52
CA MET D 30 25.83 -25.50 4.63
C MET D 30 26.23 -26.98 4.60
N ALA D 31 27.19 -27.41 5.43
CA ALA D 31 27.55 -28.82 5.56
C ALA D 31 28.39 -29.01 6.82
N ILE D 32 28.27 -30.18 7.46
CA ILE D 32 29.06 -30.50 8.64
C ILE D 32 29.49 -31.96 8.57
N GLY D 33 30.78 -32.22 8.72
CA GLY D 33 31.28 -33.59 8.79
C GLY D 33 32.18 -33.78 9.99
N THR D 34 32.18 -35.00 10.54
CA THR D 34 33.00 -35.28 11.71
C THR D 34 33.71 -36.63 11.57
N ALA D 35 34.77 -36.79 12.37
CA ALA D 35 35.58 -38.01 12.35
C ALA D 35 36.31 -38.16 13.67
N HIS D 36 36.37 -39.39 14.19
CA HIS D 36 37.08 -39.80 15.39
C HIS D 36 38.21 -40.78 15.06
N PRO D 37 39.27 -40.82 15.86
CA PRO D 37 40.23 -41.92 15.77
C PRO D 37 39.60 -43.20 16.31
N PRO D 38 40.23 -44.36 16.14
CA PRO D 38 39.47 -45.62 16.29
C PRO D 38 39.33 -46.18 17.70
N HIS D 39 40.14 -45.75 18.66
CA HIS D 39 40.21 -46.42 19.97
C HIS D 39 39.29 -45.74 20.98
N ILE D 40 38.33 -46.52 21.52
CA ILE D 40 37.33 -45.98 22.45
C ILE D 40 37.72 -46.31 23.87
N PHE D 41 37.75 -45.27 24.72
CA PHE D 41 38.08 -45.43 26.14
C PHE D 41 36.86 -45.05 26.98
N PRO D 42 36.14 -46.02 27.55
CA PRO D 42 35.06 -45.68 28.48
C PRO D 42 35.60 -44.92 29.68
N GLN D 43 34.85 -43.92 30.12
CA GLN D 43 35.27 -43.13 31.26
C GLN D 43 35.22 -43.92 32.56
N ASP D 44 34.34 -44.92 32.67
CA ASP D 44 34.21 -45.60 33.96
C ASP D 44 35.39 -46.49 34.27
N THR D 45 36.23 -46.82 33.28
CA THR D 45 37.47 -47.53 33.54
C THR D 45 38.70 -46.69 33.24
N TYR D 46 38.54 -45.40 32.98
CA TYR D 46 39.69 -44.61 32.53
C TYR D 46 40.76 -44.49 33.61
N ALA D 47 40.37 -44.26 34.88
CA ALA D 47 41.37 -44.15 35.94
C ALA D 47 42.20 -45.43 36.04
N ASP D 48 41.55 -46.59 35.89
CA ASP D 48 42.30 -47.86 35.91
C ASP D 48 43.33 -47.90 34.80
N PHE D 49 42.92 -47.59 33.57
CA PHE D 49 43.84 -47.55 32.45
C PHE D 49 44.96 -46.55 32.70
N TYR D 50 44.60 -45.33 33.11
CA TYR D 50 45.56 -44.23 33.14
C TYR D 50 46.67 -44.49 34.15
N PHE D 51 46.30 -44.92 35.36
CA PHE D 51 47.31 -45.19 36.39
C PHE D 51 48.10 -46.44 36.09
N ARG D 52 47.55 -47.36 35.29
CA ARG D 52 48.33 -48.50 34.83
C ARG D 52 49.32 -48.07 33.76
N ALA D 53 48.86 -47.31 32.76
CA ALA D 53 49.71 -46.91 31.64
C ALA D 53 50.81 -45.95 32.09
N THR D 54 50.60 -45.23 33.19
CA THR D 54 51.61 -44.33 33.72
C THR D 54 52.39 -44.94 34.89
N ASN D 55 52.20 -46.24 35.15
CA ASN D 55 52.97 -46.96 36.17
C ASN D 55 52.84 -46.29 37.56
N SER D 56 51.63 -45.87 37.91
CA SER D 56 51.41 -45.04 39.08
C SER D 56 50.44 -45.66 40.07
N GLU D 57 50.23 -46.96 40.00
CA GLU D 57 49.29 -47.61 40.89
C GLU D 57 49.70 -47.50 42.36
N HIS D 58 50.96 -47.15 42.67
CA HIS D 58 51.31 -46.92 44.06
C HIS D 58 50.71 -45.61 44.62
N LYS D 59 50.32 -44.66 43.76
CA LYS D 59 49.70 -43.41 44.18
C LYS D 59 48.26 -43.77 44.52
N VAL D 60 48.05 -44.42 45.66
CA VAL D 60 46.73 -44.98 45.87
C VAL D 60 45.70 -43.89 46.12
N GLU D 61 46.04 -42.86 46.91
CA GLU D 61 45.05 -41.81 47.17
C GLU D 61 44.84 -40.94 45.93
N LEU D 62 45.91 -40.68 45.17
CA LEU D 62 45.78 -39.99 43.89
C LEU D 62 44.81 -40.70 42.95
N LYS D 63 44.94 -42.02 42.83
CA LYS D 63 44.08 -42.75 41.91
C LYS D 63 42.60 -42.62 42.30
N LYS D 64 42.28 -42.74 43.60
CA LYS D 64 40.90 -42.58 44.02
C LYS D 64 40.38 -41.18 43.70
N LYS D 65 41.17 -40.14 43.98
CA LYS D 65 40.76 -38.78 43.62
C LYS D 65 40.47 -38.69 42.13
N PHE D 66 41.36 -39.26 41.32
CA PHE D 66 41.20 -39.16 39.87
C PHE D 66 39.98 -39.93 39.40
N ASP D 67 39.70 -41.10 40.00
CA ASP D 67 38.49 -41.83 39.66
C ASP D 67 37.25 -41.03 40.02
N ARG D 68 37.26 -40.38 41.19
CA ARG D 68 36.12 -39.56 41.58
C ARG D 68 35.94 -38.39 40.62
N ILE D 69 37.05 -37.80 40.18
CA ILE D 69 36.96 -36.67 39.24
C ILE D 69 36.38 -37.12 37.91
N CYS D 70 36.82 -38.28 37.41
CA CYS D 70 36.30 -38.82 36.16
C CYS D 70 34.80 -39.09 36.27
N LYS D 71 34.34 -39.58 37.41
CA LYS D 71 32.91 -39.83 37.63
C LYS D 71 32.08 -38.54 37.55
N LYS D 72 32.68 -37.39 37.86
CA LYS D 72 31.97 -36.12 37.90
C LYS D 72 31.97 -35.38 36.56
N THR D 73 32.71 -35.87 35.56
CA THR D 73 32.89 -35.14 34.31
C THR D 73 31.63 -35.13 33.44
N MET D 74 30.73 -36.10 33.63
CA MET D 74 29.61 -36.33 32.72
C MET D 74 30.11 -36.62 31.31
N ILE D 75 31.27 -37.26 31.23
CA ILE D 75 31.81 -37.83 30.00
C ILE D 75 31.66 -39.35 30.09
N GLY D 76 31.05 -39.95 29.08
CA GLY D 76 30.89 -41.38 29.02
C GLY D 76 32.07 -42.13 28.43
N LYS D 77 32.63 -41.58 27.35
CA LYS D 77 33.76 -42.21 26.67
C LYS D 77 34.48 -41.16 25.87
N ARG D 78 35.71 -41.49 25.45
CA ARG D 78 36.49 -40.63 24.57
C ARG D 78 37.16 -41.51 23.52
N TYR D 79 37.51 -40.90 22.39
CA TYR D 79 38.24 -41.56 21.32
C TYR D 79 39.68 -41.06 21.28
N PHE D 80 40.63 -41.96 21.02
CA PHE D 80 42.04 -41.61 20.92
C PHE D 80 42.68 -42.33 19.74
N ASN D 81 43.78 -41.76 19.22
CA ASN D 81 44.54 -42.40 18.15
C ASN D 81 45.59 -43.36 18.68
N TYR D 82 45.52 -43.73 19.94
CA TYR D 82 46.45 -44.67 20.54
C TYR D 82 45.67 -45.62 21.45
N ASP D 83 46.26 -46.77 21.70
CA ASP D 83 45.74 -47.69 22.69
C ASP D 83 46.83 -47.94 23.74
N GLU D 84 46.55 -48.84 24.68
CA GLU D 84 47.48 -49.06 25.77
C GLU D 84 48.80 -49.62 25.27
N GLU D 85 48.73 -50.55 24.31
CA GLU D 85 49.92 -51.15 23.73
C GLU D 85 50.80 -50.08 23.06
N PHE D 86 50.18 -49.15 22.33
CA PHE D 86 50.91 -48.08 21.66
C PHE D 86 51.76 -47.29 22.64
N LEU D 87 51.18 -46.93 23.79
CA LEU D 87 51.89 -46.07 24.74
C LEU D 87 53.11 -46.75 25.34
N LYS D 88 53.14 -48.08 25.37
CA LYS D 88 54.28 -48.80 25.94
C LYS D 88 55.57 -48.50 25.17
N LYS D 89 55.46 -48.08 23.92
CA LYS D 89 56.61 -47.67 23.12
C LYS D 89 57.15 -46.30 23.52
N TYR D 90 56.42 -45.53 24.33
CA TYR D 90 56.80 -44.16 24.66
C TYR D 90 56.72 -43.97 26.17
N PRO D 91 57.65 -44.54 26.93
CA PRO D 91 57.66 -44.27 28.37
C PRO D 91 57.88 -42.81 28.68
N ASN D 92 58.51 -42.07 27.76
CA ASN D 92 58.70 -40.64 27.97
C ASN D 92 57.37 -39.89 27.94
N ILE D 93 56.43 -40.31 27.08
CA ILE D 93 55.15 -39.63 27.01
C ILE D 93 54.33 -39.90 28.27
N THR D 94 54.38 -41.13 28.79
CA THR D 94 53.61 -41.47 29.97
C THR D 94 54.27 -41.04 31.27
N SER D 95 55.50 -40.50 31.23
CA SER D 95 56.08 -39.87 32.42
C SER D 95 55.43 -38.52 32.65
N PHE D 96 55.88 -37.80 33.68
CA PHE D 96 55.31 -36.47 33.83
C PHE D 96 55.97 -35.47 32.88
N ASP D 97 57.32 -35.46 32.83
CA ASP D 97 57.98 -34.42 32.04
C ASP D 97 59.36 -34.83 31.53
N GLU D 98 59.55 -36.10 31.20
CA GLU D 98 60.75 -36.46 30.47
C GLU D 98 60.68 -35.87 29.07
N PRO D 99 61.82 -35.68 28.41
CA PRO D 99 61.80 -35.10 27.06
C PRO D 99 60.95 -35.94 26.12
N SER D 100 60.03 -35.27 25.41
CA SER D 100 59.03 -36.02 24.65
C SER D 100 58.40 -35.26 23.48
N LEU D 101 58.73 -33.97 23.31
CA LEU D 101 58.06 -33.20 22.26
C LEU D 101 58.32 -33.80 20.88
N ASN D 102 59.56 -34.27 20.65
CA ASN D 102 59.90 -34.79 19.34
C ASN D 102 59.02 -35.97 18.96
N ASP D 103 58.81 -36.90 19.90
CA ASP D 103 57.92 -38.05 19.64
C ASP D 103 56.47 -37.60 19.44
N ARG D 104 55.99 -36.67 20.26
CA ARG D 104 54.62 -36.18 20.11
C ARG D 104 54.45 -35.49 18.76
N GLN D 105 55.44 -34.68 18.36
CA GLN D 105 55.38 -34.02 17.07
C GLN D 105 55.35 -35.04 15.93
N ASP D 106 56.20 -36.07 16.01
CA ASP D 106 56.22 -37.09 14.97
C ASP D 106 54.85 -37.74 14.76
N ILE D 107 54.03 -37.80 15.80
CA ILE D 107 52.68 -38.34 15.72
C ILE D 107 51.68 -37.29 15.25
N CYS D 108 51.69 -36.11 15.88
CA CYS D 108 50.63 -35.11 15.68
C CYS D 108 50.79 -34.32 14.39
N VAL D 109 52.03 -34.04 13.99
CA VAL D 109 52.25 -33.25 12.78
C VAL D 109 51.63 -33.91 11.55
N PRO D 110 51.82 -35.21 11.30
CA PRO D 110 51.07 -35.84 10.20
C PRO D 110 49.67 -36.25 10.61
N GLY D 111 49.49 -36.59 11.90
CA GLY D 111 48.26 -37.23 12.33
C GLY D 111 47.06 -36.30 12.35
N VAL D 112 47.27 -35.05 12.76
CA VAL D 112 46.19 -34.07 12.89
C VAL D 112 45.63 -33.70 11.52
N PRO D 113 46.43 -33.36 10.51
CA PRO D 113 45.82 -33.09 9.20
C PRO D 113 45.12 -34.32 8.63
N ALA D 114 45.63 -35.51 8.91
CA ALA D 114 44.99 -36.73 8.42
C ALA D 114 43.60 -36.90 9.02
N LEU D 115 43.47 -36.73 10.33
CA LEU D 115 42.16 -36.82 10.96
C LEU D 115 41.25 -35.70 10.45
N GLY D 116 41.80 -34.48 10.36
CA GLY D 116 41.02 -33.37 9.82
C GLY D 116 40.51 -33.65 8.42
N ALA D 117 41.37 -34.20 7.57
CA ALA D 117 40.96 -34.53 6.21
C ALA D 117 39.80 -35.53 6.19
N GLU D 118 39.79 -36.49 7.14
CA GLU D 118 38.67 -37.44 7.19
C GLU D 118 37.35 -36.72 7.44
N ALA D 119 37.34 -35.75 8.36
CA ALA D 119 36.13 -34.96 8.60
C ALA D 119 35.80 -34.13 7.37
N ALA D 120 36.81 -33.56 6.72
CA ALA D 120 36.58 -32.71 5.56
C ALA D 120 35.94 -33.50 4.40
N VAL D 121 36.39 -34.74 4.18
CA VAL D 121 35.82 -35.53 3.10
C VAL D 121 34.32 -35.73 3.30
N LYS D 122 33.91 -35.95 4.56
CA LYS D 122 32.49 -36.12 4.86
C LYS D 122 31.70 -34.83 4.67
N ALA D 123 32.27 -33.69 5.08
CA ALA D 123 31.60 -32.42 4.84
C ALA D 123 31.45 -32.17 3.35
N ILE D 124 32.49 -32.49 2.56
CA ILE D 124 32.41 -32.24 1.13
C ILE D 124 31.37 -33.15 0.50
N ALA D 125 31.25 -34.38 1.00
CA ALA D 125 30.26 -35.32 0.48
C ALA D 125 28.84 -34.81 0.73
N GLU D 126 28.59 -34.30 1.94
CA GLU D 126 27.27 -33.74 2.25
C GLU D 126 26.98 -32.52 1.39
N TRP D 127 27.95 -31.61 1.29
CA TRP D 127 27.80 -30.41 0.48
C TRP D 127 27.43 -30.75 -0.95
N GLY D 128 28.10 -31.74 -1.55
CA GLY D 128 27.68 -32.20 -2.84
C GLY D 128 28.19 -31.43 -4.02
N ARG D 129 29.09 -30.43 -3.79
CA ARG D 129 29.74 -29.73 -4.89
C ARG D 129 31.18 -30.22 -5.05
N PRO D 130 31.81 -29.97 -6.20
CA PRO D 130 33.19 -30.43 -6.39
C PRO D 130 34.14 -29.70 -5.46
N LYS D 131 35.13 -30.43 -4.94
CA LYS D 131 36.13 -29.81 -4.07
C LYS D 131 36.88 -28.68 -4.77
N SER D 132 36.88 -28.66 -6.10
CA SER D 132 37.53 -27.57 -6.83
C SER D 132 36.87 -26.21 -6.60
N GLU D 133 35.67 -26.17 -6.05
CA GLU D 133 35.01 -24.91 -5.76
C GLU D 133 35.34 -24.38 -4.37
N ILE D 134 36.12 -25.12 -3.59
CA ILE D 134 36.61 -24.63 -2.30
C ILE D 134 37.68 -23.60 -2.56
N THR D 135 37.47 -22.38 -2.05
CA THR D 135 38.39 -21.28 -2.30
C THR D 135 39.24 -20.89 -1.10
N HIS D 136 38.86 -21.32 0.11
CA HIS D 136 39.52 -20.95 1.35
C HIS D 136 39.52 -22.18 2.25
N LEU D 137 40.60 -22.36 3.01
CA LEU D 137 40.71 -23.41 4.02
C LEU D 137 41.11 -22.76 5.34
N VAL D 138 40.29 -22.94 6.37
CA VAL D 138 40.63 -22.53 7.73
C VAL D 138 40.87 -23.83 8.49
N PHE D 139 42.12 -24.07 8.88
CA PHE D 139 42.51 -25.28 9.58
C PHE D 139 42.94 -24.92 10.99
N CYS D 140 42.42 -25.65 11.97
CA CYS D 140 42.57 -25.30 13.38
C CYS D 140 43.01 -26.51 14.17
N THR D 141 44.11 -26.36 14.91
CA THR D 141 44.52 -27.37 15.88
C THR D 141 45.37 -26.72 16.96
N SER D 142 45.28 -27.27 18.17
CA SER D 142 46.25 -26.96 19.22
C SER D 142 47.23 -28.11 19.45
N CYS D 143 47.29 -29.06 18.52
CA CYS D 143 48.05 -30.30 18.75
C CYS D 143 49.14 -30.40 17.68
N GLY D 144 50.27 -29.77 17.96
CA GLY D 144 51.43 -29.84 17.08
C GLY D 144 51.50 -28.62 16.17
N VAL D 145 52.74 -28.27 15.80
CA VAL D 145 53.00 -27.16 14.86
C VAL D 145 54.17 -27.56 13.96
N ASP D 146 54.20 -27.03 12.74
CA ASP D 146 55.20 -27.45 11.77
C ASP D 146 55.22 -26.41 10.64
N MET D 147 56.28 -26.42 9.84
CA MET D 147 56.41 -25.52 8.69
C MET D 147 56.90 -26.31 7.48
N PRO D 148 56.14 -26.39 6.38
CA PRO D 148 54.79 -25.83 6.19
C PRO D 148 53.79 -26.44 7.17
N SER D 149 52.73 -25.70 7.46
CA SER D 149 51.87 -26.00 8.60
C SER D 149 50.73 -26.97 8.22
N ALA D 150 49.91 -27.30 9.22
CA ALA D 150 48.92 -28.36 9.07
C ALA D 150 47.90 -28.05 8.00
N ASP D 151 47.60 -26.76 7.77
CA ASP D 151 46.70 -26.40 6.68
C ASP D 151 47.24 -26.87 5.34
N PHE D 152 48.54 -26.68 5.12
CA PHE D 152 49.19 -27.19 3.92
C PHE D 152 49.01 -28.68 3.78
N GLN D 153 49.20 -29.44 4.86
CA GLN D 153 49.11 -30.89 4.78
C GLN D 153 47.69 -31.33 4.48
N CYS D 154 46.72 -30.69 5.15
CA CYS D 154 45.32 -31.03 4.92
C CYS D 154 44.93 -30.75 3.48
N ALA D 155 45.30 -29.58 2.97
CA ALA D 155 44.98 -29.26 1.59
C ALA D 155 45.60 -30.28 0.62
N LYS D 156 46.83 -30.70 0.89
CA LYS D 156 47.47 -31.70 0.03
C LYS D 156 46.70 -33.02 0.05
N LEU D 157 46.36 -33.52 1.24
CA LEU D 157 45.62 -34.77 1.36
C LEU D 157 44.29 -34.71 0.62
N LEU D 158 43.62 -33.57 0.63
CA LEU D 158 42.31 -33.45 0.02
C LEU D 158 42.37 -33.15 -1.47
N GLY D 159 43.53 -32.78 -2.00
CA GLY D 159 43.65 -32.35 -3.39
C GLY D 159 42.97 -31.03 -3.72
N LEU D 160 43.00 -30.08 -2.79
CA LEU D 160 42.42 -28.78 -3.09
C LEU D 160 43.21 -28.08 -4.18
N ARG D 161 42.60 -27.07 -4.78
CA ARG D 161 43.27 -26.30 -5.81
C ARG D 161 44.53 -25.65 -5.23
N THR D 162 45.56 -25.48 -6.07
CA THR D 162 46.83 -25.00 -5.52
C THR D 162 46.75 -23.56 -5.01
N ASN D 163 45.79 -22.75 -5.50
CA ASN D 163 45.65 -21.38 -5.05
C ASN D 163 44.47 -21.17 -4.10
N VAL D 164 44.17 -22.17 -3.26
CA VAL D 164 43.27 -21.98 -2.13
C VAL D 164 43.92 -21.05 -1.10
N ASN D 165 43.14 -20.12 -0.57
CA ASN D 165 43.66 -19.24 0.48
C ASN D 165 43.54 -19.96 1.81
N LYS D 166 44.66 -20.14 2.51
CA LYS D 166 44.68 -20.94 3.72
C LYS D 166 44.90 -20.08 4.96
N TYR D 167 44.35 -20.59 6.07
CA TYR D 167 44.38 -19.92 7.36
C TYR D 167 44.66 -21.01 8.36
N CYS D 168 45.81 -20.91 9.04
CA CYS D 168 46.22 -21.95 9.98
C CYS D 168 46.06 -21.38 11.39
N VAL D 169 45.09 -21.90 12.12
CA VAL D 169 44.68 -21.38 13.41
C VAL D 169 45.31 -22.30 14.44
N TYR D 170 46.54 -21.95 14.85
CA TYR D 170 47.33 -22.77 15.75
C TYR D 170 47.20 -22.28 17.19
N MET D 171 47.04 -23.24 18.13
CA MET D 171 47.23 -23.00 19.56
C MET D 171 46.24 -21.99 20.12
N GLN D 172 45.01 -22.02 19.60
CA GLN D 172 43.92 -21.21 20.12
C GLN D 172 43.02 -21.97 21.08
N GLY D 173 43.34 -23.22 21.41
CA GLY D 173 42.68 -23.93 22.50
C GLY D 173 41.18 -24.06 22.37
N CYS D 174 40.51 -24.02 23.52
CA CYS D 174 39.12 -24.40 23.65
C CYS D 174 38.14 -23.35 23.14
N TYR D 175 38.59 -22.14 22.82
CA TYR D 175 37.69 -21.17 22.19
C TYR D 175 37.75 -21.24 20.67
N ALA D 176 38.64 -22.06 20.10
CA ALA D 176 38.99 -21.97 18.69
C ALA D 176 37.87 -22.45 17.78
N GLY D 177 36.95 -23.26 18.30
CA GLY D 177 35.75 -23.55 17.53
C GLY D 177 34.97 -22.31 17.18
N GLY D 178 34.90 -21.36 18.11
CA GLY D 178 34.30 -20.07 17.79
C GLY D 178 35.17 -19.25 16.87
N THR D 179 36.49 -19.28 17.10
CA THR D 179 37.44 -18.53 16.28
C THR D 179 37.30 -18.85 14.79
N VAL D 180 37.22 -20.14 14.44
CA VAL D 180 37.15 -20.48 13.03
C VAL D 180 35.83 -20.00 12.41
N MET D 181 34.74 -19.95 13.19
CA MET D 181 33.50 -19.37 12.65
C MET D 181 33.67 -17.89 12.38
N ARG D 182 34.37 -17.19 13.29
CA ARG D 182 34.66 -15.77 13.10
C ARG D 182 35.49 -15.54 11.84
N TYR D 183 36.52 -16.37 11.62
CA TYR D 183 37.29 -16.30 10.37
C TYR D 183 36.39 -16.54 9.17
N ALA D 184 35.63 -17.64 9.21
CA ALA D 184 34.87 -18.05 8.04
C ALA D 184 33.86 -17.00 7.62
N LYS D 185 33.28 -16.27 8.60
CA LYS D 185 32.32 -15.21 8.31
C LYS D 185 32.89 -14.18 7.33
N ASP D 186 34.03 -13.58 7.68
CA ASP D 186 34.56 -12.49 6.86
C ASP D 186 35.11 -13.01 5.54
N LEU D 187 35.65 -14.23 5.54
CA LEU D 187 36.16 -14.78 4.30
C LEU D 187 35.02 -15.02 3.33
N ALA D 188 33.93 -15.64 3.78
CA ALA D 188 32.82 -15.94 2.88
C ALA D 188 32.14 -14.66 2.40
N GLU D 189 31.91 -13.71 3.32
CA GLU D 189 31.12 -12.53 3.01
C GLU D 189 31.87 -11.52 2.17
N ASN D 190 33.21 -11.49 2.25
CA ASN D 190 33.94 -10.50 1.45
C ASN D 190 34.32 -11.00 0.06
N ASN D 191 33.94 -12.22 -0.31
CA ASN D 191 34.43 -12.80 -1.56
C ASN D 191 33.29 -13.52 -2.26
N ARG D 192 32.83 -12.93 -3.37
CA ARG D 192 31.76 -13.53 -4.16
C ARG D 192 32.16 -14.92 -4.61
N GLY D 193 31.26 -15.88 -4.39
CA GLY D 193 31.48 -17.25 -4.79
C GLY D 193 32.37 -18.04 -3.85
N ALA D 194 33.00 -17.40 -2.86
CA ALA D 194 33.88 -18.14 -1.96
C ALA D 194 33.13 -19.24 -1.21
N ARG D 195 33.78 -20.39 -1.13
CA ARG D 195 33.33 -21.50 -0.30
C ARG D 195 34.47 -21.88 0.62
N VAL D 196 34.24 -21.74 1.92
CA VAL D 196 35.27 -21.89 2.94
C VAL D 196 35.14 -23.26 3.58
N LEU D 197 36.18 -24.08 3.45
CA LEU D 197 36.27 -25.35 4.19
C LEU D 197 36.91 -25.03 5.54
N VAL D 198 36.19 -25.32 6.62
CA VAL D 198 36.68 -25.13 7.99
C VAL D 198 36.98 -26.51 8.56
N VAL D 199 38.19 -26.69 9.12
CA VAL D 199 38.56 -27.98 9.70
C VAL D 199 39.16 -27.76 11.10
N CYS D 200 38.59 -28.45 12.08
CA CYS D 200 39.13 -28.45 13.44
C CYS D 200 39.50 -29.89 13.75
N ALA D 201 40.74 -30.12 14.16
CA ALA D 201 41.21 -31.48 14.42
C ALA D 201 42.18 -31.44 15.59
N GLU D 202 42.02 -32.40 16.51
CA GLU D 202 42.82 -32.40 17.73
C GLU D 202 43.24 -33.84 18.06
N LEU D 203 44.51 -34.01 18.37
CA LEU D 203 45.08 -35.29 18.84
C LEU D 203 45.73 -34.97 20.18
N THR D 204 45.06 -35.33 21.27
CA THR D 204 45.48 -34.84 22.58
C THR D 204 46.77 -35.48 23.11
N ILE D 205 47.32 -36.48 22.42
CA ILE D 205 48.62 -37.03 22.81
C ILE D 205 49.72 -35.97 22.81
N ILE D 206 49.48 -34.81 22.19
CA ILE D 206 50.40 -33.68 22.33
C ILE D 206 50.60 -33.32 23.81
N GLY D 207 49.59 -33.57 24.66
CA GLY D 207 49.62 -33.12 26.05
C GLY D 207 49.46 -34.22 27.08
N LEU D 208 49.20 -35.46 26.64
CA LEU D 208 49.05 -36.58 27.57
C LEU D 208 50.31 -36.73 28.43
N ARG D 209 50.13 -36.91 29.74
CA ARG D 209 51.31 -37.14 30.57
C ARG D 209 50.90 -37.78 31.89
N GLY D 210 51.90 -38.32 32.59
CA GLY D 210 51.68 -38.98 33.86
C GLY D 210 51.27 -38.04 34.97
N PRO D 211 50.83 -38.59 36.11
CA PRO D 211 50.34 -37.74 37.19
C PRO D 211 51.48 -37.26 38.08
N ASN D 212 51.35 -36.03 38.55
CA ASN D 212 52.28 -35.47 39.53
C ASN D 212 51.45 -34.79 40.61
N GLU D 213 51.71 -35.15 41.87
CA GLU D 213 50.95 -34.73 43.04
C GLU D 213 51.05 -33.26 43.25
N SER D 214 52.15 -32.67 42.79
CA SER D 214 52.26 -31.21 42.82
C SER D 214 51.59 -30.58 41.62
N HIS D 215 50.96 -31.33 40.70
CA HIS D 215 50.25 -30.66 39.59
C HIS D 215 48.97 -31.44 39.27
N LEU D 216 48.00 -31.45 40.19
CA LEU D 216 46.73 -32.10 39.91
C LEU D 216 45.96 -31.42 38.80
N ASP D 217 46.04 -30.11 38.70
CA ASP D 217 45.35 -29.43 37.62
C ASP D 217 45.82 -29.98 36.28
N ASN D 218 47.13 -30.17 36.15
CA ASN D 218 47.64 -30.85 34.98
C ASN D 218 47.04 -32.25 34.86
N ALA D 219 46.93 -32.99 35.97
CA ALA D 219 46.29 -34.33 35.92
C ALA D 219 44.78 -34.28 35.62
N ILE D 220 44.04 -33.31 36.18
CA ILE D 220 42.62 -33.14 35.79
C ILE D 220 42.44 -33.03 34.28
N GLY D 221 43.39 -32.39 33.58
CA GLY D 221 43.34 -32.40 32.12
C GLY D 221 43.12 -33.77 31.49
N ASN D 222 43.76 -34.80 32.04
CA ASN D 222 43.63 -36.14 31.48
C ASN D 222 42.25 -36.75 31.72
N SER D 223 41.39 -36.12 32.52
CA SER D 223 40.03 -36.59 32.66
C SER D 223 39.07 -36.00 31.63
N LEU D 224 39.48 -34.95 30.91
CA LEU D 224 38.56 -34.19 30.06
C LEU D 224 38.78 -34.38 28.57
N PHE D 225 40.01 -34.31 28.11
CA PHE D 225 40.26 -34.08 26.68
C PHE D 225 40.26 -35.38 25.90
N GLY D 226 39.58 -35.36 24.75
CA GLY D 226 39.55 -36.49 23.84
C GLY D 226 39.78 -35.99 22.43
N ASP D 227 40.00 -36.94 21.52
CA ASP D 227 40.36 -36.62 20.14
C ASP D 227 39.13 -36.52 19.23
N GLY D 228 39.28 -35.77 18.15
CA GLY D 228 38.18 -35.69 17.23
C GLY D 228 38.44 -34.60 16.22
N ALA D 229 37.69 -34.64 15.14
CA ALA D 229 37.78 -33.64 14.08
C ALA D 229 36.39 -33.34 13.56
N ALA D 230 36.18 -32.07 13.18
CA ALA D 230 34.94 -31.66 12.56
C ALA D 230 35.24 -30.66 11.45
N ALA D 231 34.36 -30.62 10.44
CA ALA D 231 34.58 -29.76 9.30
C ALA D 231 33.25 -29.14 8.86
N LEU D 232 33.34 -27.92 8.34
CA LEU D 232 32.18 -27.21 7.82
C LEU D 232 32.48 -26.78 6.41
N ILE D 233 31.42 -26.56 5.63
CA ILE D 233 31.46 -25.69 4.46
C ILE D 233 30.65 -24.45 4.82
N VAL D 234 31.26 -23.27 4.67
CA VAL D 234 30.64 -21.98 4.98
C VAL D 234 30.70 -21.15 3.71
N GLY D 235 29.60 -20.49 3.38
CA GLY D 235 29.57 -19.65 2.19
C GLY D 235 28.41 -18.69 2.22
N SER D 236 28.60 -17.57 1.53
CA SER D 236 27.50 -16.65 1.29
C SER D 236 26.82 -16.98 -0.03
N ASP D 237 25.59 -16.53 -0.15
CA ASP D 237 24.80 -16.65 -1.37
C ASP D 237 24.65 -18.10 -1.78
N PRO D 238 23.94 -18.91 -0.99
CA PRO D 238 23.79 -20.34 -1.30
C PRO D 238 23.04 -20.53 -2.60
N ILE D 239 23.38 -21.62 -3.29
CA ILE D 239 22.69 -21.93 -4.54
C ILE D 239 21.38 -22.62 -4.20
N ILE D 240 20.26 -21.99 -4.54
CA ILE D 240 18.99 -22.54 -4.11
C ILE D 240 18.69 -23.80 -4.92
N GLY D 241 18.18 -24.81 -4.21
CA GLY D 241 17.99 -26.14 -4.74
C GLY D 241 19.19 -27.04 -4.70
N VAL D 242 20.39 -26.50 -4.50
CA VAL D 242 21.61 -27.28 -4.57
C VAL D 242 22.25 -27.37 -3.19
N GLU D 243 22.53 -26.23 -2.59
CA GLU D 243 23.20 -26.17 -1.31
C GLU D 243 22.16 -26.09 -0.20
N LYS D 244 22.58 -26.46 1.01
CA LYS D 244 21.70 -26.61 2.16
C LYS D 244 22.02 -25.57 3.25
N PRO D 245 21.50 -24.35 3.17
CA PRO D 245 21.84 -23.34 4.19
C PRO D 245 21.15 -23.64 5.51
N MET D 246 21.93 -23.66 6.60
CA MET D 246 21.44 -24.04 7.91
C MET D 246 21.59 -22.95 8.95
N PHE D 247 22.77 -22.33 9.06
CA PHE D 247 23.01 -21.31 10.08
C PHE D 247 23.74 -20.15 9.44
N GLU D 248 23.21 -18.93 9.65
CA GLU D 248 23.85 -17.71 9.17
C GLU D 248 24.67 -17.11 10.30
N ILE D 249 25.93 -16.76 10.00
CA ILE D 249 26.84 -16.22 11.01
C ILE D 249 26.70 -14.70 10.96
N VAL D 250 25.85 -14.17 11.85
CA VAL D 250 25.43 -12.77 11.78
C VAL D 250 26.46 -11.85 12.44
N CYS D 251 27.04 -12.27 13.56
CA CYS D 251 27.98 -11.43 14.28
C CYS D 251 28.95 -12.35 15.02
N ALA D 252 30.22 -11.96 15.06
CA ALA D 252 31.25 -12.81 15.68
C ALA D 252 32.27 -11.92 16.38
N LYS D 253 32.39 -12.07 17.70
CA LYS D 253 33.25 -11.18 18.48
C LYS D 253 34.01 -11.96 19.53
N GLN D 254 35.29 -11.63 19.69
CA GLN D 254 36.17 -12.23 20.67
C GLN D 254 36.37 -11.24 21.81
N THR D 255 36.38 -11.75 23.04
CA THR D 255 36.48 -10.92 24.25
C THR D 255 37.49 -11.54 25.19
N VAL D 256 38.36 -10.71 25.77
CA VAL D 256 39.26 -11.12 26.84
C VAL D 256 38.70 -10.64 28.17
N ILE D 257 38.69 -11.53 29.16
CA ILE D 257 38.24 -11.18 30.50
C ILE D 257 39.46 -10.71 31.28
N PRO D 258 39.48 -9.46 31.76
CA PRO D 258 40.64 -8.96 32.50
C PRO D 258 40.92 -9.78 33.76
N ASN D 259 42.20 -9.77 34.16
CA ASN D 259 42.67 -10.35 35.42
C ASN D 259 42.31 -11.83 35.55
N SER D 260 42.42 -12.58 34.45
CA SER D 260 42.14 -14.01 34.52
C SER D 260 43.18 -14.83 33.76
N GLU D 261 44.39 -14.29 33.58
CA GLU D 261 45.38 -14.95 32.74
C GLU D 261 45.85 -16.26 33.35
N ASP D 262 45.83 -16.37 34.67
CA ASP D 262 46.28 -17.59 35.33
C ASP D 262 45.20 -18.67 35.43
N VAL D 263 43.99 -18.44 34.90
CA VAL D 263 42.91 -19.42 35.05
C VAL D 263 43.15 -20.66 34.19
N ILE D 264 43.59 -20.47 32.95
CA ILE D 264 43.96 -21.58 32.05
C ILE D 264 45.14 -21.13 31.21
N HIS D 265 46.20 -21.95 31.18
CA HIS D 265 47.33 -21.65 30.32
C HIS D 265 48.03 -22.95 29.91
N LEU D 266 48.60 -22.96 28.72
CA LEU D 266 49.27 -24.14 28.20
C LEU D 266 50.57 -23.70 27.54
N HIS D 267 51.64 -24.45 27.80
CA HIS D 267 52.96 -24.07 27.31
C HIS D 267 53.55 -25.20 26.49
N MET D 268 54.16 -24.85 25.36
CA MET D 268 54.82 -25.84 24.51
C MET D 268 56.25 -25.96 25.02
N ARG D 269 56.59 -27.13 25.58
CA ARG D 269 57.88 -27.33 26.23
C ARG D 269 58.55 -28.58 25.66
N GLU D 270 59.77 -28.86 26.15
CA GLU D 270 60.47 -30.05 25.70
C GLU D 270 59.72 -31.32 26.07
N ALA D 271 58.81 -31.24 27.07
CA ALA D 271 57.98 -32.37 27.46
C ALA D 271 56.62 -32.34 26.77
N GLY D 272 56.48 -31.56 25.70
CA GLY D 272 55.21 -31.47 25.02
C GLY D 272 54.40 -30.30 25.55
N LEU D 273 53.10 -30.35 25.27
CA LEU D 273 52.20 -29.28 25.69
C LEU D 273 51.75 -29.51 27.13
N MET D 274 52.04 -28.55 28.01
CA MET D 274 51.76 -28.64 29.44
C MET D 274 50.52 -27.84 29.80
N PHE D 275 49.48 -28.52 30.28
CA PHE D 275 48.19 -27.90 30.61
C PHE D 275 48.13 -27.52 32.08
N TYR D 276 47.66 -26.30 32.37
CA TYR D 276 47.47 -25.84 33.75
C TYR D 276 46.17 -25.07 33.87
N MET D 277 45.53 -25.20 35.03
CA MET D 277 44.32 -24.42 35.23
C MET D 277 44.04 -24.28 36.72
N SER D 278 43.53 -23.12 37.11
CA SER D 278 43.03 -22.91 38.45
C SER D 278 41.62 -23.49 38.56
N LYS D 279 41.00 -23.31 39.72
CA LYS D 279 39.65 -23.77 39.93
C LYS D 279 38.61 -22.73 39.53
N ASP D 280 39.02 -21.56 39.04
CA ASP D 280 38.13 -20.42 38.88
C ASP D 280 37.47 -20.32 37.52
N SER D 281 37.65 -21.30 36.63
CA SER D 281 37.10 -21.11 35.29
C SER D 281 35.57 -21.07 35.26
N PRO D 282 34.85 -21.91 36.03
CA PRO D 282 33.38 -21.81 35.99
C PRO D 282 32.85 -20.46 36.43
N GLU D 283 33.40 -19.86 37.49
CA GLU D 283 32.87 -18.58 37.94
C GLU D 283 33.35 -17.42 37.06
N THR D 284 34.57 -17.49 36.54
CA THR D 284 35.06 -16.43 35.67
C THR D 284 34.21 -16.33 34.40
N ILE D 285 33.85 -17.47 33.82
CA ILE D 285 33.06 -17.47 32.59
C ILE D 285 31.64 -17.02 32.88
N SER D 286 31.02 -17.58 33.93
CA SER D 286 29.61 -17.27 34.20
C SER D 286 29.43 -15.81 34.59
N ASN D 287 30.40 -15.20 35.28
CA ASN D 287 30.29 -13.79 35.68
C ASN D 287 30.49 -12.83 34.52
N ASN D 288 30.95 -13.31 33.37
CA ASN D 288 31.27 -12.45 32.25
C ASN D 288 30.50 -12.78 30.98
N VAL D 289 29.78 -13.90 30.94
CA VAL D 289 29.14 -14.33 29.70
C VAL D 289 28.02 -13.37 29.31
N GLU D 290 27.28 -12.81 30.28
CA GLU D 290 26.16 -11.94 29.94
C GLU D 290 26.63 -10.72 29.14
N ALA D 291 27.70 -10.08 29.60
CA ALA D 291 28.23 -8.92 28.90
C ALA D 291 28.60 -9.26 27.46
N CYS D 292 29.19 -10.45 27.25
CA CYS D 292 29.56 -10.88 25.91
C CYS D 292 28.33 -11.05 25.03
N LEU D 293 27.26 -11.60 25.61
CA LEU D 293 26.02 -11.79 24.86
C LEU D 293 25.36 -10.47 24.52
N VAL D 294 25.29 -9.54 25.49
CA VAL D 294 24.76 -8.20 25.22
C VAL D 294 25.54 -7.54 24.09
N ASP D 295 26.88 -7.63 24.15
CA ASP D 295 27.76 -7.04 23.16
C ASP D 295 27.43 -7.52 21.75
N VAL D 296 27.23 -8.83 21.59
CA VAL D 296 27.08 -9.35 20.23
C VAL D 296 25.73 -8.90 19.65
N PHE D 297 24.69 -8.79 20.50
CA PHE D 297 23.41 -8.28 20.02
C PHE D 297 23.46 -6.80 19.69
N LYS D 298 23.98 -5.99 20.61
CA LYS D 298 24.01 -4.56 20.36
C LYS D 298 24.92 -4.20 19.17
N SER D 299 25.93 -5.02 18.90
CA SER D 299 26.82 -4.74 17.77
C SER D 299 26.14 -4.85 16.42
N VAL D 300 25.00 -5.52 16.32
CA VAL D 300 24.22 -5.52 15.09
C VAL D 300 22.88 -4.81 15.28
N GLY D 301 22.78 -3.96 16.30
CA GLY D 301 21.59 -3.14 16.50
C GLY D 301 20.38 -3.86 17.03
N MET D 302 20.58 -5.00 17.68
CA MET D 302 19.48 -5.80 18.18
C MET D 302 19.42 -5.68 19.69
N THR D 303 18.20 -5.75 20.23
CA THR D 303 18.10 -5.77 21.68
C THR D 303 18.14 -7.22 22.16
N PRO D 304 18.91 -7.55 23.20
CA PRO D 304 18.95 -8.93 23.67
C PRO D 304 17.60 -9.35 24.20
N PRO D 305 17.27 -10.65 24.12
CA PRO D 305 15.97 -11.10 24.61
C PRO D 305 15.89 -10.99 26.13
N GLU D 306 14.69 -10.72 26.61
CA GLU D 306 14.48 -10.65 28.05
C GLU D 306 14.63 -12.03 28.69
N ASP D 307 14.32 -13.08 27.95
CA ASP D 307 14.45 -14.45 28.42
C ASP D 307 15.47 -15.15 27.54
N TRP D 308 16.60 -15.57 28.13
CA TRP D 308 17.63 -16.24 27.37
C TRP D 308 17.16 -17.58 26.83
N ASN D 309 16.06 -18.12 27.36
CA ASN D 309 15.49 -19.34 26.81
C ASN D 309 14.92 -19.15 25.40
N SER D 310 14.76 -17.91 24.94
CA SER D 310 14.28 -17.62 23.58
C SER D 310 15.28 -18.01 22.50
N LEU D 311 16.53 -18.26 22.85
CA LEU D 311 17.59 -18.61 21.91
C LEU D 311 17.94 -20.08 21.99
N PHE D 312 18.55 -20.61 20.92
CA PHE D 312 19.21 -21.90 21.02
C PHE D 312 20.71 -21.68 21.32
N TRP D 313 21.38 -22.72 21.85
CA TRP D 313 22.67 -22.53 22.53
C TRP D 313 23.68 -23.60 22.13
N ILE D 314 24.88 -23.21 21.75
CA ILE D 314 25.98 -24.17 21.55
C ILE D 314 27.11 -23.66 22.43
N PRO D 315 27.07 -23.81 23.76
CA PRO D 315 28.26 -23.42 24.55
C PRO D 315 29.31 -24.51 24.48
N HIS D 316 30.56 -24.11 24.48
CA HIS D 316 31.65 -25.10 24.55
C HIS D 316 31.61 -25.83 25.90
N PRO D 317 31.62 -27.18 25.92
CA PRO D 317 31.57 -27.94 27.19
C PRO D 317 32.94 -28.13 27.82
N GLY D 318 33.59 -27.02 28.20
CA GLY D 318 34.94 -27.12 28.73
C GLY D 318 34.98 -27.92 30.01
N GLY D 319 33.88 -27.92 30.75
CA GLY D 319 33.75 -28.72 31.94
C GLY D 319 32.28 -28.73 32.30
N ARG D 320 31.85 -29.80 32.97
CA ARG D 320 30.45 -29.82 33.35
C ARG D 320 30.12 -28.67 34.32
N ALA D 321 31.10 -28.25 35.12
CA ALA D 321 30.88 -27.14 36.05
C ALA D 321 30.65 -25.82 35.30
N ILE D 322 31.37 -25.61 34.20
CA ILE D 322 31.16 -24.41 33.39
C ILE D 322 29.73 -24.37 32.87
N LEU D 323 29.27 -25.49 32.28
CA LEU D 323 27.89 -25.55 31.77
C LEU D 323 26.87 -25.29 32.88
N ASP D 324 27.03 -25.94 34.03
CA ASP D 324 26.05 -25.76 35.10
C ASP D 324 25.94 -24.30 35.52
N GLN D 325 27.08 -23.63 35.70
CA GLN D 325 27.07 -22.26 36.20
C GLN D 325 26.59 -21.27 35.15
N VAL D 326 26.94 -21.48 33.88
CA VAL D 326 26.39 -20.62 32.83
C VAL D 326 24.89 -20.82 32.72
N GLU D 327 24.43 -22.09 32.76
CA GLU D 327 23.01 -22.39 32.77
C GLU D 327 22.29 -21.64 33.88
N ALA D 328 22.84 -21.69 35.11
CA ALA D 328 22.22 -20.99 36.23
C ALA D 328 22.21 -19.48 36.01
N LYS D 329 23.36 -18.91 35.63
CA LYS D 329 23.47 -17.45 35.47
C LYS D 329 22.45 -16.92 34.47
N LEU D 330 22.25 -17.62 33.36
CA LEU D 330 21.33 -17.20 32.31
C LEU D 330 19.90 -17.63 32.58
N LYS D 331 19.65 -18.32 33.69
CA LYS D 331 18.31 -18.77 34.08
C LYS D 331 17.69 -19.67 33.01
N LEU D 332 18.52 -20.52 32.41
CA LEU D 332 18.09 -21.41 31.35
C LEU D 332 17.47 -22.68 31.92
N ARG D 333 16.46 -23.18 31.23
CA ARG D 333 15.87 -24.46 31.60
C ARG D 333 16.87 -25.59 31.32
N PRO D 334 16.72 -26.72 32.02
CA PRO D 334 17.70 -27.80 31.87
C PRO D 334 17.82 -28.37 30.46
N GLU D 335 16.79 -28.27 29.62
CA GLU D 335 16.84 -28.84 28.29
C GLU D 335 17.67 -28.00 27.30
N LYS D 336 18.00 -26.75 27.65
CA LYS D 336 18.58 -25.85 26.66
C LYS D 336 19.96 -26.30 26.21
N PHE D 337 20.73 -26.91 27.10
CA PHE D 337 22.07 -27.41 26.77
C PHE D 337 22.07 -28.90 26.46
N ARG D 338 20.92 -29.47 26.07
CA ARG D 338 20.86 -30.89 25.76
C ARG D 338 21.90 -31.29 24.73
N ALA D 339 21.96 -30.56 23.60
CA ALA D 339 22.86 -30.95 22.53
C ALA D 339 24.32 -30.92 22.98
N THR D 340 24.71 -29.91 23.75
CA THR D 340 26.07 -29.81 24.26
C THR D 340 26.40 -30.98 25.21
N ARG D 341 25.48 -31.28 26.13
CA ARG D 341 25.75 -32.34 27.10
C ARG D 341 25.78 -33.71 26.42
N THR D 342 25.04 -33.88 25.32
CA THR D 342 25.07 -35.13 24.58
C THR D 342 26.45 -35.38 23.97
N VAL D 343 27.02 -34.34 23.34
CA VAL D 343 28.34 -34.49 22.74
C VAL D 343 29.39 -34.72 23.83
N LEU D 344 29.28 -33.99 24.95
CA LEU D 344 30.25 -34.17 26.03
C LEU D 344 30.21 -35.60 26.56
N TRP D 345 29.01 -36.15 26.72
CA TRP D 345 28.86 -37.54 27.14
C TRP D 345 29.47 -38.49 26.11
N ASP D 346 29.20 -38.27 24.82
CA ASP D 346 29.63 -39.23 23.82
C ASP D 346 31.10 -39.13 23.48
N CYS D 347 31.74 -37.97 23.71
CA CYS D 347 33.05 -37.65 23.15
C CYS D 347 34.04 -37.02 24.11
N GLY D 348 33.61 -36.48 25.25
CA GLY D 348 34.52 -35.68 26.03
C GLY D 348 34.79 -34.35 25.36
N ASN D 349 35.82 -33.68 25.87
CA ASN D 349 36.18 -32.33 25.45
C ASN D 349 37.19 -32.45 24.32
N MET D 350 36.72 -32.27 23.09
CA MET D 350 37.56 -32.36 21.91
C MET D 350 38.14 -31.02 21.52
N VAL D 351 38.32 -30.12 22.49
CA VAL D 351 38.90 -28.80 22.31
C VAL D 351 38.11 -28.09 21.21
N SER D 352 38.77 -27.67 20.12
CA SER D 352 38.08 -26.84 19.15
C SER D 352 36.92 -27.55 18.44
N ALA D 353 36.93 -28.87 18.38
CA ALA D 353 35.93 -29.58 17.59
C ALA D 353 34.56 -29.63 18.23
N CYS D 354 34.49 -29.42 19.56
CA CYS D 354 33.25 -29.67 20.31
C CYS D 354 32.07 -28.91 19.74
N VAL D 355 32.20 -27.59 19.62
CA VAL D 355 31.04 -26.79 19.24
C VAL D 355 30.58 -27.14 17.84
N LEU D 356 31.48 -27.60 16.97
CA LEU D 356 31.05 -28.01 15.64
C LEU D 356 30.29 -29.34 15.70
N TYR D 357 30.75 -30.29 16.54
CA TYR D 357 29.99 -31.50 16.80
C TYR D 357 28.61 -31.17 17.36
N ILE D 358 28.53 -30.18 18.24
CA ILE D 358 27.25 -29.85 18.85
C ILE D 358 26.33 -29.20 17.82
N LEU D 359 26.88 -28.32 16.97
CA LEU D 359 26.06 -27.79 15.89
C LEU D 359 25.50 -28.92 15.05
N ASP D 360 26.34 -29.93 14.78
CA ASP D 360 25.91 -31.10 14.00
C ASP D 360 24.82 -31.87 14.73
N GLU D 361 25.02 -32.13 16.02
CA GLU D 361 24.02 -32.81 16.83
C GLU D 361 22.69 -32.04 16.83
N MET D 362 22.76 -30.72 17.02
CA MET D 362 21.54 -29.91 17.08
C MET D 362 20.78 -29.93 15.75
N ARG D 363 21.48 -29.72 14.63
CA ARG D 363 20.75 -29.67 13.36
C ARG D 363 20.24 -31.04 12.97
N ARG D 364 20.94 -32.12 13.36
CA ARG D 364 20.46 -33.45 13.02
C ARG D 364 19.21 -33.82 13.81
N LYS D 365 19.21 -33.63 15.12
CA LYS D 365 18.02 -33.92 15.88
C LYS D 365 16.86 -33.01 15.48
N SER D 366 17.15 -31.75 15.18
CA SER D 366 16.09 -30.83 14.75
C SER D 366 15.42 -31.32 13.47
N ALA D 367 16.17 -31.94 12.58
CA ALA D 367 15.52 -32.57 11.43
C ALA D 367 14.80 -33.86 11.85
N ASP D 368 15.43 -34.68 12.69
CA ASP D 368 14.77 -35.89 13.20
C ASP D 368 13.42 -35.55 13.85
N GLU D 369 13.35 -34.45 14.60
CA GLU D 369 12.13 -34.06 15.27
C GLU D 369 11.21 -33.25 14.35
N GLY D 370 11.57 -33.09 13.08
CA GLY D 370 10.81 -32.27 12.14
C GLY D 370 10.50 -30.85 12.62
N LEU D 371 11.49 -30.17 13.19
CA LEU D 371 11.25 -28.85 13.77
C LEU D 371 11.27 -27.77 12.69
N GLU D 372 10.89 -26.55 13.10
CA GLU D 372 10.73 -25.47 12.13
C GLU D 372 12.05 -24.90 11.63
N THR D 373 13.13 -25.02 12.40
CA THR D 373 14.44 -24.54 11.98
C THR D 373 15.48 -25.55 12.42
N TYR D 374 16.70 -25.43 11.87
CA TYR D 374 17.81 -26.27 12.30
C TYR D 374 18.25 -25.96 13.72
N GLY D 375 17.92 -24.77 14.23
CA GLY D 375 18.25 -24.40 15.58
C GLY D 375 17.15 -24.71 16.58
N GLU D 376 16.76 -25.98 16.66
CA GLU D 376 15.74 -26.46 17.60
C GLU D 376 14.41 -25.73 17.42
N GLY D 377 14.12 -25.34 16.18
CA GLY D 377 12.91 -24.61 15.85
C GLY D 377 12.91 -23.15 16.23
N LEU D 378 14.01 -22.64 16.78
CA LEU D 378 14.13 -21.24 17.15
C LEU D 378 14.92 -20.48 16.10
N GLU D 379 14.73 -19.16 16.10
CA GLU D 379 15.30 -18.35 15.03
C GLU D 379 16.74 -17.93 15.32
N TRP D 380 17.02 -17.48 16.54
CA TRP D 380 18.30 -16.92 16.91
C TRP D 380 18.98 -17.78 17.96
N GLY D 381 20.31 -17.83 17.88
CA GLY D 381 21.08 -18.65 18.80
C GLY D 381 22.49 -18.11 18.94
N VAL D 382 23.22 -18.65 19.89
CA VAL D 382 24.58 -18.21 20.16
C VAL D 382 25.47 -19.43 20.33
N LEU D 383 26.62 -19.41 19.67
CA LEU D 383 27.66 -20.41 19.86
C LEU D 383 28.80 -19.75 20.63
N LEU D 384 29.29 -20.42 21.68
CA LEU D 384 30.27 -19.84 22.59
C LEU D 384 31.48 -20.75 22.72
N GLY D 385 32.67 -20.17 22.52
CA GLY D 385 33.93 -20.82 22.84
C GLY D 385 34.53 -20.16 24.06
N PHE D 386 35.15 -20.97 24.92
CA PHE D 386 35.82 -20.48 26.12
C PHE D 386 37.20 -21.10 26.18
N GLY D 387 38.22 -20.30 26.51
CA GLY D 387 39.54 -20.86 26.67
C GLY D 387 40.55 -19.91 27.28
N PRO D 388 41.83 -20.17 27.04
CA PRO D 388 42.90 -19.41 27.70
C PRO D 388 42.82 -17.90 27.46
N GLY D 389 43.12 -17.14 28.51
CA GLY D 389 43.04 -15.69 28.46
C GLY D 389 42.67 -15.01 29.77
N MET D 390 41.47 -15.25 30.30
CA MET D 390 40.46 -16.06 29.63
C MET D 390 39.85 -15.32 28.43
N THR D 391 39.47 -16.10 27.44
CA THR D 391 38.96 -15.61 26.16
C THR D 391 37.60 -16.25 25.92
N VAL D 392 36.65 -15.45 25.45
CA VAL D 392 35.33 -15.90 25.02
C VAL D 392 35.18 -15.57 23.54
N GLU D 393 34.73 -16.55 22.75
CA GLU D 393 34.30 -16.28 21.37
C GLU D 393 32.79 -16.36 21.35
N THR D 394 32.13 -15.31 20.90
CA THR D 394 30.67 -15.23 20.92
C THR D 394 30.18 -15.12 19.48
N ILE D 395 29.42 -16.12 19.02
CA ILE D 395 28.97 -16.17 17.63
C ILE D 395 27.44 -16.13 17.60
N LEU D 396 26.89 -15.05 17.04
CA LEU D 396 25.44 -14.87 16.93
C LEU D 396 24.96 -15.52 15.64
N LEU D 397 24.08 -16.51 15.77
CA LEU D 397 23.62 -17.31 14.64
C LEU D 397 22.13 -17.07 14.41
N HIS D 398 21.74 -17.05 13.13
CA HIS D 398 20.34 -17.10 12.73
C HIS D 398 20.14 -18.42 11.97
N SER D 399 19.29 -19.30 12.51
CA SER D 399 19.09 -20.59 11.85
C SER D 399 17.96 -20.50 10.82
N LEU D 400 18.00 -21.40 9.86
CA LEU D 400 17.13 -21.31 8.70
C LEU D 400 16.08 -22.42 8.72
N PRO D 401 15.00 -22.25 7.95
CA PRO D 401 13.97 -23.30 7.89
C PRO D 401 14.53 -24.63 7.41
N LEU D 402 13.93 -25.69 7.93
CA LEU D 402 14.40 -27.05 7.81
C LEU D 402 14.01 -27.71 6.48
#